data_8J6T
#
_entry.id   8J6T
#
_cell.length_a   1.00
_cell.length_b   1.00
_cell.length_c   1.00
_cell.angle_alpha   90.00
_cell.angle_beta   90.00
_cell.angle_gamma   90.00
#
_symmetry.space_group_name_H-M   'P 1'
#
loop_
_entity.id
_entity.type
_entity.pdbx_description
1 polymer 'Histone H3.1'
2 polymer 'Histone H4'
3 polymer 'Widom 601 DNA (147-MER)'
4 polymer 'Widom 601 DNA (147-MER)'
5 polymer 'Chromatin assembly factor 1 subunit A'
6 polymer 'Chromatin assembly factor 1 subunit B'
#
loop_
_entity_poly.entity_id
_entity_poly.type
_entity_poly.pdbx_seq_one_letter_code
_entity_poly.pdbx_strand_id
1 'polypeptide(L)'
;MARTKQTARKSTGGKAPRKQLATKAARKSAPATGGVKKPHRYRPGTVALREIRRYQKSTELLIRKLPFQRLVREIAQDFK
TDLRFQSSAVMALQEACEAYLVGLFEDTNLCAIHAKRVTIMPKDIQLARRIRGERA
;
G,E,C,A
2 'polypeptide(L)'
;MSGRGKGGKGLGKGGAKRHRKVLRDNIQGITKPAIRRLARRGGVKRISGLIYEETRGVLKVFLENVIRDAVTYTEHAKRK
TVTAMDVVYALKRQGRTLYGFGG
;
H,F,D,B
3 'polydeoxyribonucleotide'
;(DC)(DT)(DG)(DG)(DA)(DG)(DA)(DA)(DT)(DC)(DC)(DC)(DG)(DG)(DT)(DG)(DC)(DC)(DG)(DA)
(DG)(DG)(DC)(DC)(DG)(DC)(DT)(DC)(DA)(DA)(DT)(DT)(DG)(DG)(DT)(DC)(DG)(DT)(DA)(DG)
(DA)(DC)(DA)(DG)(DC)(DT)(DC)(DT)(DA)(DG)(DC)(DA)(DC)(DC)(DG)(DC)(DT)(DT)(DA)(DA)
(DA)(DC)(DG)(DC)(DA)(DC)(DG)(DT)(DA)(DC)(DG)(DC)(DG)(DC)(DT)(DG)(DT)(DC)(DC)(DC)
(DC)(DC)(DG)(DC)(DG)(DT)(DT)(DT)(DT)(DA)(DA)(DC)(DC)(DG)(DC)(DC)(DA)(DA)(DG)(DG)
(DG)(DG)(DA)(DT)(DT)(DA)(DC)(DT)(DC)(DC)(DC)(DT)(DA)(DG)(DT)(DC)(DT)(DC)(DC)(DA)
(DG)(DG)(DC)(DA)(DC)(DG)(DT)(DG)(DT)(DC)(DA)(DC)(DA)(DT)(DA)(DT)(DA)(DT)(DA)(DC)
(DA)(DT)(DC)(DC)(DT)(DG)(DT)
;
I
4 'polydeoxyribonucleotide'
;(DA)(DC)(DA)(DG)(DG)(DA)(DT)(DG)(DT)(DA)(DT)(DA)(DT)(DA)(DT)(DG)(DT)(DG)(DA)(DC)
(DA)(DC)(DG)(DT)(DG)(DC)(DC)(DT)(DG)(DG)(DA)(DG)(DA)(DC)(DT)(DA)(DG)(DG)(DG)(DA)
(DG)(DT)(DA)(DA)(DT)(DC)(DC)(DC)(DC)(DT)(DT)(DG)(DG)(DC)(DG)(DG)(DT)(DT)(DA)(DA)
(DA)(DA)(DC)(DG)(DC)(DG)(DG)(DG)(DG)(DG)(DA)(DC)(DA)(DG)(DC)(DG)(DC)(DG)(DT)(DA)
(DC)(DG)(DT)(DG)(DC)(DG)(DT)(DT)(DT)(DA)(DA)(DG)(DC)(DG)(DG)(DT)(DG)(DC)(DT)(DA)
(DG)(DA)(DG)(DC)(DT)(DG)(DT)(DC)(DT)(DA)(DC)(DG)(DA)(DC)(DC)(DA)(DA)(DT)(DT)(DG)
(DA)(DG)(DC)(DG)(DG)(DC)(DC)(DT)(DC)(DG)(DG)(DC)(DA)(DC)(DC)(DG)(DG)(DG)(DA)(DT)
(DT)(DC)(DT)(DC)(DC)(DA)(DG)
;
J
5 'polypeptide(L)'
;MLEELECGAPGARGAATAMDCKDRPAFPVKKLIQARLPFKRLNLVPKGKADDMSDDQGTSVQSKSPDLEASLDTLENNCH
VGSDIDFRPKLVNGKGPLDNFLRNRIETSIGQSTVIIDLTEDSNEQPDSLVDHNKLNSEASPSREAINGQREDTGDQQGL
LKAIQNDKLAFPGETLSDIPCKTEEEGVGCGGAGRRGDSQECSPRSCPELTSGPRMCPRKEQDSWSEAGGILFKGKVPMV
VLQDILAVRPPQIKSLPATPQGKNMTPESEVLESFPEEDSVLSHSSLSSPSSTSSPEGPPAPPKQHSSTSPFPTSTPLRR
ITKKFVKGSTEKNKLRLQRDQERLGKQLKLRAEREEKEKLKEEAKRAKEEAKKKKEEEKELKEKERREKREKDEKEKAEK
QRLKEERRKERQEALEAKLEEKRKKEEEKRLREEEKRIKAEKAEITRFFQKPKTPQAPKTLAGSCGKFAPFEIKEHMVLA
PRRRTAFHPDLCSQLDQLLQQQSGEFSFLKDLKGRQPLRSGPTHVSTRNADIFNSDVVIVERGKGDGVPERRKFGRMKLL
QFCENHRPAYWGTWNKKTALIRARDPWAQDTKLLDYEVDSDEEWEEEEPGESLSHSEGDDDDDMGEDEDEDDGFFVPHGY
LSEDEGVTEECADPENHKVRQKLKAKEWDEFLAKGKRFRVLQPVKIGCVWAADRDCAGDDLKVLQQFAACFLETLPAQEE
QTPKASKRERRDEQILAQLLPLLHGNVNGSKVIIREFQEHCRRGLLSNHTGSPRSPSTTYLHTPTPSEDAAIPSKSRLKR
LISENSVYEKRPDFRMCWYVHPQVLQSFQQEHLPVPCQWSYVTSVPSAPKEDSGSVPSTGPSQGTPISLKRKSAGSMCIT
QFMKKRRHDGQIGAEDMDGFQADTEEEEEEEGDCMIVDVPDAAEVQAPCGAASGAGGGVGVDTGKATLTASPLGAS
;
K,M
6 'polypeptide(L)'
;MKVITCEIAWHNKEPVYSLDFQHGTAGRIHRLASAGVDTNVRIWKVEKGPDGKAIVEFLSNLARHTKAVNVVRFSPTGEI
LASGGDDAVILLWKVNDNKEPEQIAFQDEDEAQLNKENWTVVKTLRGHLEDVYDICWATDGNLMASASVDNTAIIWDVSK
GQKISIFNEHKSYVQGVTWDPLGQYVATLSCDRVLRVYSIQKKRVAFNVSKMLSGIGAEGEARSYRMFHDDSMKSFFRRL
SFTPDGSLLLTPAGCVESGENVMNTTYVFSRKNLKRPIAHLPCPGKATLAVRCCPVYFELRPVVETGVELMSLPYRLVFA
VASEDSVLLYDTQQSFPFGYVSNIHYHTLSDISWSSDGAFLAISSTDGYCSFVTFEKDELGIPLKEKPVLNMRTPDTAKK
TKSQTHRGSSPGPRPVEGTPASRTQDPSSPGTTPPQARQAPAPTVIRDPPSITPAVKSPLPGPSEEKTLQPSSQNTKAHP
SRRVTLNTLQAWSKTTPRRINLTPLKTDTPPSSVPTSVISTPSTEEIQSETPGDAQGSPPELKRPRLDENKGGTESLDP
;
L,N
#
# COMPACT_ATOMS: atom_id res chain seq x y z
N GLU A 60 26.15 28.54 -10.53
CA GLU A 60 24.86 29.20 -10.39
C GLU A 60 24.36 29.06 -8.96
N LEU A 61 24.97 29.81 -8.04
CA LEU A 61 24.61 29.78 -6.63
C LEU A 61 24.70 31.17 -6.04
N LEU A 62 23.88 31.43 -5.03
CA LEU A 62 23.87 32.72 -4.36
C LEU A 62 24.11 32.62 -2.86
N ILE A 63 23.71 31.53 -2.23
CA ILE A 63 24.02 31.35 -0.82
C ILE A 63 25.54 31.30 -0.65
N ARG A 64 26.03 32.03 0.36
CA ARG A 64 27.47 32.17 0.53
C ARG A 64 28.07 30.81 0.82
N LYS A 65 28.92 30.33 -0.08
CA LYS A 65 29.21 28.89 -0.16
C LYS A 65 29.94 28.38 1.08
N LEU A 66 30.88 29.14 1.62
CA LEU A 66 31.61 28.64 2.77
C LEU A 66 30.80 28.73 4.07
N PRO A 67 29.96 29.75 4.27
CA PRO A 67 28.97 29.65 5.35
C PRO A 67 28.08 28.41 5.24
N PHE A 68 27.68 28.05 4.01
CA PHE A 68 26.94 26.80 3.83
C PHE A 68 27.79 25.59 4.23
N GLN A 69 29.06 25.60 3.82
CA GLN A 69 29.95 24.49 4.17
C GLN A 69 30.10 24.38 5.68
N ARG A 70 30.27 25.51 6.36
CA ARG A 70 30.41 25.48 7.82
C ARG A 70 29.12 25.04 8.48
N LEU A 71 27.97 25.43 7.92
CA LEU A 71 26.69 24.98 8.46
C LEU A 71 26.55 23.47 8.38
N VAL A 72 26.79 22.92 7.18
CA VAL A 72 26.61 21.48 7.00
C VAL A 72 27.66 20.71 7.79
N ARG A 73 28.89 21.25 7.89
CA ARG A 73 29.91 20.61 8.70
C ARG A 73 29.52 20.59 10.17
N GLU A 74 29.04 21.73 10.69
CA GLU A 74 28.68 21.79 12.10
C GLU A 74 27.51 20.87 12.40
N ILE A 75 26.58 20.73 11.46
CA ILE A 75 25.57 19.70 11.57
C ILE A 75 26.19 18.31 11.60
N ALA A 76 27.22 18.07 10.79
CA ALA A 76 27.83 16.74 10.74
C ALA A 76 28.45 16.37 12.09
N GLN A 77 29.29 17.25 12.64
CA GLN A 77 29.87 16.92 13.95
C GLN A 77 28.88 17.02 15.11
N ASP A 78 27.66 17.51 14.88
CA ASP A 78 26.63 17.35 15.91
C ASP A 78 26.22 15.90 16.08
N PHE A 79 26.31 15.10 15.01
CA PHE A 79 25.97 13.68 15.08
C PHE A 79 27.22 12.80 15.15
N LYS A 80 28.11 12.91 14.17
CA LYS A 80 29.35 12.15 14.13
C LYS A 80 30.52 13.10 13.96
N THR A 81 31.52 12.97 14.83
CA THR A 81 32.66 13.87 14.84
C THR A 81 33.65 13.52 13.72
N ASP A 82 34.38 14.54 13.28
CA ASP A 82 35.46 14.40 12.31
C ASP A 82 34.99 13.76 11.01
N LEU A 83 34.08 14.45 10.34
CA LEU A 83 33.61 14.06 9.01
C LEU A 83 34.22 15.00 7.98
N ARG A 84 35.05 14.44 7.11
CA ARG A 84 35.70 15.23 6.06
C ARG A 84 34.78 15.36 4.85
N PHE A 85 34.55 16.60 4.43
CA PHE A 85 33.73 16.89 3.27
C PHE A 85 34.57 17.54 2.18
N GLN A 86 34.31 17.16 0.95
CA GLN A 86 35.00 17.73 -0.21
C GLN A 86 34.08 18.74 -0.90
N SER A 87 34.64 19.42 -1.89
CA SER A 87 33.88 20.43 -2.62
C SER A 87 32.67 19.82 -3.32
N SER A 88 32.83 18.62 -3.86
CA SER A 88 31.74 17.98 -4.61
C SER A 88 30.54 17.70 -3.71
N ALA A 89 30.77 17.18 -2.51
CA ALA A 89 29.67 16.93 -1.58
C ALA A 89 28.98 18.23 -1.19
N VAL A 90 29.77 19.27 -0.94
CA VAL A 90 29.21 20.56 -0.55
C VAL A 90 28.34 21.12 -1.67
N MET A 91 28.80 21.03 -2.92
CA MET A 91 28.00 21.57 -4.02
C MET A 91 26.76 20.71 -4.27
N ALA A 92 26.84 19.40 -4.02
CA ALA A 92 25.64 18.59 -4.10
C ALA A 92 24.61 19.00 -3.07
N LEU A 93 25.05 19.21 -1.83
CA LEU A 93 24.14 19.69 -0.80
C LEU A 93 23.56 21.04 -1.18
N GLN A 94 24.40 21.94 -1.70
CA GLN A 94 23.91 23.21 -2.22
C GLN A 94 22.81 22.99 -3.24
N GLU A 95 23.13 22.35 -4.36
CA GLU A 95 22.16 22.23 -5.46
C GLU A 95 20.83 21.69 -4.96
N ALA A 96 20.88 20.68 -4.08
CA ALA A 96 19.64 20.22 -3.44
C ALA A 96 18.96 21.36 -2.68
N CYS A 97 19.76 22.16 -1.96
CA CYS A 97 19.21 23.25 -1.17
C CYS A 97 18.45 24.24 -2.04
N GLU A 98 19.13 24.86 -3.01
CA GLU A 98 18.44 25.88 -3.80
C GLU A 98 17.30 25.28 -4.60
N ALA A 99 17.47 24.05 -5.10
CA ALA A 99 16.38 23.41 -5.85
C ALA A 99 15.13 23.32 -5.00
N TYR A 100 15.24 22.76 -3.79
CA TYR A 100 14.03 22.55 -3.01
C TYR A 100 13.46 23.88 -2.52
N LEU A 101 14.33 24.83 -2.18
CA LEU A 101 13.79 26.10 -1.67
C LEU A 101 13.10 26.88 -2.79
N VAL A 102 13.64 26.86 -4.01
CA VAL A 102 12.98 27.59 -5.08
C VAL A 102 11.67 26.93 -5.44
N GLY A 103 11.61 25.60 -5.40
CA GLY A 103 10.33 24.93 -5.58
C GLY A 103 9.34 25.33 -4.50
N LEU A 104 9.80 25.38 -3.25
CA LEU A 104 8.92 25.73 -2.14
C LEU A 104 8.40 27.16 -2.28
N PHE A 105 9.26 28.09 -2.67
CA PHE A 105 8.84 29.47 -2.83
C PHE A 105 7.93 29.66 -4.03
N GLU A 106 8.17 28.93 -5.12
CA GLU A 106 7.22 28.88 -6.23
C GLU A 106 5.84 28.47 -5.71
N ASP A 107 5.80 27.37 -4.95
CA ASP A 107 4.57 26.93 -4.31
C ASP A 107 3.92 28.02 -3.47
N THR A 108 4.68 28.62 -2.56
CA THR A 108 4.11 29.59 -1.63
C THR A 108 3.61 30.82 -2.36
N ASN A 109 4.35 31.28 -3.36
CA ASN A 109 3.92 32.46 -4.11
C ASN A 109 2.61 32.19 -4.83
N LEU A 110 2.49 31.07 -5.53
CA LEU A 110 1.23 30.79 -6.22
C LEU A 110 0.09 30.61 -5.22
N CYS A 111 0.35 29.98 -4.08
CA CYS A 111 -0.68 29.85 -3.06
C CYS A 111 -1.11 31.23 -2.53
N ALA A 112 -0.14 32.13 -2.34
CA ALA A 112 -0.45 33.49 -1.90
C ALA A 112 -1.26 34.23 -2.95
N ILE A 113 -0.98 33.96 -4.23
CA ILE A 113 -1.82 34.52 -5.29
C ILE A 113 -3.24 34.02 -5.15
N HIS A 114 -3.41 32.73 -4.88
CA HIS A 114 -4.72 32.23 -4.51
C HIS A 114 -5.27 32.94 -3.27
N ALA A 115 -4.39 33.36 -2.37
CA ALA A 115 -4.82 34.05 -1.17
C ALA A 115 -5.27 35.48 -1.43
N LYS A 116 -5.08 35.99 -2.65
CA LYS A 116 -5.39 37.35 -3.06
C LYS A 116 -4.53 38.40 -2.36
N ARG A 117 -3.58 37.98 -1.54
CA ARG A 117 -2.81 38.90 -0.71
C ARG A 117 -1.40 39.03 -1.26
N VAL A 118 -0.96 40.27 -1.49
CA VAL A 118 0.38 40.50 -2.03
C VAL A 118 1.44 40.00 -1.06
N THR A 119 1.30 40.31 0.22
CA THR A 119 2.28 39.87 1.20
C THR A 119 2.18 38.36 1.40
N ILE A 120 3.31 37.76 1.78
CA ILE A 120 3.39 36.33 2.07
C ILE A 120 3.76 36.17 3.54
N MET A 121 3.06 35.28 4.23
CA MET A 121 3.31 35.01 5.63
C MET A 121 3.22 33.51 5.85
N PRO A 122 3.93 32.97 6.85
CA PRO A 122 4.19 31.52 6.89
C PRO A 122 2.98 30.64 7.06
N LYS A 123 1.78 31.19 7.22
CA LYS A 123 0.61 30.33 7.11
C LYS A 123 0.62 29.62 5.77
N ASP A 124 1.19 30.25 4.75
CA ASP A 124 1.29 29.65 3.43
C ASP A 124 2.25 28.45 3.44
N ILE A 125 3.44 28.63 4.01
CA ILE A 125 4.42 27.55 4.00
C ILE A 125 3.95 26.40 4.87
N GLN A 126 3.31 26.71 6.00
CA GLN A 126 2.71 25.66 6.81
C GLN A 126 1.61 24.94 6.04
N LEU A 127 0.82 25.69 5.27
CA LEU A 127 -0.18 25.09 4.41
C LEU A 127 0.43 24.09 3.45
N ALA A 128 1.46 24.53 2.73
CA ALA A 128 2.09 23.68 1.74
C ALA A 128 2.68 22.42 2.37
N ARG A 129 3.36 22.58 3.51
CA ARG A 129 3.96 21.40 4.13
C ARG A 129 2.89 20.46 4.68
N ARG A 130 1.78 20.98 5.20
CA ARG A 130 0.69 20.10 5.59
C ARG A 130 0.07 19.44 4.37
N ILE A 131 0.28 20.00 3.18
CA ILE A 131 0.01 19.25 1.96
C ILE A 131 1.03 18.14 1.79
N ARG A 132 2.28 18.42 2.14
CA ARG A 132 3.38 17.57 1.66
C ARG A 132 3.35 16.21 2.32
N GLY A 133 2.88 16.14 3.57
CA GLY A 133 2.93 14.92 4.36
C GLY A 133 4.21 14.72 5.13
N GLU A 134 5.13 15.70 5.12
CA GLU A 134 6.38 15.61 5.85
C GLU A 134 6.20 15.55 7.36
N ARG A 135 5.07 16.01 7.88
CA ARG A 135 4.83 15.95 9.32
C ARG A 135 3.75 14.92 9.65
N ASN B 26 25.62 27.96 13.67
CA ASN B 26 25.24 26.66 13.13
C ASN B 26 24.23 26.82 12.00
N ILE B 27 22.94 26.80 12.36
CA ILE B 27 21.89 26.99 11.36
C ILE B 27 21.94 28.40 10.79
N GLN B 28 22.54 29.33 11.53
CA GLN B 28 22.66 30.71 11.07
C GLN B 28 23.63 30.88 9.91
N GLY B 29 24.15 29.78 9.34
CA GLY B 29 25.00 29.87 8.18
C GLY B 29 24.32 30.53 6.98
N ILE B 30 23.00 30.46 6.93
CA ILE B 30 22.24 31.16 5.90
C ILE B 30 21.87 32.53 6.45
N THR B 31 22.17 33.58 5.68
CA THR B 31 21.93 34.93 6.11
C THR B 31 20.58 35.45 5.61
N LYS B 32 20.01 36.39 6.37
CA LYS B 32 18.73 36.97 5.99
C LYS B 32 18.75 37.64 4.62
N PRO B 33 19.77 38.44 4.25
CA PRO B 33 19.81 38.96 2.87
C PRO B 33 19.87 37.88 1.81
N ALA B 34 20.58 36.77 2.08
CA ALA B 34 20.58 35.65 1.14
C ALA B 34 19.19 35.05 1.01
N ILE B 35 18.49 34.88 2.13
CA ILE B 35 17.11 34.43 2.09
C ILE B 35 16.27 35.37 1.24
N ARG B 36 16.45 36.68 1.42
CA ARG B 36 15.66 37.65 0.67
C ARG B 36 15.93 37.58 -0.81
N ARG B 37 17.20 37.46 -1.22
CA ARG B 37 17.49 37.43 -2.65
C ARG B 37 17.03 36.13 -3.31
N LEU B 38 17.22 35.00 -2.62
CA LEU B 38 16.70 33.74 -3.15
C LEU B 38 15.18 33.77 -3.25
N ALA B 39 14.52 34.38 -2.27
CA ALA B 39 13.07 34.55 -2.38
C ALA B 39 12.71 35.47 -3.53
N ARG B 40 13.49 36.54 -3.74
CA ARG B 40 13.22 37.47 -4.83
C ARG B 40 13.24 36.77 -6.17
N ARG B 41 14.28 35.97 -6.44
CA ARG B 41 14.21 35.17 -7.65
C ARG B 41 13.31 33.95 -7.51
N GLY B 42 12.73 33.73 -6.33
CA GLY B 42 11.64 32.79 -6.21
C GLY B 42 10.31 33.35 -6.64
N GLY B 43 10.28 34.58 -7.14
CA GLY B 43 9.07 35.18 -7.66
C GLY B 43 8.24 35.96 -6.68
N VAL B 44 8.75 36.26 -5.49
CA VAL B 44 7.98 36.97 -4.48
C VAL B 44 8.51 38.39 -4.36
N LYS B 45 7.60 39.31 -4.00
CA LYS B 45 7.90 40.73 -3.89
C LYS B 45 7.76 41.28 -2.48
N ARG B 46 6.68 40.91 -1.78
CA ARG B 46 6.40 41.41 -0.44
C ARG B 46 6.50 40.25 0.54
N ILE B 47 7.37 40.38 1.53
CA ILE B 47 7.73 39.28 2.42
C ILE B 47 7.70 39.78 3.86
N SER B 48 7.34 38.89 4.78
CA SER B 48 7.39 39.17 6.21
C SER B 48 8.68 38.63 6.80
N GLY B 49 8.97 39.04 8.04
CA GLY B 49 10.21 38.66 8.68
C GLY B 49 10.27 37.18 9.06
N LEU B 50 9.25 36.69 9.77
CA LEU B 50 9.35 35.37 10.37
C LEU B 50 9.61 34.23 9.35
N ILE B 51 9.44 34.51 8.06
CA ILE B 51 9.85 33.55 7.03
C ILE B 51 11.33 33.19 7.15
N TYR B 52 12.18 34.17 7.49
CA TYR B 52 13.61 33.89 7.60
C TYR B 52 13.89 32.79 8.62
N GLU B 53 12.99 32.58 9.59
CA GLU B 53 13.25 31.48 10.52
C GLU B 53 12.48 30.19 10.18
N GLU B 54 11.25 30.26 9.63
CA GLU B 54 10.71 28.92 9.33
C GLU B 54 11.46 28.28 8.17
N THR B 55 12.08 29.08 7.28
CA THR B 55 12.80 28.50 6.16
C THR B 55 13.97 27.64 6.63
N ARG B 56 14.65 28.07 7.70
CA ARG B 56 15.74 27.27 8.25
C ARG B 56 15.23 25.93 8.77
N GLY B 57 14.08 25.94 9.45
CA GLY B 57 13.49 24.69 9.89
C GLY B 57 13.13 23.78 8.74
N VAL B 58 12.58 24.35 7.67
CA VAL B 58 12.27 23.56 6.48
C VAL B 58 13.54 22.93 5.93
N LEU B 59 14.61 23.73 5.85
CA LEU B 59 15.86 23.25 5.27
C LEU B 59 16.44 22.11 6.09
N LYS B 60 16.48 22.25 7.41
CA LYS B 60 17.03 21.18 8.24
C LYS B 60 16.16 19.94 8.18
N VAL B 61 14.83 20.09 8.23
CA VAL B 61 13.95 18.95 8.11
C VAL B 61 14.22 18.21 6.80
N PHE B 62 14.41 18.96 5.71
CA PHE B 62 14.68 18.34 4.43
C PHE B 62 16.03 17.60 4.46
N LEU B 63 17.08 18.28 4.94
CA LEU B 63 18.43 17.76 4.76
C LEU B 63 18.74 16.59 5.70
N GLU B 64 18.04 16.47 6.83
CA GLU B 64 18.33 15.36 7.74
C GLU B 64 18.08 14.02 7.07
N ASN B 65 16.96 13.88 6.37
CA ASN B 65 16.66 12.62 5.68
C ASN B 65 17.69 12.33 4.60
N VAL B 66 18.06 13.36 3.83
CA VAL B 66 19.03 13.17 2.75
C VAL B 66 20.38 12.73 3.29
N ILE B 67 20.86 13.39 4.35
CA ILE B 67 22.15 13.02 4.90
C ILE B 67 22.09 11.64 5.54
N ARG B 68 20.95 11.28 6.16
CA ARG B 68 20.82 9.95 6.74
C ARG B 68 20.90 8.88 5.66
N ASP B 69 20.21 9.09 4.54
CA ASP B 69 20.29 8.15 3.43
C ASP B 69 21.69 8.11 2.84
N ALA B 70 22.37 9.25 2.80
CA ALA B 70 23.75 9.27 2.34
C ALA B 70 24.65 8.44 3.25
N VAL B 71 24.44 8.54 4.57
CA VAL B 71 25.21 7.73 5.51
C VAL B 71 24.94 6.25 5.28
N THR B 72 23.66 5.89 5.08
CA THR B 72 23.33 4.50 4.84
C THR B 72 24.00 3.97 3.57
N TYR B 73 23.95 4.75 2.49
CA TYR B 73 24.56 4.31 1.24
C TYR B 73 26.08 4.21 1.37
N THR B 74 26.70 5.16 2.08
CA THR B 74 28.14 5.12 2.26
C THR B 74 28.56 3.91 3.08
N GLU B 75 27.79 3.56 4.12
CA GLU B 75 28.10 2.37 4.89
C GLU B 75 27.88 1.11 4.06
N HIS B 76 26.88 1.14 3.17
CA HIS B 76 26.69 0.02 2.24
C HIS B 76 27.90 -0.13 1.33
N ALA B 77 28.44 0.98 0.83
CA ALA B 77 29.60 0.94 -0.05
C ALA B 77 30.94 1.03 0.68
N LYS B 78 30.90 1.20 2.01
CA LYS B 78 32.12 1.27 2.83
C LYS B 78 33.03 2.41 2.35
N ARG B 79 32.42 3.56 2.07
CA ARG B 79 33.15 4.78 1.73
C ARG B 79 32.84 5.82 2.80
N LYS B 80 33.86 6.21 3.57
CA LYS B 80 33.65 7.15 4.66
C LYS B 80 33.21 8.51 4.15
N THR B 81 33.81 8.98 3.07
CA THR B 81 33.47 10.30 2.52
C THR B 81 32.19 10.22 1.70
N VAL B 82 31.36 11.24 1.84
CA VAL B 82 30.11 11.34 1.11
C VAL B 82 30.40 11.87 -0.30
N THR B 83 29.89 11.15 -1.30
CA THR B 83 30.17 11.47 -2.69
C THR B 83 29.00 12.18 -3.36
N ALA B 84 29.27 12.77 -4.52
CA ALA B 84 28.22 13.43 -5.29
C ALA B 84 27.17 12.44 -5.77
N MET B 85 27.61 11.29 -6.29
CA MET B 85 26.66 10.29 -6.80
C MET B 85 25.79 9.75 -5.68
N ASP B 86 26.33 9.66 -4.46
CA ASP B 86 25.50 9.27 -3.31
C ASP B 86 24.34 10.23 -3.14
N VAL B 87 24.63 11.53 -3.14
CA VAL B 87 23.57 12.52 -2.97
C VAL B 87 22.60 12.48 -4.15
N VAL B 88 23.13 12.27 -5.36
CA VAL B 88 22.27 12.24 -6.55
C VAL B 88 21.31 11.07 -6.50
N TYR B 89 21.81 9.89 -6.12
CA TYR B 89 20.94 8.74 -6.02
C TYR B 89 19.98 8.88 -4.85
N ALA B 90 20.40 9.57 -3.79
CA ALA B 90 19.45 9.87 -2.71
C ALA B 90 18.30 10.72 -3.23
N LEU B 91 18.62 11.84 -3.89
CA LEU B 91 17.60 12.71 -4.47
C LEU B 91 16.71 11.95 -5.44
N LYS B 92 17.27 10.96 -6.13
CA LYS B 92 16.44 10.05 -6.91
C LYS B 92 15.51 9.25 -6.01
N ARG B 93 15.98 8.85 -4.82
CA ARG B 93 15.11 8.07 -3.94
C ARG B 93 13.91 8.89 -3.46
N GLN B 94 14.14 10.11 -2.95
CA GLN B 94 12.94 10.90 -2.66
C GLN B 94 12.37 11.60 -3.89
N GLY B 95 13.00 11.43 -5.05
CA GLY B 95 12.35 11.75 -6.31
C GLY B 95 12.53 13.15 -6.84
N ARG B 96 13.56 13.87 -6.41
CA ARG B 96 13.87 15.20 -6.93
C ARG B 96 15.29 15.22 -7.49
N THR B 97 15.58 14.27 -8.36
CA THR B 97 16.85 14.16 -9.06
C THR B 97 17.22 15.46 -9.77
N LEU C 62 -17.67 2.25 -3.11
CA LEU C 62 -18.54 2.93 -2.16
C LEU C 62 -19.27 4.09 -2.81
N ILE C 63 -18.86 4.46 -4.03
CA ILE C 63 -19.42 5.64 -4.67
C ILE C 63 -20.59 5.18 -5.54
N ARG C 64 -20.27 4.38 -6.56
CA ARG C 64 -21.27 3.73 -7.41
C ARG C 64 -20.49 2.77 -8.32
N LYS C 65 -21.19 1.85 -8.98
CA LYS C 65 -20.51 0.79 -9.70
C LYS C 65 -20.73 0.85 -11.21
N LEU C 66 -21.98 0.84 -11.68
CA LEU C 66 -22.23 0.71 -13.12
C LEU C 66 -21.67 1.89 -13.91
N PRO C 67 -21.90 3.16 -13.53
CA PRO C 67 -21.31 4.25 -14.32
C PRO C 67 -19.80 4.23 -14.37
N PHE C 68 -19.15 3.82 -13.28
CA PHE C 68 -17.68 3.74 -13.30
C PHE C 68 -17.20 2.59 -14.17
N GLN C 69 -17.93 1.48 -14.18
CA GLN C 69 -17.58 0.41 -15.11
C GLN C 69 -17.75 0.89 -16.55
N ARG C 70 -18.79 1.68 -16.81
CA ARG C 70 -18.95 2.28 -18.13
C ARG C 70 -17.76 3.19 -18.45
N LEU C 71 -17.33 3.99 -17.48
CA LEU C 71 -16.18 4.86 -17.67
C LEU C 71 -14.94 4.08 -18.05
N VAL C 72 -14.62 3.04 -17.28
CA VAL C 72 -13.38 2.31 -17.50
C VAL C 72 -13.44 1.56 -18.83
N ARG C 73 -14.61 1.01 -19.17
CA ARG C 73 -14.75 0.33 -20.46
C ARG C 73 -14.61 1.32 -21.62
N GLU C 74 -15.21 2.51 -21.48
CA GLU C 74 -15.13 3.49 -22.57
C GLU C 74 -13.70 3.96 -22.77
N ILE C 75 -12.99 4.26 -21.69
CA ILE C 75 -11.60 4.67 -21.83
C ILE C 75 -10.74 3.51 -22.32
N ALA C 76 -11.11 2.27 -21.99
CA ALA C 76 -10.37 1.11 -22.48
C ALA C 76 -10.48 1.00 -23.99
N GLN C 77 -11.71 1.05 -24.52
CA GLN C 77 -11.87 1.07 -25.97
C GLN C 77 -11.24 2.31 -26.59
N ASP C 78 -11.15 3.40 -25.82
CA ASP C 78 -10.40 4.55 -26.30
C ASP C 78 -8.92 4.21 -26.47
N PHE C 79 -8.35 3.44 -25.55
CA PHE C 79 -6.99 2.95 -25.72
C PHE C 79 -6.92 1.90 -26.82
N LYS C 80 -7.55 0.76 -26.61
CA LYS C 80 -7.49 -0.33 -27.57
C LYS C 80 -8.61 -1.33 -27.29
N THR C 81 -9.19 -1.85 -28.37
CA THR C 81 -10.22 -2.87 -28.28
C THR C 81 -9.56 -4.24 -28.09
N ASP C 82 -10.39 -5.27 -27.92
CA ASP C 82 -9.94 -6.64 -27.67
C ASP C 82 -9.14 -6.71 -26.36
N LEU C 83 -9.84 -6.38 -25.27
CA LEU C 83 -9.26 -6.43 -23.95
C LEU C 83 -10.34 -6.82 -22.95
N ARG C 84 -9.91 -7.39 -21.84
CA ARG C 84 -10.82 -7.90 -20.82
C ARG C 84 -10.38 -7.40 -19.45
N PHE C 85 -11.34 -7.24 -18.55
CA PHE C 85 -11.08 -6.78 -17.19
C PHE C 85 -11.57 -7.83 -16.21
N GLN C 86 -10.91 -7.91 -15.06
CA GLN C 86 -11.37 -8.75 -13.97
C GLN C 86 -12.32 -7.97 -13.06
N SER C 87 -13.36 -8.64 -12.59
CA SER C 87 -14.30 -8.01 -11.66
C SER C 87 -13.57 -7.49 -10.44
N SER C 88 -12.75 -8.34 -9.80
CA SER C 88 -11.99 -7.91 -8.63
C SER C 88 -11.07 -6.75 -8.97
N ALA C 89 -10.41 -6.83 -10.13
CA ALA C 89 -9.56 -5.72 -10.57
C ALA C 89 -10.38 -4.46 -10.78
N VAL C 90 -11.60 -4.60 -11.32
CA VAL C 90 -12.44 -3.44 -11.56
C VAL C 90 -12.80 -2.76 -10.24
N MET C 91 -13.26 -3.53 -9.26
CA MET C 91 -13.59 -2.91 -7.98
C MET C 91 -12.34 -2.37 -7.29
N ALA C 92 -11.19 -3.02 -7.50
CA ALA C 92 -9.94 -2.49 -6.96
C ALA C 92 -9.64 -1.11 -7.53
N LEU C 93 -9.75 -0.97 -8.84
CA LEU C 93 -9.68 0.34 -9.48
C LEU C 93 -10.70 1.28 -8.88
N GLN C 94 -11.87 0.76 -8.50
CA GLN C 94 -12.90 1.59 -7.88
C GLN C 94 -12.39 2.23 -6.60
N GLU C 95 -11.95 1.41 -5.63
CA GLU C 95 -11.53 2.08 -4.39
C GLU C 95 -10.26 2.89 -4.60
N ALA C 96 -9.43 2.51 -5.58
CA ALA C 96 -8.25 3.31 -5.87
C ALA C 96 -8.63 4.72 -6.29
N CYS C 97 -9.53 4.84 -7.27
CA CYS C 97 -9.99 6.16 -7.69
C CYS C 97 -10.70 6.87 -6.55
N GLU C 98 -11.46 6.13 -5.75
CA GLU C 98 -12.13 6.72 -4.59
C GLU C 98 -11.12 7.39 -3.66
N ALA C 99 -10.08 6.64 -3.29
CA ALA C 99 -9.08 7.17 -2.38
C ALA C 99 -8.37 8.38 -2.98
N TYR C 100 -8.01 8.30 -4.27
CA TYR C 100 -7.31 9.41 -4.89
C TYR C 100 -8.17 10.67 -4.89
N LEU C 101 -9.45 10.53 -5.26
CA LEU C 101 -10.31 11.70 -5.33
C LEU C 101 -10.57 12.27 -3.95
N VAL C 102 -10.79 11.41 -2.95
CA VAL C 102 -11.06 11.93 -1.61
C VAL C 102 -9.84 12.64 -1.06
N GLY C 103 -8.64 12.10 -1.32
CA GLY C 103 -7.43 12.79 -0.91
C GLY C 103 -7.27 14.15 -1.57
N LEU C 104 -7.51 14.20 -2.88
CA LEU C 104 -7.56 15.49 -3.55
C LEU C 104 -8.54 16.42 -2.86
N PHE C 105 -9.65 15.86 -2.37
CA PHE C 105 -10.69 16.75 -1.86
C PHE C 105 -10.34 17.24 -0.45
N GLU C 106 -9.65 16.43 0.35
CA GLU C 106 -9.09 16.98 1.59
C GLU C 106 -8.09 18.07 1.27
N ASP C 107 -7.31 17.90 0.20
CA ASP C 107 -6.46 19.00 -0.24
C ASP C 107 -7.30 20.24 -0.55
N THR C 108 -8.47 20.01 -1.14
CA THR C 108 -9.38 21.09 -1.53
C THR C 108 -9.84 21.87 -0.30
N ASN C 109 -10.19 21.11 0.73
CA ASN C 109 -10.62 21.67 2.00
C ASN C 109 -9.44 22.40 2.65
N LEU C 110 -8.25 21.82 2.52
CA LEU C 110 -7.05 22.41 3.11
C LEU C 110 -6.77 23.78 2.49
N CYS C 111 -6.92 23.89 1.18
CA CYS C 111 -6.75 25.16 0.49
C CYS C 111 -7.85 26.16 0.86
N ALA C 112 -9.10 25.70 0.83
CA ALA C 112 -10.24 26.59 1.07
C ALA C 112 -10.18 27.18 2.48
N ILE C 113 -9.79 26.37 3.46
CA ILE C 113 -9.59 26.88 4.81
C ILE C 113 -8.47 27.90 4.82
N HIS C 114 -7.38 27.63 4.09
CA HIS C 114 -6.39 28.69 3.90
C HIS C 114 -6.95 29.83 3.06
N ALA C 115 -7.78 29.51 2.07
CA ALA C 115 -8.50 30.57 1.38
C ALA C 115 -9.49 31.29 2.29
N LYS C 116 -9.56 30.89 3.56
CA LYS C 116 -10.43 31.46 4.59
C LYS C 116 -11.85 31.65 4.08
N ARG C 117 -12.27 30.80 3.15
CA ARG C 117 -13.64 30.73 2.67
C ARG C 117 -14.10 29.28 2.77
N VAL C 118 -15.39 29.09 3.06
CA VAL C 118 -15.91 27.72 3.17
C VAL C 118 -16.18 27.14 1.79
N THR C 119 -17.02 27.80 1.01
CA THR C 119 -17.35 27.32 -0.32
C THR C 119 -16.12 27.41 -1.23
N ILE C 120 -16.05 26.51 -2.21
CA ILE C 120 -14.84 26.25 -2.99
C ILE C 120 -15.07 26.70 -4.42
N MET C 121 -14.02 27.29 -5.02
CA MET C 121 -14.00 27.65 -6.43
C MET C 121 -12.80 26.95 -7.06
N PRO C 122 -12.87 26.63 -8.37
CA PRO C 122 -11.88 25.75 -9.01
C PRO C 122 -10.42 26.03 -8.69
N LYS C 123 -10.08 27.30 -8.45
CA LYS C 123 -8.69 27.66 -8.21
C LYS C 123 -8.09 26.89 -7.04
N ASP C 124 -8.91 26.45 -6.10
CA ASP C 124 -8.45 25.54 -5.05
C ASP C 124 -7.88 24.25 -5.64
N ILE C 125 -8.64 23.60 -6.51
CA ILE C 125 -8.21 22.30 -7.03
C ILE C 125 -7.12 22.48 -8.07
N GLN C 126 -7.12 23.61 -8.78
CA GLN C 126 -6.00 23.93 -9.67
C GLN C 126 -4.72 24.08 -8.87
N LEU C 127 -4.79 24.71 -7.69
CA LEU C 127 -3.66 24.66 -6.78
C LEU C 127 -3.31 23.21 -6.47
N ALA C 128 -4.29 22.44 -5.99
CA ALA C 128 -4.03 21.05 -5.61
C ALA C 128 -3.12 20.38 -6.64
N ARG C 129 -3.56 20.41 -7.89
CA ARG C 129 -2.78 19.85 -9.00
C ARG C 129 -1.43 20.54 -9.34
N ARG C 130 -1.41 21.87 -9.44
CA ARG C 130 -0.17 22.59 -9.79
C ARG C 130 0.89 22.46 -8.69
N ILE C 131 0.44 22.66 -7.46
CA ILE C 131 1.22 22.49 -6.26
C ILE C 131 1.81 21.09 -6.16
N ARG C 132 1.02 20.05 -6.45
CA ARG C 132 1.72 18.78 -6.51
C ARG C 132 2.26 18.51 -7.91
N GLY C 133 1.78 19.26 -8.91
CA GLY C 133 2.34 19.27 -10.25
C GLY C 133 2.20 18.03 -11.10
N GLU C 134 1.23 17.16 -10.85
CA GLU C 134 1.02 16.05 -11.78
C GLU C 134 0.65 16.56 -13.17
N ARG C 135 0.00 17.71 -13.25
CA ARG C 135 -0.22 18.34 -14.54
C ARG C 135 -0.25 19.88 -14.48
N ASP D 25 -20.40 9.14 -23.43
CA ASP D 25 -20.82 10.27 -22.59
C ASP D 25 -21.12 9.81 -21.17
N ASN D 26 -20.44 8.75 -20.74
CA ASN D 26 -20.59 8.24 -19.37
C ASN D 26 -19.92 9.13 -18.34
N ILE D 27 -19.16 10.14 -18.77
CA ILE D 27 -18.43 11.00 -17.84
C ILE D 27 -19.39 11.65 -16.85
N GLN D 28 -20.59 12.00 -17.30
CA GLN D 28 -21.60 12.59 -16.44
C GLN D 28 -22.15 11.60 -15.42
N GLY D 29 -21.64 10.36 -15.43
CA GLY D 29 -22.10 9.33 -14.53
C GLY D 29 -21.83 9.58 -13.05
N ILE D 30 -21.02 10.58 -12.74
CA ILE D 30 -20.74 10.95 -11.34
C ILE D 30 -21.61 12.14 -11.00
N THR D 31 -22.55 11.93 -10.08
CA THR D 31 -23.74 12.77 -9.97
C THR D 31 -23.59 13.85 -8.90
N LYS D 32 -24.58 14.74 -8.87
CA LYS D 32 -24.62 15.81 -7.87
C LYS D 32 -24.67 15.30 -6.44
N PRO D 33 -25.62 14.46 -6.03
CA PRO D 33 -25.67 14.06 -4.62
C PRO D 33 -24.51 13.16 -4.22
N ALA D 34 -24.02 12.34 -5.14
CA ALA D 34 -22.87 11.50 -4.84
C ALA D 34 -21.65 12.36 -4.50
N ILE D 35 -21.33 13.33 -5.37
CA ILE D 35 -20.20 14.21 -5.08
C ILE D 35 -20.47 15.02 -3.83
N ARG D 36 -21.72 15.40 -3.59
CA ARG D 36 -22.06 16.17 -2.40
C ARG D 36 -21.76 15.36 -1.13
N ARG D 37 -22.09 14.07 -1.13
CA ARG D 37 -21.84 13.28 0.07
C ARG D 37 -20.39 12.82 0.17
N LEU D 38 -19.68 12.70 -0.95
CA LEU D 38 -18.22 12.58 -0.86
C LEU D 38 -17.62 13.82 -0.22
N ALA D 39 -18.12 14.99 -0.62
CA ALA D 39 -17.75 16.23 0.05
C ALA D 39 -18.04 16.16 1.54
N ARG D 40 -19.21 15.65 1.90
CA ARG D 40 -19.54 15.45 3.31
C ARG D 40 -18.46 14.60 4.00
N ARG D 41 -18.06 13.51 3.35
CA ARG D 41 -16.93 12.75 3.86
C ARG D 41 -15.63 13.55 3.78
N GLY D 42 -15.51 14.43 2.79
CA GLY D 42 -14.28 15.17 2.61
C GLY D 42 -13.93 16.08 3.76
N GLY D 43 -14.92 16.77 4.32
CA GLY D 43 -14.67 17.74 5.37
C GLY D 43 -15.13 19.14 4.99
N VAL D 44 -16.17 19.22 4.16
CA VAL D 44 -16.76 20.49 3.78
C VAL D 44 -18.24 20.43 4.15
N LYS D 45 -18.84 21.60 4.27
CA LYS D 45 -20.29 21.69 4.37
C LYS D 45 -20.91 22.23 3.08
N ARG D 46 -20.47 23.41 2.64
CA ARG D 46 -21.07 24.10 1.50
C ARG D 46 -20.13 24.05 0.32
N ILE D 47 -20.60 23.50 -0.81
CA ILE D 47 -19.87 23.50 -2.07
C ILE D 47 -20.82 23.86 -3.19
N SER D 48 -20.35 24.66 -4.14
CA SER D 48 -21.18 25.11 -5.23
C SER D 48 -21.38 24.02 -6.28
N GLY D 49 -22.43 24.18 -7.09
CA GLY D 49 -22.67 23.25 -8.17
C GLY D 49 -21.65 23.33 -9.30
N LEU D 50 -20.93 24.45 -9.40
CA LEU D 50 -19.95 24.60 -10.47
C LEU D 50 -18.74 23.71 -10.31
N ILE D 51 -18.65 22.91 -9.25
CA ILE D 51 -17.48 22.06 -9.02
C ILE D 51 -17.70 20.64 -9.53
N TYR D 52 -18.93 20.25 -9.85
CA TYR D 52 -19.16 18.88 -10.31
C TYR D 52 -18.44 18.60 -11.63
N GLU D 53 -18.50 19.55 -12.57
CA GLU D 53 -17.86 19.32 -13.86
C GLU D 53 -16.34 19.23 -13.74
N GLU D 54 -15.74 20.14 -12.97
CA GLU D 54 -14.30 20.05 -12.73
C GLU D 54 -13.94 18.78 -11.96
N THR D 55 -14.84 18.28 -11.12
CA THR D 55 -14.59 17.03 -10.42
C THR D 55 -14.53 15.87 -11.41
N ARG D 56 -15.51 15.78 -12.32
CA ARG D 56 -15.43 14.74 -13.34
C ARG D 56 -14.20 14.92 -14.24
N GLY D 57 -13.81 16.17 -14.49
CA GLY D 57 -12.61 16.40 -15.30
C GLY D 57 -11.34 15.90 -14.63
N VAL D 58 -11.16 16.23 -13.35
CA VAL D 58 -9.98 15.77 -12.63
C VAL D 58 -10.01 14.25 -12.52
N LEU D 59 -11.18 13.68 -12.26
CA LEU D 59 -11.31 12.23 -12.20
C LEU D 59 -10.90 11.58 -13.50
N LYS D 60 -11.40 12.08 -14.64
CA LYS D 60 -11.10 11.45 -15.92
C LYS D 60 -9.61 11.60 -16.27
N VAL D 61 -9.03 12.79 -16.03
CA VAL D 61 -7.64 12.95 -16.42
C VAL D 61 -6.73 12.05 -15.59
N PHE D 62 -7.00 11.91 -14.29
CA PHE D 62 -6.11 11.08 -13.51
C PHE D 62 -6.42 9.59 -13.60
N LEU D 63 -7.65 9.20 -13.96
CA LEU D 63 -7.83 7.80 -14.34
C LEU D 63 -7.09 7.50 -15.63
N GLU D 64 -7.08 8.43 -16.58
CA GLU D 64 -6.21 8.32 -17.74
C GLU D 64 -4.77 8.07 -17.32
N ASN D 65 -4.25 8.93 -16.43
CA ASN D 65 -2.88 8.81 -15.95
C ASN D 65 -2.61 7.44 -15.35
N VAL D 66 -3.46 7.00 -14.42
CA VAL D 66 -3.20 5.76 -13.70
C VAL D 66 -3.35 4.54 -14.62
N ILE D 67 -4.38 4.53 -15.46
CA ILE D 67 -4.65 3.37 -16.28
C ILE D 67 -3.62 3.23 -17.39
N ARG D 68 -2.95 4.31 -17.79
CA ARG D 68 -1.83 4.16 -18.72
C ARG D 68 -0.77 3.22 -18.14
N ASP D 69 -0.30 3.53 -16.92
CA ASP D 69 0.69 2.67 -16.29
C ASP D 69 0.11 1.29 -16.00
N ALA D 70 -1.19 1.24 -15.66
CA ALA D 70 -1.83 -0.05 -15.41
C ALA D 70 -1.75 -0.96 -16.62
N VAL D 71 -2.11 -0.44 -17.80
CA VAL D 71 -2.10 -1.26 -19.00
C VAL D 71 -0.68 -1.61 -19.39
N THR D 72 0.29 -0.74 -19.10
CA THR D 72 1.68 -1.11 -19.35
C THR D 72 2.09 -2.32 -18.52
N TYR D 73 1.84 -2.27 -17.20
CA TYR D 73 2.15 -3.42 -16.36
C TYR D 73 1.37 -4.66 -16.79
N THR D 74 0.13 -4.47 -17.25
CA THR D 74 -0.64 -5.61 -17.73
C THR D 74 0.02 -6.26 -18.93
N GLU D 75 0.49 -5.45 -19.88
CA GLU D 75 1.19 -6.00 -21.04
C GLU D 75 2.49 -6.68 -20.62
N HIS D 76 3.08 -6.24 -19.51
CA HIS D 76 4.36 -6.83 -19.09
C HIS D 76 4.25 -8.31 -18.75
N ALA D 77 3.12 -8.74 -18.21
CA ALA D 77 2.93 -10.15 -17.88
C ALA D 77 2.32 -10.92 -19.05
N LYS D 78 2.47 -10.41 -20.28
CA LYS D 78 1.89 -11.02 -21.47
C LYS D 78 0.39 -11.21 -21.32
N ARG D 79 -0.23 -10.31 -20.54
CA ARG D 79 -1.63 -10.42 -20.18
C ARG D 79 -2.50 -9.59 -21.13
N LYS D 80 -3.60 -10.18 -21.54
CA LYS D 80 -4.66 -9.46 -22.24
C LYS D 80 -5.75 -9.01 -21.27
N THR D 81 -5.56 -9.24 -19.98
CA THR D 81 -6.54 -8.87 -18.96
C THR D 81 -5.82 -8.15 -17.83
N VAL D 82 -6.39 -7.02 -17.40
CA VAL D 82 -5.80 -6.21 -16.33
C VAL D 82 -5.94 -6.97 -15.02
N THR D 83 -5.10 -6.65 -14.05
CA THR D 83 -5.16 -7.27 -12.72
C THR D 83 -5.14 -6.17 -11.67
N ALA D 84 -5.69 -6.51 -10.49
CA ALA D 84 -5.70 -5.58 -9.37
C ALA D 84 -4.30 -5.23 -8.89
N MET D 85 -3.31 -6.10 -9.10
CA MET D 85 -1.94 -5.79 -8.73
C MET D 85 -1.39 -4.61 -9.52
N ASP D 86 -1.88 -4.40 -10.74
CA ASP D 86 -1.36 -3.33 -11.59
C ASP D 86 -1.55 -1.96 -10.95
N VAL D 87 -2.77 -1.69 -10.46
CA VAL D 87 -3.05 -0.39 -9.87
C VAL D 87 -2.18 -0.13 -8.65
N VAL D 88 -1.76 -1.21 -7.97
CA VAL D 88 -0.85 -1.06 -6.83
C VAL D 88 0.43 -0.38 -7.28
N TYR D 89 1.14 -1.00 -8.24
CA TYR D 89 2.35 -0.39 -8.77
C TYR D 89 2.07 0.96 -9.41
N ALA D 90 0.86 1.16 -9.94
CA ALA D 90 0.52 2.46 -10.50
C ALA D 90 0.55 3.54 -9.43
N LEU D 91 -0.03 3.25 -8.26
CA LEU D 91 0.02 4.21 -7.16
C LEU D 91 1.43 4.34 -6.59
N LYS D 92 2.20 3.26 -6.60
CA LYS D 92 3.60 3.36 -6.20
C LYS D 92 4.35 4.33 -7.10
N ARG D 93 4.11 4.25 -8.40
CA ARG D 93 4.66 5.23 -9.33
C ARG D 93 4.12 6.62 -9.02
N GLN D 94 2.84 6.72 -8.68
CA GLN D 94 2.26 8.01 -8.34
C GLN D 94 2.55 8.43 -6.91
N GLY D 95 3.12 7.53 -6.11
CA GLY D 95 3.48 7.86 -4.74
C GLY D 95 2.34 7.88 -3.74
N ARG D 96 1.29 7.09 -3.97
CA ARG D 96 0.13 7.04 -3.09
C ARG D 96 -0.28 5.58 -2.85
N THR D 97 0.68 4.77 -2.42
CA THR D 97 0.42 3.35 -2.22
C THR D 97 -0.65 3.12 -1.17
N LEU D 98 -1.41 2.04 -1.35
CA LEU D 98 -2.47 1.67 -0.42
C LEU D 98 -2.74 0.17 -0.51
N LEU F 62 13.61 -11.77 -2.82
CA LEU F 62 13.80 -12.53 -4.05
C LEU F 62 14.03 -14.01 -3.77
N ILE F 63 13.04 -14.65 -3.15
CA ILE F 63 13.07 -16.10 -3.01
C ILE F 63 12.78 -16.74 -4.36
N ARG F 64 13.28 -17.96 -4.55
CA ARG F 64 13.02 -18.66 -5.79
C ARG F 64 11.54 -18.98 -5.90
N LYS F 65 11.00 -18.82 -7.11
CA LYS F 65 9.56 -18.72 -7.31
C LYS F 65 8.79 -19.98 -6.91
N LEU F 66 9.03 -21.09 -7.60
CA LEU F 66 8.16 -22.25 -7.43
C LEU F 66 8.35 -22.96 -6.08
N PRO F 67 9.56 -23.05 -5.49
CA PRO F 67 9.61 -23.60 -4.12
C PRO F 67 8.75 -22.81 -3.15
N PHE F 68 8.80 -21.48 -3.23
CA PHE F 68 7.95 -20.65 -2.39
C PHE F 68 6.48 -20.89 -2.71
N GLN F 69 6.14 -21.01 -3.99
CA GLN F 69 4.73 -21.14 -4.36
C GLN F 69 4.16 -22.45 -3.84
N ARG F 70 4.93 -23.54 -3.85
CA ARG F 70 4.33 -24.75 -3.30
C ARG F 70 4.49 -24.86 -1.80
N LEU F 71 5.41 -24.11 -1.18
CA LEU F 71 5.27 -23.84 0.25
C LEU F 71 3.90 -23.28 0.55
N VAL F 72 3.52 -22.22 -0.18
CA VAL F 72 2.24 -21.57 0.06
C VAL F 72 1.09 -22.54 -0.24
N ARG F 73 1.24 -23.34 -1.29
CA ARG F 73 0.18 -24.29 -1.64
C ARG F 73 -0.02 -25.33 -0.54
N GLU F 74 1.07 -25.93 -0.05
CA GLU F 74 0.93 -26.94 1.00
C GLU F 74 0.33 -26.34 2.26
N ILE F 75 0.82 -25.16 2.66
CA ILE F 75 0.32 -24.56 3.89
C ILE F 75 -1.09 -24.01 3.70
N ALA F 76 -1.55 -23.85 2.46
CA ALA F 76 -2.94 -23.48 2.25
C ALA F 76 -3.85 -24.70 2.30
N GLN F 77 -3.34 -25.84 1.83
CA GLN F 77 -4.14 -27.06 1.86
C GLN F 77 -4.50 -27.49 3.28
N ASP F 78 -3.78 -26.97 4.28
CA ASP F 78 -4.03 -27.41 5.65
C ASP F 78 -5.44 -27.05 6.10
N PHE F 79 -5.91 -25.85 5.76
CA PHE F 79 -7.23 -25.41 6.20
C PHE F 79 -8.32 -26.27 5.58
N LYS F 80 -8.29 -26.42 4.26
CA LYS F 80 -9.18 -27.34 3.56
C LYS F 80 -8.71 -27.49 2.13
N THR F 81 -8.82 -28.70 1.60
CA THR F 81 -8.25 -29.03 0.31
C THR F 81 -9.06 -28.38 -0.81
N ASP F 82 -8.57 -28.58 -2.05
CA ASP F 82 -9.18 -28.03 -3.26
C ASP F 82 -9.27 -26.51 -3.19
N LEU F 83 -8.11 -25.88 -3.05
CA LEU F 83 -7.98 -24.43 -3.05
C LEU F 83 -7.16 -24.00 -4.25
N ARG F 84 -7.73 -23.11 -5.05
CA ARG F 84 -7.06 -22.56 -6.23
C ARG F 84 -6.64 -21.13 -5.97
N PHE F 85 -5.40 -20.81 -6.28
CA PHE F 85 -4.84 -19.49 -6.07
C PHE F 85 -4.36 -18.94 -7.42
N GLN F 86 -4.82 -17.74 -7.76
CA GLN F 86 -4.41 -17.11 -9.00
C GLN F 86 -3.03 -16.48 -8.85
N SER F 87 -2.27 -16.48 -9.96
CA SER F 87 -0.91 -15.96 -9.93
C SER F 87 -0.85 -14.53 -9.41
N SER F 88 -1.88 -13.73 -9.67
CA SER F 88 -1.90 -12.36 -9.14
C SER F 88 -1.74 -12.36 -7.63
N ALA F 89 -2.63 -13.06 -6.93
CA ALA F 89 -2.50 -13.18 -5.48
C ALA F 89 -1.21 -13.88 -5.09
N VAL F 90 -0.67 -14.73 -5.96
CA VAL F 90 0.59 -15.40 -5.65
C VAL F 90 1.73 -14.40 -5.54
N MET F 91 1.88 -13.55 -6.55
CA MET F 91 2.92 -12.52 -6.46
C MET F 91 2.57 -11.49 -5.39
N ALA F 92 1.28 -11.31 -5.10
CA ALA F 92 0.90 -10.42 -4.01
C ALA F 92 1.44 -10.93 -2.67
N LEU F 93 1.18 -12.20 -2.38
CA LEU F 93 1.69 -12.78 -1.13
C LEU F 93 3.21 -12.92 -1.15
N GLN F 94 3.81 -13.08 -2.33
CA GLN F 94 5.26 -13.01 -2.44
C GLN F 94 5.76 -11.63 -2.02
N GLU F 95 5.09 -10.58 -2.50
CA GLU F 95 5.43 -9.23 -2.08
C GLU F 95 5.31 -9.08 -0.58
N ALA F 96 4.23 -9.62 0.00
CA ALA F 96 4.02 -9.50 1.43
C ALA F 96 5.13 -10.19 2.22
N CYS F 97 5.46 -11.43 1.84
CA CYS F 97 6.50 -12.17 2.55
C CYS F 97 7.85 -11.47 2.42
N GLU F 98 8.19 -11.02 1.21
CA GLU F 98 9.49 -10.38 1.02
C GLU F 98 9.58 -9.09 1.81
N ALA F 99 8.50 -8.30 1.82
CA ALA F 99 8.49 -7.06 2.60
C ALA F 99 8.70 -7.37 4.08
N TYR F 100 7.95 -8.35 4.60
CA TYR F 100 8.12 -8.67 6.02
C TYR F 100 9.55 -9.11 6.29
N LEU F 101 10.07 -10.03 5.47
CA LEU F 101 11.38 -10.58 5.79
C LEU F 101 12.47 -9.52 5.71
N VAL F 102 12.40 -8.61 4.73
CA VAL F 102 13.41 -7.58 4.65
C VAL F 102 13.31 -6.65 5.85
N GLY F 103 12.09 -6.32 6.27
CA GLY F 103 11.95 -5.47 7.45
C GLY F 103 12.48 -6.12 8.71
N LEU F 104 12.12 -7.38 8.94
CA LEU F 104 12.59 -8.06 10.13
C LEU F 104 14.11 -8.24 10.09
N PHE F 105 14.65 -8.59 8.93
CA PHE F 105 16.10 -8.75 8.81
C PHE F 105 16.82 -7.45 9.08
N GLU F 106 16.29 -6.34 8.58
CA GLU F 106 16.87 -5.03 8.84
C GLU F 106 16.86 -4.73 10.34
N ASP F 107 15.73 -5.00 11.00
CA ASP F 107 15.67 -4.70 12.43
C ASP F 107 16.56 -5.64 13.23
N THR F 108 16.75 -6.88 12.74
CA THR F 108 17.68 -7.79 13.37
C THR F 108 19.11 -7.28 13.25
N ASN F 109 19.48 -6.77 12.08
CA ASN F 109 20.79 -6.14 11.94
C ASN F 109 20.94 -4.97 12.90
N LEU F 110 19.87 -4.17 13.02
CA LEU F 110 19.89 -3.04 13.94
C LEU F 110 20.17 -3.49 15.36
N CYS F 111 19.34 -4.40 15.88
CA CYS F 111 19.53 -4.90 17.24
C CYS F 111 20.79 -5.75 17.38
N ALA F 112 21.36 -6.21 16.28
CA ALA F 112 22.59 -6.99 16.35
C ALA F 112 23.80 -6.09 16.56
N ILE F 113 23.96 -5.06 15.71
CA ILE F 113 25.01 -4.08 15.98
C ILE F 113 24.73 -3.40 17.31
N HIS F 114 23.45 -3.28 17.69
CA HIS F 114 23.07 -2.92 19.04
C HIS F 114 23.67 -3.86 20.07
N ALA F 115 23.56 -5.16 19.83
CA ALA F 115 24.12 -6.16 20.73
C ALA F 115 25.65 -6.16 20.72
N LYS F 116 26.26 -5.29 19.92
CA LYS F 116 27.71 -5.13 19.87
C LYS F 116 28.41 -6.42 19.48
N ARG F 117 27.70 -7.25 18.71
CA ARG F 117 28.31 -8.41 18.05
C ARG F 117 27.97 -8.32 16.56
N VAL F 118 28.97 -8.59 15.72
CA VAL F 118 28.75 -8.52 14.28
C VAL F 118 27.89 -9.68 13.80
N THR F 119 28.10 -10.87 14.34
CA THR F 119 27.37 -12.06 13.90
C THR F 119 25.95 -12.02 14.45
N ILE F 120 25.04 -12.65 13.71
CA ILE F 120 23.62 -12.60 14.05
C ILE F 120 23.28 -13.70 15.05
N MET F 121 22.35 -13.43 15.94
CA MET F 121 21.91 -14.35 16.97
C MET F 121 20.38 -14.41 17.01
N PRO F 122 19.80 -15.59 17.18
CA PRO F 122 18.33 -15.68 17.28
C PRO F 122 17.74 -14.86 18.40
N LYS F 123 18.45 -14.70 19.52
CA LYS F 123 17.94 -13.95 20.65
C LYS F 123 17.49 -12.56 20.19
N ASP F 124 18.25 -11.97 19.26
CA ASP F 124 17.80 -10.76 18.60
C ASP F 124 16.42 -10.96 17.97
N ILE F 125 16.22 -12.10 17.33
CA ILE F 125 14.95 -12.38 16.66
C ILE F 125 13.81 -12.40 17.66
N GLN F 126 13.91 -13.25 18.70
CA GLN F 126 12.83 -13.31 19.68
C GLN F 126 12.62 -11.97 20.37
N LEU F 127 13.71 -11.22 20.59
CA LEU F 127 13.55 -9.86 21.08
C LEU F 127 12.61 -9.07 20.18
N ALA F 128 12.96 -8.99 18.91
CA ALA F 128 12.14 -8.25 17.94
C ALA F 128 10.69 -8.69 17.97
N ARG F 129 10.46 -10.00 18.03
CA ARG F 129 9.10 -10.51 18.18
C ARG F 129 8.39 -9.91 19.39
N ARG F 130 9.02 -9.99 20.55
CA ARG F 130 8.35 -9.52 21.75
C ARG F 130 8.06 -8.02 21.67
N ILE F 131 9.00 -7.24 21.14
CA ILE F 131 8.70 -5.83 20.90
C ILE F 131 7.69 -5.67 19.77
N ARG F 132 7.83 -6.42 18.68
CA ARG F 132 6.84 -6.19 17.64
C ARG F 132 5.48 -6.80 17.95
N GLY F 133 5.26 -7.27 19.18
CA GLY F 133 3.97 -7.81 19.58
C GLY F 133 3.70 -9.22 19.11
N GLU F 134 4.73 -9.95 18.69
CA GLU F 134 4.53 -11.28 18.12
C GLU F 134 4.05 -12.29 19.18
N ARG F 135 4.69 -12.32 20.34
CA ARG F 135 4.21 -13.21 21.41
C ARG F 135 4.12 -12.44 22.72
N ASN G 26 8.76 -29.60 0.69
CA ASN G 26 7.86 -28.66 1.35
C ASN G 26 8.58 -27.69 2.28
N ILE G 27 8.24 -27.69 3.59
CA ILE G 27 8.68 -26.64 4.52
C ILE G 27 10.14 -26.27 4.36
N GLN G 28 11.00 -27.24 4.03
CA GLN G 28 12.39 -26.84 3.80
C GLN G 28 12.58 -26.06 2.50
N GLY G 29 11.51 -25.64 1.81
CA GLY G 29 11.65 -24.89 0.58
C GLY G 29 12.33 -23.54 0.76
N ILE G 30 12.46 -23.06 1.98
CA ILE G 30 13.16 -21.80 2.25
C ILE G 30 14.65 -22.10 2.14
N THR G 31 15.20 -21.94 0.95
CA THR G 31 16.52 -22.48 0.63
C THR G 31 17.61 -21.72 1.38
N LYS G 32 18.62 -22.47 1.84
CA LYS G 32 19.67 -21.90 2.69
C LYS G 32 20.42 -20.76 2.03
N PRO G 33 21.01 -20.90 0.83
CA PRO G 33 21.62 -19.72 0.19
C PRO G 33 20.60 -18.68 -0.25
N ALA G 34 19.35 -19.07 -0.47
CA ALA G 34 18.32 -18.06 -0.68
C ALA G 34 18.13 -17.21 0.57
N ILE G 35 18.11 -17.86 1.74
CA ILE G 35 18.13 -17.12 2.99
C ILE G 35 19.35 -16.22 3.05
N ARG G 36 20.49 -16.74 2.60
CA ARG G 36 21.73 -15.95 2.61
C ARG G 36 21.59 -14.68 1.78
N ARG G 37 21.05 -14.80 0.57
CA ARG G 37 20.95 -13.63 -0.31
C ARG G 37 19.88 -12.65 0.17
N LEU G 38 18.79 -13.17 0.75
CA LEU G 38 17.81 -12.26 1.31
C LEU G 38 18.37 -11.51 2.51
N ALA G 39 19.18 -12.20 3.33
CA ALA G 39 19.91 -11.51 4.39
C ALA G 39 20.88 -10.48 3.81
N ARG G 40 21.53 -10.82 2.70
CA ARG G 40 22.40 -9.86 2.02
C ARG G 40 21.64 -8.59 1.70
N ARG G 41 20.49 -8.74 1.04
CA ARG G 41 19.64 -7.58 0.77
C ARG G 41 19.18 -6.91 2.05
N GLY G 42 19.12 -7.65 3.16
CA GLY G 42 18.83 -7.06 4.46
C GLY G 42 20.01 -6.42 5.14
N GLY G 43 21.19 -6.47 4.53
CA GLY G 43 22.38 -5.90 5.15
C GLY G 43 22.99 -6.74 6.24
N VAL G 44 22.73 -8.05 6.26
CA VAL G 44 23.27 -8.91 7.30
C VAL G 44 24.75 -9.18 7.04
N LYS G 45 25.53 -9.27 8.10
CA LYS G 45 26.97 -9.43 7.99
C LYS G 45 27.38 -10.90 8.02
N ARG G 46 27.08 -11.61 9.10
CA ARG G 46 27.52 -12.98 9.29
C ARG G 46 26.34 -13.83 9.77
N ILE G 47 26.21 -15.03 9.22
CA ILE G 47 25.01 -15.83 9.32
C ILE G 47 25.35 -17.22 9.86
N SER G 48 24.52 -17.71 10.77
CA SER G 48 24.70 -19.03 11.37
C SER G 48 23.61 -19.99 10.90
N GLY G 49 23.81 -21.27 11.17
CA GLY G 49 22.96 -22.31 10.59
C GLY G 49 21.53 -22.26 11.10
N LEU G 50 21.36 -22.12 12.42
CA LEU G 50 20.03 -22.26 13.03
C LEU G 50 19.07 -21.18 12.55
N ILE G 51 19.61 -20.05 12.06
CA ILE G 51 18.78 -19.06 11.41
C ILE G 51 18.07 -19.67 10.20
N TYR G 52 18.75 -20.59 9.50
CA TYR G 52 18.24 -21.07 8.23
C TYR G 52 16.94 -21.85 8.37
N GLU G 53 16.57 -22.25 9.59
CA GLU G 53 15.27 -22.84 9.83
C GLU G 53 14.39 -22.06 10.80
N GLU G 54 14.95 -21.22 11.67
CA GLU G 54 14.07 -20.33 12.40
C GLU G 54 13.43 -19.31 11.46
N THR G 55 14.07 -19.04 10.32
CA THR G 55 13.40 -18.27 9.28
C THR G 55 12.23 -19.04 8.69
N ARG G 56 12.36 -20.36 8.55
CA ARG G 56 11.22 -21.16 8.11
C ARG G 56 10.09 -21.07 9.12
N GLY G 57 10.42 -21.10 10.40
CA GLY G 57 9.40 -20.97 11.43
C GLY G 57 8.66 -19.64 11.36
N VAL G 58 9.41 -18.54 11.30
CA VAL G 58 8.76 -17.23 11.21
C VAL G 58 7.92 -17.13 9.94
N LEU G 59 8.46 -17.55 8.80
CA LEU G 59 7.70 -17.47 7.56
C LEU G 59 6.41 -18.23 7.68
N LYS G 60 6.47 -19.49 8.15
CA LYS G 60 5.28 -20.32 8.18
C LYS G 60 4.23 -19.75 9.14
N VAL G 61 4.65 -19.24 10.30
CA VAL G 61 3.65 -18.77 11.26
C VAL G 61 2.97 -17.49 10.77
N PHE G 62 3.74 -16.50 10.28
CA PHE G 62 3.09 -15.28 9.80
C PHE G 62 2.30 -15.50 8.52
N LEU G 63 2.76 -16.38 7.63
CA LEU G 63 1.89 -16.67 6.50
C LEU G 63 0.63 -17.38 6.95
N GLU G 64 0.71 -18.28 7.93
CA GLU G 64 -0.50 -18.88 8.48
C GLU G 64 -1.46 -17.77 8.90
N ASN G 65 -0.97 -16.80 9.66
CA ASN G 65 -1.83 -15.71 10.12
C ASN G 65 -2.42 -14.94 8.94
N VAL G 66 -1.58 -14.54 7.99
CA VAL G 66 -2.02 -13.55 7.00
C VAL G 66 -2.94 -14.21 5.98
N ILE G 67 -2.60 -15.41 5.53
CA ILE G 67 -3.56 -16.14 4.69
C ILE G 67 -4.79 -16.55 5.48
N ARG G 68 -4.72 -16.66 6.81
CA ARG G 68 -5.94 -16.87 7.58
C ARG G 68 -6.91 -15.70 7.40
N ASP G 69 -6.48 -14.50 7.80
CA ASP G 69 -7.43 -13.40 7.64
C ASP G 69 -7.69 -13.07 6.17
N ALA G 70 -6.77 -13.44 5.27
CA ALA G 70 -7.01 -13.22 3.85
C ALA G 70 -8.13 -14.12 3.33
N VAL G 71 -8.10 -15.40 3.70
CA VAL G 71 -9.18 -16.28 3.26
C VAL G 71 -10.49 -15.87 3.90
N THR G 72 -10.45 -15.33 5.12
CA THR G 72 -11.68 -14.78 5.69
C THR G 72 -12.20 -13.61 4.87
N TYR G 73 -11.31 -12.67 4.50
CA TYR G 73 -11.72 -11.52 3.71
C TYR G 73 -12.31 -11.95 2.37
N THR G 74 -11.69 -12.94 1.72
CA THR G 74 -12.21 -13.41 0.44
C THR G 74 -13.49 -14.22 0.62
N GLU G 75 -13.70 -14.82 1.79
CA GLU G 75 -14.99 -15.45 2.07
C GLU G 75 -16.09 -14.40 2.22
N HIS G 76 -15.74 -13.23 2.74
CA HIS G 76 -16.72 -12.13 2.73
C HIS G 76 -17.16 -11.78 1.34
N ALA G 77 -16.24 -11.81 0.36
CA ALA G 77 -16.60 -11.51 -1.02
C ALA G 77 -17.34 -12.65 -1.70
N LYS G 78 -17.69 -13.71 -0.98
CA LYS G 78 -18.32 -14.90 -1.57
C LYS G 78 -17.44 -15.49 -2.66
N ARG G 79 -16.14 -15.25 -2.56
CA ARG G 79 -15.18 -15.62 -3.58
C ARG G 79 -14.35 -16.79 -3.08
N LYS G 80 -14.16 -17.79 -3.94
CA LYS G 80 -13.41 -18.99 -3.58
C LYS G 80 -11.91 -18.86 -3.82
N THR G 81 -11.44 -17.71 -4.29
CA THR G 81 -10.02 -17.47 -4.52
C THR G 81 -9.60 -16.20 -3.81
N VAL G 82 -8.43 -16.24 -3.15
CA VAL G 82 -7.92 -15.06 -2.46
C VAL G 82 -7.48 -14.04 -3.50
N THR G 83 -7.41 -12.78 -3.08
CA THR G 83 -7.02 -11.68 -3.94
C THR G 83 -5.91 -10.85 -3.29
N ALA G 84 -5.25 -10.04 -4.12
CA ALA G 84 -4.30 -9.07 -3.60
C ALA G 84 -4.97 -8.08 -2.65
N MET G 85 -6.25 -7.80 -2.86
CA MET G 85 -7.02 -6.98 -1.94
C MET G 85 -7.01 -7.58 -0.54
N ASP G 86 -7.25 -8.89 -0.44
CA ASP G 86 -7.17 -9.56 0.85
C ASP G 86 -5.79 -9.42 1.45
N VAL G 87 -4.75 -9.60 0.62
CA VAL G 87 -3.38 -9.50 1.11
C VAL G 87 -3.11 -8.12 1.67
N VAL G 88 -3.50 -7.08 0.95
CA VAL G 88 -3.17 -5.72 1.37
C VAL G 88 -3.94 -5.37 2.65
N TYR G 89 -5.20 -5.82 2.76
CA TYR G 89 -5.92 -5.61 4.01
C TYR G 89 -5.26 -6.36 5.16
N ALA G 90 -4.74 -7.56 4.90
CA ALA G 90 -3.99 -8.28 5.92
C ALA G 90 -2.78 -7.49 6.37
N LEU G 91 -2.07 -6.87 5.42
CA LEU G 91 -0.93 -6.04 5.79
C LEU G 91 -1.36 -4.83 6.61
N LYS G 92 -2.48 -4.20 6.27
CA LYS G 92 -2.97 -3.12 7.14
C LYS G 92 -3.23 -3.63 8.55
N ARG G 93 -3.89 -4.78 8.66
CA ARG G 93 -4.18 -5.33 9.98
C ARG G 93 -2.92 -5.73 10.74
N GLN G 94 -1.84 -6.06 10.04
CA GLN G 94 -0.56 -6.36 10.66
C GLN G 94 0.37 -5.17 10.73
N GLY G 95 -0.06 -4.00 10.25
CA GLY G 95 0.75 -2.80 10.34
C GLY G 95 2.00 -2.79 9.50
N ARG G 96 1.96 -3.36 8.31
CA ARG G 96 3.08 -3.33 7.37
C ARG G 96 2.56 -3.00 5.96
N THR G 97 1.76 -1.93 5.88
CA THR G 97 1.11 -1.55 4.64
C THR G 97 2.14 -1.22 3.57
N LEU G 98 2.11 -1.97 2.46
CA LEU G 98 2.99 -1.74 1.32
C LEU G 98 2.54 -2.63 0.16
N GLU H 60 -2.59 2.62 39.03
CA GLU H 60 -3.35 3.82 39.32
C GLU H 60 -2.54 5.07 39.01
N LEU H 61 -3.04 6.23 39.47
CA LEU H 61 -2.38 7.49 39.18
C LEU H 61 -1.15 7.68 40.07
N LEU H 62 -0.03 8.01 39.44
CA LEU H 62 1.20 8.38 40.15
C LEU H 62 1.80 9.68 39.62
N ILE H 63 1.05 10.43 38.82
CA ILE H 63 1.50 11.69 38.25
C ILE H 63 0.56 12.79 38.70
N ARG H 64 1.15 13.91 39.14
CA ARG H 64 0.36 14.99 39.71
C ARG H 64 -0.45 15.69 38.62
N LYS H 65 -1.70 16.02 38.96
CA LYS H 65 -2.61 16.57 37.97
C LYS H 65 -2.16 17.95 37.49
N LEU H 66 -1.72 18.81 38.40
CA LEU H 66 -1.44 20.20 38.03
C LEU H 66 -0.30 20.37 37.05
N PRO H 67 0.86 19.70 37.19
CA PRO H 67 1.89 19.86 36.15
C PRO H 67 1.43 19.41 34.77
N PHE H 68 0.69 18.29 34.71
CA PHE H 68 0.15 17.82 33.44
C PHE H 68 -0.82 18.85 32.85
N GLN H 69 -1.71 19.38 33.68
CA GLN H 69 -2.68 20.36 33.20
C GLN H 69 -1.98 21.63 32.74
N ARG H 70 -0.92 22.04 33.44
CA ARG H 70 -0.27 23.30 33.08
C ARG H 70 0.54 23.16 31.81
N LEU H 71 1.16 21.99 31.58
CA LEU H 71 1.82 21.79 30.29
C LEU H 71 0.80 21.66 29.16
N VAL H 72 -0.37 21.08 29.45
CA VAL H 72 -1.45 21.03 28.46
C VAL H 72 -1.90 22.43 28.09
N ARG H 73 -2.09 23.30 29.10
CA ARG H 73 -2.46 24.69 28.83
C ARG H 73 -1.33 25.42 28.10
N GLU H 74 -0.09 25.09 28.41
CA GLU H 74 1.05 25.70 27.72
C GLU H 74 0.99 25.39 26.23
N ILE H 75 0.85 24.11 25.88
CA ILE H 75 0.79 23.77 24.46
C ILE H 75 -0.48 24.32 23.82
N ALA H 76 -1.57 24.39 24.56
CA ALA H 76 -2.81 24.95 24.02
C ALA H 76 -2.63 26.42 23.65
N GLN H 77 -2.09 27.22 24.58
CA GLN H 77 -1.87 28.63 24.30
C GLN H 77 -0.79 28.82 23.24
N ASP H 78 0.12 27.86 23.10
CA ASP H 78 1.03 27.88 21.96
C ASP H 78 0.26 27.71 20.66
N PHE H 79 -0.74 26.82 20.64
CA PHE H 79 -1.54 26.58 19.43
C PHE H 79 -2.63 27.64 19.27
N LYS H 80 -3.56 27.70 20.22
CA LYS H 80 -4.69 28.62 20.13
C LYS H 80 -5.33 28.75 21.50
N THR H 81 -5.64 29.99 21.88
CA THR H 81 -6.19 30.28 23.20
C THR H 81 -7.67 29.91 23.26
N ASP H 82 -8.24 30.05 24.47
CA ASP H 82 -9.66 29.79 24.71
C ASP H 82 -10.06 28.37 24.31
N LEU H 83 -9.24 27.40 24.68
CA LEU H 83 -9.53 25.98 24.50
C LEU H 83 -9.63 25.37 25.90
N ARG H 84 -10.84 25.36 26.43
CA ARG H 84 -11.08 24.88 27.79
C ARG H 84 -10.94 23.35 27.83
N PHE H 85 -10.39 22.85 28.94
CA PHE H 85 -10.19 21.42 29.14
C PHE H 85 -11.02 20.97 30.33
N GLN H 86 -11.81 19.92 30.13
CA GLN H 86 -12.69 19.39 31.16
C GLN H 86 -11.95 18.34 31.98
N SER H 87 -12.33 18.24 33.26
CA SER H 87 -11.61 17.38 34.20
C SER H 87 -11.66 15.91 33.77
N SER H 88 -12.84 15.44 33.34
CA SER H 88 -12.97 14.04 32.97
C SER H 88 -12.09 13.71 31.76
N ALA H 89 -12.14 14.56 30.73
CA ALA H 89 -11.30 14.34 29.56
C ALA H 89 -9.82 14.44 29.92
N VAL H 90 -9.47 15.38 30.79
CA VAL H 90 -8.07 15.55 31.19
C VAL H 90 -7.58 14.30 31.90
N MET H 91 -8.36 13.76 32.83
CA MET H 91 -7.91 12.58 33.57
C MET H 91 -7.87 11.34 32.68
N ALA H 92 -8.84 11.22 31.76
CA ALA H 92 -8.82 10.09 30.83
C ALA H 92 -7.59 10.14 29.94
N LEU H 93 -7.28 11.32 29.40
CA LEU H 93 -6.10 11.45 28.55
C LEU H 93 -4.84 11.21 29.36
N GLN H 94 -4.82 11.66 30.62
CA GLN H 94 -3.64 11.45 31.48
C GLN H 94 -3.42 9.97 31.76
N GLU H 95 -4.49 9.23 32.04
CA GLU H 95 -4.31 7.81 32.34
C GLU H 95 -3.91 7.04 31.09
N ALA H 96 -4.46 7.40 29.93
CA ALA H 96 -3.98 6.80 28.68
C ALA H 96 -2.51 7.14 28.46
N CYS H 97 -2.12 8.36 28.79
CA CYS H 97 -0.73 8.78 28.71
C CYS H 97 0.17 7.88 29.55
N GLU H 98 -0.20 7.68 30.82
CA GLU H 98 0.60 6.83 31.70
C GLU H 98 0.65 5.42 31.17
N ALA H 99 -0.48 4.89 30.70
CA ALA H 99 -0.51 3.53 30.18
C ALA H 99 0.46 3.37 29.00
N TYR H 100 0.41 4.29 28.04
CA TYR H 100 1.28 4.16 26.88
C TYR H 100 2.74 4.27 27.27
N LEU H 101 3.06 5.26 28.13
CA LEU H 101 4.47 5.47 28.47
C LEU H 101 5.01 4.27 29.23
N VAL H 102 4.24 3.71 30.16
CA VAL H 102 4.72 2.54 30.88
C VAL H 102 4.84 1.36 29.93
N GLY H 103 3.95 1.28 28.92
CA GLY H 103 4.03 0.19 27.97
C GLY H 103 5.33 0.19 27.19
N LEU H 104 5.66 1.33 26.57
CA LEU H 104 6.98 1.46 25.97
C LEU H 104 8.09 1.31 27.00
N PHE H 105 7.82 1.65 28.26
CA PHE H 105 8.87 1.51 29.25
C PHE H 105 9.26 0.06 29.47
N GLU H 106 8.29 -0.84 29.67
CA GLU H 106 8.75 -2.22 29.87
C GLU H 106 9.13 -2.85 28.53
N ASP H 107 8.65 -2.29 27.42
CA ASP H 107 9.20 -2.65 26.12
C ASP H 107 10.71 -2.45 26.12
N THR H 108 11.15 -1.26 26.50
CA THR H 108 12.57 -0.96 26.59
C THR H 108 13.25 -1.81 27.65
N ASN H 109 12.53 -2.12 28.74
CA ASN H 109 13.09 -2.98 29.77
C ASN H 109 13.46 -4.34 29.20
N LEU H 110 12.54 -4.96 28.47
CA LEU H 110 12.84 -6.24 27.82
C LEU H 110 13.96 -6.09 26.81
N CYS H 111 13.98 -4.98 26.07
CA CYS H 111 15.09 -4.71 25.17
C CYS H 111 16.42 -4.76 25.91
N ALA H 112 16.50 -4.07 27.05
CA ALA H 112 17.72 -4.07 27.85
C ALA H 112 18.02 -5.46 28.38
N ILE H 113 16.98 -6.23 28.71
CA ILE H 113 17.18 -7.60 29.17
C ILE H 113 17.89 -8.42 28.11
N HIS H 114 17.50 -8.26 26.84
CA HIS H 114 18.27 -8.86 25.77
C HIS H 114 19.67 -8.25 25.70
N ALA H 115 19.77 -6.95 25.98
CA ALA H 115 21.06 -6.27 25.93
C ALA H 115 22.01 -6.74 27.01
N LYS H 116 21.59 -7.75 27.76
CA LYS H 116 22.42 -8.43 28.77
C LYS H 116 23.18 -7.44 29.64
N ARG H 117 22.55 -6.29 29.92
CA ARG H 117 23.10 -5.29 30.80
C ARG H 117 21.95 -4.71 31.61
N VAL H 118 21.95 -4.98 32.91
CA VAL H 118 20.78 -4.67 33.74
C VAL H 118 20.52 -3.16 33.74
N THR H 119 21.57 -2.35 33.75
CA THR H 119 21.39 -0.92 33.64
C THR H 119 20.96 -0.56 32.23
N ILE H 120 20.13 0.48 32.13
CA ILE H 120 19.53 0.89 30.86
C ILE H 120 20.23 2.14 30.35
N MET H 121 20.26 2.27 29.03
CA MET H 121 20.81 3.45 28.37
C MET H 121 19.89 3.79 27.20
N PRO H 122 19.52 5.06 27.01
CA PRO H 122 18.36 5.37 26.15
C PRO H 122 18.54 5.06 24.68
N LYS H 123 19.76 4.87 24.18
CA LYS H 123 19.91 4.53 22.76
C LYS H 123 19.16 3.24 22.43
N ASP H 124 19.08 2.33 23.40
CA ASP H 124 18.23 1.15 23.25
C ASP H 124 16.78 1.56 23.05
N ILE H 125 16.34 2.57 23.80
CA ILE H 125 14.98 3.05 23.68
C ILE H 125 14.78 3.62 22.27
N GLN H 126 15.80 4.27 21.73
CA GLN H 126 15.70 4.83 20.38
C GLN H 126 15.69 3.74 19.32
N LEU H 127 16.37 2.61 19.58
CA LEU H 127 16.17 1.43 18.75
C LEU H 127 14.71 1.03 18.75
N ALA H 128 14.11 0.97 19.94
CA ALA H 128 12.69 0.64 20.04
C ALA H 128 11.84 1.64 19.26
N ARG H 129 12.20 2.92 19.29
CA ARG H 129 11.50 3.94 18.53
C ARG H 129 11.48 3.60 17.05
N ARG H 130 12.67 3.34 16.48
CA ARG H 130 12.70 3.01 15.06
C ARG H 130 12.12 1.62 14.76
N ILE H 131 11.98 0.77 15.79
CA ILE H 131 11.16 -0.42 15.64
C ILE H 131 9.70 -0.04 15.44
N ARG H 132 9.20 0.88 16.27
CA ARG H 132 7.88 1.46 16.06
C ARG H 132 7.80 2.33 14.82
N GLY H 133 8.91 2.90 14.36
CA GLY H 133 8.88 3.76 13.20
C GLY H 133 8.17 5.08 13.44
N GLU H 134 8.10 5.52 14.70
CA GLU H 134 7.47 6.80 15.02
C GLU H 134 8.23 7.96 14.38
N ARG H 135 9.55 7.93 14.46
CA ARG H 135 10.41 8.95 13.84
C ARG H 135 11.70 8.33 13.32
N ILE I 27 6.22 21.75 30.39
CA ILE I 27 6.83 20.53 29.87
C ILE I 27 7.76 19.96 30.93
N GLN I 28 8.37 20.85 31.72
CA GLN I 28 9.16 20.43 32.86
C GLN I 28 8.31 19.70 33.90
N GLY I 29 6.99 19.84 33.84
CA GLY I 29 6.10 19.33 34.86
C GLY I 29 6.18 17.83 35.08
N ILE I 30 6.68 17.08 34.11
CA ILE I 30 6.87 15.65 34.31
C ILE I 30 8.09 15.49 35.21
N THR I 31 7.86 15.31 36.51
CA THR I 31 8.94 15.30 37.48
C THR I 31 9.77 14.03 37.36
N LYS I 32 11.09 14.20 37.44
CA LYS I 32 12.00 13.07 37.32
C LYS I 32 11.80 12.00 38.40
N PRO I 33 11.60 12.33 39.68
CA PRO I 33 11.28 11.26 40.64
C PRO I 33 10.02 10.49 40.31
N ALA I 34 9.02 11.14 39.71
CA ALA I 34 7.87 10.40 39.21
C ALA I 34 8.30 9.40 38.14
N ILE I 35 9.19 9.83 37.24
CA ILE I 35 9.75 8.94 36.24
C ILE I 35 10.42 7.75 36.91
N ARG I 36 11.18 8.01 37.99
CA ARG I 36 11.92 6.94 38.64
C ARG I 36 11.00 5.97 39.36
N ARG I 37 9.93 6.46 39.99
CA ARG I 37 9.02 5.53 40.66
C ARG I 37 8.19 4.73 39.66
N LEU I 38 7.79 5.37 38.56
CA LEU I 38 7.16 4.60 37.48
C LEU I 38 8.13 3.58 36.89
N ALA I 39 9.42 3.91 36.86
CA ALA I 39 10.44 2.94 36.45
C ALA I 39 10.50 1.78 37.42
N ARG I 40 10.49 2.08 38.72
CA ARG I 40 10.49 1.03 39.73
C ARG I 40 9.28 0.12 39.56
N ARG I 41 8.13 0.69 39.20
CA ARG I 41 6.98 -0.14 38.83
C ARG I 41 7.28 -0.96 37.57
N GLY I 42 8.02 -0.38 36.63
CA GLY I 42 8.34 -1.08 35.40
C GLY I 42 9.33 -2.22 35.54
N GLY I 43 9.86 -2.44 36.74
CA GLY I 43 10.71 -3.58 36.99
C GLY I 43 12.17 -3.37 36.71
N VAL I 44 12.59 -2.15 36.37
CA VAL I 44 14.01 -1.89 36.14
C VAL I 44 14.73 -1.77 37.47
N LYS I 45 16.06 -1.89 37.44
CA LYS I 45 16.87 -1.84 38.65
C LYS I 45 17.80 -0.64 38.71
N ARG I 46 18.63 -0.43 37.68
CA ARG I 46 19.53 0.71 37.63
C ARG I 46 19.25 1.51 36.36
N ILE I 47 19.12 2.82 36.51
CA ILE I 47 18.62 3.69 35.44
C ILE I 47 19.64 4.79 35.19
N SER I 48 19.98 5.00 33.92
CA SER I 48 20.87 6.08 33.54
C SER I 48 20.16 7.43 33.70
N GLY I 49 20.92 8.47 34.05
CA GLY I 49 20.31 9.75 34.34
C GLY I 49 19.63 10.39 33.15
N LEU I 50 20.24 10.30 31.97
CA LEU I 50 19.75 10.99 30.77
C LEU I 50 18.44 10.40 30.25
N ILE I 51 17.85 9.48 31.02
CA ILE I 51 16.58 8.87 30.65
C ILE I 51 15.47 9.90 30.51
N TYR I 52 15.46 10.91 31.40
CA TYR I 52 14.28 11.74 31.62
C TYR I 52 13.91 12.54 30.38
N GLU I 53 14.91 13.16 29.75
CA GLU I 53 14.62 14.09 28.66
C GLU I 53 13.99 13.38 27.46
N GLU I 54 14.53 12.22 27.08
CA GLU I 54 13.95 11.51 25.94
C GLU I 54 12.61 10.89 26.31
N THR I 55 12.44 10.46 27.57
CA THR I 55 11.11 10.01 27.98
C THR I 55 10.09 11.11 27.84
N ARG I 56 10.42 12.32 28.29
CA ARG I 56 9.49 13.44 28.13
C ARG I 56 9.24 13.76 26.66
N GLY I 57 10.29 13.70 25.82
CA GLY I 57 10.11 14.03 24.42
C GLY I 57 9.15 13.09 23.72
N VAL I 58 9.34 11.78 23.93
CA VAL I 58 8.42 10.85 23.26
C VAL I 58 7.10 10.78 24.00
N LEU I 59 7.04 11.30 25.22
CA LEU I 59 5.74 11.53 25.83
C LEU I 59 4.97 12.58 25.04
N LYS I 60 5.59 13.73 24.82
CA LYS I 60 4.88 14.82 24.17
C LYS I 60 4.61 14.57 22.70
N VAL I 61 5.43 13.75 22.01
CA VAL I 61 5.11 13.52 20.60
C VAL I 61 3.77 12.81 20.47
N PHE I 62 3.54 11.78 21.30
CA PHE I 62 2.26 11.09 21.29
C PHE I 62 1.16 11.96 21.87
N LEU I 63 1.48 12.79 22.86
CA LEU I 63 0.49 13.78 23.29
C LEU I 63 0.02 14.64 22.12
N GLU I 64 0.96 15.09 21.29
CA GLU I 64 0.62 15.91 20.14
C GLU I 64 -0.20 15.13 19.13
N ASN I 65 0.18 13.89 18.85
CA ASN I 65 -0.59 13.09 17.89
C ASN I 65 -2.02 12.90 18.37
N VAL I 66 -2.19 12.57 19.64
CA VAL I 66 -3.53 12.31 20.17
C VAL I 66 -4.36 13.59 20.18
N ILE I 67 -3.78 14.71 20.59
CA ILE I 67 -4.56 15.95 20.60
C ILE I 67 -4.89 16.38 19.18
N ARG I 68 -3.99 16.11 18.23
CA ARG I 68 -4.29 16.43 16.83
C ARG I 68 -5.48 15.60 16.33
N ASP I 69 -5.48 14.30 16.60
CA ASP I 69 -6.63 13.48 16.20
C ASP I 69 -7.89 13.91 16.93
N ALA I 70 -7.74 14.29 18.20
CA ALA I 70 -8.88 14.73 19.01
C ALA I 70 -9.52 15.97 18.40
N VAL I 71 -8.71 16.98 18.09
CA VAL I 71 -9.26 18.20 17.51
C VAL I 71 -9.75 17.93 16.09
N THR I 72 -9.14 16.97 15.38
CA THR I 72 -9.64 16.61 14.05
C THR I 72 -11.07 16.08 14.13
N TYR I 73 -11.34 15.19 15.08
CA TYR I 73 -12.71 14.74 15.27
C TYR I 73 -13.60 15.85 15.84
N THR I 74 -13.03 16.70 16.70
CA THR I 74 -13.82 17.72 17.39
C THR I 74 -14.33 18.78 16.41
N GLU I 75 -13.50 19.19 15.46
CA GLU I 75 -13.93 20.20 14.51
C GLU I 75 -15.01 19.67 13.58
N HIS I 76 -14.91 18.39 13.20
CA HIS I 76 -16.02 17.76 12.50
C HIS I 76 -17.26 17.70 13.37
N ALA I 77 -17.08 17.55 14.68
CA ALA I 77 -18.18 17.63 15.63
C ALA I 77 -18.59 19.07 15.93
N LYS I 78 -17.89 20.06 15.38
CA LYS I 78 -18.19 21.48 15.59
C LYS I 78 -18.16 21.84 17.07
N ARG I 79 -17.16 21.31 17.78
CA ARG I 79 -17.01 21.54 19.21
C ARG I 79 -15.64 22.15 19.50
N LYS I 80 -15.49 22.71 20.70
CA LYS I 80 -14.27 23.36 21.12
C LYS I 80 -13.61 22.71 22.34
N THR I 81 -14.27 21.76 22.99
CA THR I 81 -13.80 21.18 24.24
C THR I 81 -13.44 19.72 24.03
N VAL I 82 -12.31 19.30 24.63
CA VAL I 82 -11.89 17.92 24.52
C VAL I 82 -12.87 17.00 25.24
N THR I 83 -13.01 15.78 24.72
CA THR I 83 -13.98 14.83 25.22
C THR I 83 -13.38 13.43 25.16
N ALA I 84 -13.87 12.54 26.03
CA ALA I 84 -13.35 11.18 26.09
C ALA I 84 -13.56 10.43 24.77
N MET I 85 -14.60 10.79 24.02
CA MET I 85 -14.80 10.17 22.71
C MET I 85 -13.61 10.41 21.80
N ASP I 86 -13.00 11.60 21.90
CA ASP I 86 -11.82 11.91 21.10
C ASP I 86 -10.67 10.96 21.42
N VAL I 87 -10.40 10.74 22.71
CA VAL I 87 -9.28 9.87 23.04
C VAL I 87 -9.62 8.42 22.71
N VAL I 88 -10.89 8.03 22.80
CA VAL I 88 -11.27 6.68 22.39
C VAL I 88 -11.00 6.48 20.90
N TYR I 89 -11.36 7.47 20.09
CA TYR I 89 -11.06 7.39 18.67
C TYR I 89 -9.56 7.42 18.40
N ALA I 90 -8.80 8.13 19.24
CA ALA I 90 -7.35 8.09 19.13
C ALA I 90 -6.82 6.69 19.41
N LEU I 91 -7.35 6.03 20.44
CA LEU I 91 -7.02 4.63 20.70
C LEU I 91 -7.34 3.75 19.50
N LYS I 92 -8.52 3.95 18.90
CA LYS I 92 -8.91 3.16 17.73
C LYS I 92 -7.95 3.40 16.57
N ARG I 93 -7.58 4.66 16.33
CA ARG I 93 -6.73 4.98 15.18
C ARG I 93 -5.32 4.43 15.36
N GLN I 94 -4.73 4.61 16.54
CA GLN I 94 -3.36 4.14 16.72
C GLN I 94 -3.30 2.64 16.97
N GLY I 95 -4.43 2.03 17.32
CA GLY I 95 -4.48 0.59 17.53
C GLY I 95 -4.13 0.11 18.91
N ARG I 96 -4.12 0.99 19.91
CA ARG I 96 -3.80 0.63 21.28
C ARG I 96 -5.00 0.19 22.09
N THR I 97 -6.19 0.11 21.48
CA THR I 97 -7.38 -0.34 22.19
C THR I 97 -7.26 -1.81 22.57
N VAL K 680 -29.53 7.20 46.03
CA VAL K 680 -29.36 5.79 45.69
C VAL K 680 -30.65 5.24 45.09
N LEU K 681 -30.56 4.05 44.50
CA LEU K 681 -31.73 3.41 43.92
C LEU K 681 -32.72 3.01 45.00
N GLN K 682 -34.00 3.09 44.68
CA GLN K 682 -35.07 2.68 45.58
C GLN K 682 -35.77 1.47 44.98
N PRO K 683 -35.48 0.25 45.47
CA PRO K 683 -36.03 -0.95 44.83
C PRO K 683 -37.54 -1.05 45.03
N VAL K 684 -38.24 -1.34 43.94
CA VAL K 684 -39.67 -1.59 43.96
C VAL K 684 -39.90 -2.99 43.40
N LYS K 685 -40.36 -3.89 44.24
CA LYS K 685 -40.56 -5.30 43.87
C LYS K 685 -42.03 -5.64 44.01
N ILE K 686 -42.57 -6.33 43.00
CA ILE K 686 -43.96 -6.75 42.97
C ILE K 686 -44.01 -8.27 43.03
N GLY K 687 -44.77 -8.80 43.98
CA GLY K 687 -44.87 -10.24 44.16
C GLY K 687 -45.78 -10.90 43.15
N CYS K 688 -46.08 -12.17 43.41
CA CYS K 688 -46.91 -12.98 42.53
C CYS K 688 -48.36 -12.50 42.64
N VAL K 689 -48.81 -11.76 41.64
CA VAL K 689 -50.20 -11.31 41.55
C VAL K 689 -50.82 -12.02 40.35
N TRP K 690 -51.80 -12.88 40.60
CA TRP K 690 -52.40 -13.68 39.55
C TRP K 690 -53.81 -13.19 39.21
N LEU K 704 -48.56 -3.79 37.52
CA LEU K 704 -48.52 -4.85 36.52
C LEU K 704 -49.52 -4.57 35.40
N GLN K 705 -50.64 -3.93 35.75
CA GLN K 705 -51.65 -3.62 34.75
C GLN K 705 -51.17 -2.60 33.72
N GLN K 706 -50.12 -1.84 34.05
CA GLN K 706 -49.51 -0.95 33.07
C GLN K 706 -48.88 -1.74 31.93
N PHE K 707 -48.54 -3.01 32.16
CA PHE K 707 -47.93 -3.87 31.15
C PHE K 707 -48.94 -4.86 30.58
N ALA K 708 -50.22 -4.47 30.49
CA ALA K 708 -51.26 -5.39 30.04
C ALA K 708 -51.06 -5.76 28.59
N ALA K 709 -51.55 -6.94 28.22
CA ALA K 709 -51.35 -7.44 26.87
C ALA K 709 -52.12 -6.62 25.85
N CYS K 710 -51.50 -6.42 24.68
CA CYS K 710 -52.12 -5.71 23.56
C CYS K 710 -52.01 -6.59 22.33
N PHE K 711 -53.14 -6.78 21.64
CA PHE K 711 -53.17 -7.66 20.48
C PHE K 711 -53.46 -6.88 19.21
N LEU K 712 -53.33 -7.56 18.08
CA LEU K 712 -53.60 -6.97 16.76
C LEU K 712 -54.43 -7.92 15.91
N MET L 1 -41.20 -16.03 44.10
CA MET L 1 -39.81 -16.34 43.79
C MET L 1 -38.87 -15.38 44.53
N LYS L 2 -37.57 -15.65 44.43
CA LYS L 2 -36.56 -14.82 45.06
C LYS L 2 -35.48 -14.48 44.05
N VAL L 3 -34.92 -13.27 44.19
CA VAL L 3 -33.89 -12.77 43.28
C VAL L 3 -32.68 -12.38 44.13
N ILE L 4 -31.51 -12.93 43.78
CA ILE L 4 -30.27 -12.65 44.49
C ILE L 4 -29.27 -12.11 43.48
N THR L 5 -28.67 -10.96 43.80
CA THR L 5 -27.73 -10.29 42.91
C THR L 5 -26.31 -10.49 43.42
N CYS L 6 -25.42 -10.93 42.54
CA CYS L 6 -24.02 -11.15 42.88
C CYS L 6 -23.31 -9.80 42.92
N GLU L 7 -22.88 -9.39 44.12
CA GLU L 7 -22.25 -8.10 44.31
C GLU L 7 -20.73 -8.18 44.35
N ILE L 8 -20.15 -9.34 44.04
CA ILE L 8 -18.71 -9.50 43.93
C ILE L 8 -18.36 -9.62 42.45
N ALA L 9 -17.33 -8.89 42.02
CA ALA L 9 -16.96 -8.85 40.62
C ALA L 9 -16.44 -10.21 40.18
N TRP L 10 -17.12 -10.81 39.21
CA TRP L 10 -16.72 -12.14 38.74
C TRP L 10 -15.42 -12.09 37.95
N HIS L 11 -15.25 -11.07 37.12
CA HIS L 11 -14.10 -10.97 36.22
C HIS L 11 -13.33 -9.68 36.48
N ASN L 12 -13.14 -9.35 37.76
CA ASN L 12 -12.34 -8.21 38.19
C ASN L 12 -12.90 -6.89 37.62
N LYS L 13 -14.16 -6.62 37.93
CA LYS L 13 -14.85 -5.38 37.58
C LYS L 13 -14.90 -5.12 36.09
N GLU L 14 -14.93 -6.18 35.28
CA GLU L 14 -15.11 -5.95 33.85
C GLU L 14 -16.48 -6.43 33.40
N PRO L 15 -17.03 -5.84 32.35
CA PRO L 15 -18.38 -6.22 31.91
C PRO L 15 -18.48 -7.70 31.57
N VAL L 16 -19.61 -8.30 31.94
CA VAL L 16 -19.90 -9.70 31.66
C VAL L 16 -20.68 -9.76 30.35
N TYR L 17 -20.31 -10.71 29.49
CA TYR L 17 -20.88 -10.79 28.16
C TYR L 17 -21.78 -12.00 27.94
N SER L 18 -21.56 -13.10 28.64
CA SER L 18 -22.35 -14.30 28.41
C SER L 18 -22.48 -15.11 29.68
N LEU L 19 -23.49 -15.98 29.70
CA LEU L 19 -23.70 -16.95 30.75
C LEU L 19 -24.31 -18.20 30.14
N ASP L 20 -23.98 -19.35 30.73
CA ASP L 20 -24.52 -20.61 30.24
C ASP L 20 -24.44 -21.66 31.35
N PHE L 21 -25.52 -22.42 31.50
CA PHE L 21 -25.56 -23.52 32.46
C PHE L 21 -25.23 -24.83 31.76
N GLN L 22 -24.70 -25.78 32.52
CA GLN L 22 -24.35 -27.09 31.99
C GLN L 22 -25.65 -27.85 31.67
N HIS L 23 -25.91 -28.06 30.37
CA HIS L 23 -27.07 -28.84 29.98
C HIS L 23 -26.95 -30.30 30.37
N GLY L 24 -25.73 -30.77 30.65
CA GLY L 24 -25.54 -32.13 31.10
C GLY L 24 -25.92 -32.38 32.55
N THR L 25 -26.16 -31.31 33.31
CA THR L 25 -26.59 -31.47 34.70
C THR L 25 -27.98 -32.10 34.76
N ALA L 26 -28.18 -32.99 35.72
CA ALA L 26 -29.45 -33.67 35.89
C ALA L 26 -29.96 -33.66 37.33
N GLY L 27 -29.22 -33.10 38.27
CA GLY L 27 -29.64 -33.08 39.66
C GLY L 27 -30.00 -31.69 40.16
N ARG L 28 -29.65 -31.40 41.40
CA ARG L 28 -29.94 -30.10 42.01
C ARG L 28 -28.83 -29.08 41.78
N ILE L 29 -27.58 -29.51 41.71
CA ILE L 29 -26.45 -28.61 41.50
C ILE L 29 -26.23 -28.44 40.00
N HIS L 30 -26.11 -27.19 39.57
CA HIS L 30 -25.90 -26.86 38.16
C HIS L 30 -24.58 -26.13 38.00
N ARG L 31 -23.95 -26.33 36.85
CA ARG L 31 -22.65 -25.75 36.53
C ARG L 31 -22.85 -24.59 35.56
N LEU L 32 -22.40 -23.40 35.97
CA LEU L 32 -22.57 -22.19 35.19
C LEU L 32 -21.21 -21.69 34.71
N ALA L 33 -21.17 -21.16 33.49
CA ALA L 33 -19.96 -20.61 32.91
C ALA L 33 -20.20 -19.17 32.52
N SER L 34 -19.16 -18.34 32.64
CA SER L 34 -19.26 -16.91 32.39
C SER L 34 -18.17 -16.45 31.44
N ALA L 35 -18.44 -15.36 30.74
CA ALA L 35 -17.49 -14.75 29.81
C ALA L 35 -17.34 -13.28 30.15
N GLY L 36 -16.11 -12.77 30.06
CA GLY L 36 -15.82 -11.39 30.40
C GLY L 36 -14.69 -10.83 29.56
N VAL L 37 -14.39 -9.55 29.79
CA VAL L 37 -13.32 -8.88 29.08
C VAL L 37 -11.95 -9.36 29.54
N ASP L 38 -11.90 -10.06 30.67
CA ASP L 38 -10.62 -10.50 31.25
C ASP L 38 -10.02 -11.66 30.46
N THR L 39 -10.58 -11.95 29.28
CA THR L 39 -10.13 -13.03 28.42
C THR L 39 -10.18 -14.39 29.10
N ASN L 40 -11.00 -14.51 30.14
CA ASN L 40 -11.09 -15.74 30.92
C ASN L 40 -12.53 -16.21 30.96
N VAL L 41 -12.71 -17.52 30.87
CA VAL L 41 -14.02 -18.16 30.98
C VAL L 41 -14.06 -18.86 32.33
N ARG L 42 -14.92 -18.37 33.23
CA ARG L 42 -15.04 -18.91 34.57
C ARG L 42 -16.27 -19.80 34.64
N ILE L 43 -16.07 -21.08 34.94
CA ILE L 43 -17.16 -21.99 35.24
C ILE L 43 -17.41 -21.98 36.75
N TRP L 44 -18.65 -21.72 37.13
CA TRP L 44 -19.05 -21.66 38.52
C TRP L 44 -19.93 -22.84 38.88
N LYS L 45 -20.04 -23.11 40.18
CA LYS L 45 -20.92 -24.14 40.71
C LYS L 45 -22.08 -23.44 41.43
N VAL L 46 -23.29 -23.60 40.89
CA VAL L 46 -24.47 -22.91 41.39
C VAL L 46 -25.41 -23.95 41.99
N GLU L 47 -25.81 -23.72 43.24
CA GLU L 47 -26.72 -24.62 43.93
C GLU L 47 -27.47 -23.83 44.99
N LYS L 48 -28.70 -24.25 45.26
CA LYS L 48 -29.52 -23.58 46.26
C LYS L 48 -28.95 -23.82 47.66
N GLY L 49 -29.03 -22.78 48.49
CA GLY L 49 -28.67 -22.91 49.87
C GLY L 49 -29.77 -23.51 50.71
N PRO L 50 -29.52 -23.64 52.01
CA PRO L 50 -30.56 -24.14 52.91
C PRO L 50 -31.82 -23.29 52.92
N ASP L 51 -31.67 -21.97 52.78
CA ASP L 51 -32.83 -21.07 52.73
C ASP L 51 -33.43 -20.96 51.33
N GLY L 52 -32.79 -21.52 50.31
CA GLY L 52 -33.27 -21.44 48.95
C GLY L 52 -32.60 -20.38 48.10
N LYS L 53 -31.85 -19.46 48.70
CA LYS L 53 -31.16 -18.44 47.94
C LYS L 53 -29.99 -19.05 47.17
N ALA L 54 -29.72 -18.47 45.99
CA ALA L 54 -28.68 -19.00 45.13
C ALA L 54 -27.30 -18.78 45.74
N ILE L 55 -26.44 -19.80 45.63
CA ILE L 55 -25.06 -19.74 46.09
C ILE L 55 -24.16 -20.11 44.92
N VAL L 56 -23.10 -19.32 44.72
CA VAL L 56 -22.21 -19.47 43.58
C VAL L 56 -20.84 -19.90 44.10
N GLU L 57 -20.31 -20.97 43.50
CA GLU L 57 -19.01 -21.52 43.88
C GLU L 57 -18.11 -21.56 42.66
N PHE L 58 -16.91 -21.00 42.78
CA PHE L 58 -15.97 -20.94 41.67
C PHE L 58 -15.32 -22.31 41.45
N LEU L 59 -15.22 -22.72 40.19
CA LEU L 59 -14.65 -24.03 39.86
C LEU L 59 -13.37 -23.92 39.03
N SER L 60 -13.41 -23.24 37.88
CA SER L 60 -12.27 -23.28 36.98
C SER L 60 -12.13 -21.95 36.25
N ASN L 61 -10.91 -21.70 35.75
CA ASN L 61 -10.58 -20.52 34.98
C ASN L 61 -10.00 -20.95 33.63
N LEU L 62 -10.47 -20.32 32.56
CA LEU L 62 -10.12 -20.68 31.19
C LEU L 62 -9.54 -19.44 30.50
N ALA L 63 -8.22 -19.28 30.60
CA ALA L 63 -7.52 -18.10 30.13
C ALA L 63 -6.84 -18.32 28.78
N ARG L 64 -7.20 -19.37 28.05
CA ARG L 64 -6.56 -19.63 26.77
C ARG L 64 -6.86 -18.53 25.76
N HIS L 65 -8.05 -17.93 25.84
CA HIS L 65 -8.41 -16.85 24.94
C HIS L 65 -7.45 -15.67 25.08
N THR L 66 -6.94 -15.20 23.95
CA THR L 66 -6.03 -14.06 23.96
C THR L 66 -6.76 -12.75 24.15
N LYS L 67 -8.00 -12.64 23.67
CA LYS L 67 -8.76 -11.40 23.77
C LYS L 67 -10.11 -11.63 24.44
N ALA L 68 -10.97 -10.63 24.42
CA ALA L 68 -12.24 -10.71 25.13
C ALA L 68 -13.11 -11.82 24.56
N VAL L 69 -14.00 -12.34 25.40
CA VAL L 69 -14.92 -13.42 25.04
C VAL L 69 -16.34 -12.90 25.17
N ASN L 70 -17.16 -13.14 24.13
CA ASN L 70 -18.51 -12.61 24.09
C ASN L 70 -19.58 -13.66 24.33
N VAL L 71 -19.38 -14.91 23.91
CA VAL L 71 -20.38 -15.95 24.05
C VAL L 71 -19.72 -17.23 24.57
N VAL L 72 -20.39 -17.90 25.49
CA VAL L 72 -19.97 -19.19 26.01
C VAL L 72 -21.16 -20.13 25.95
N ARG L 73 -20.95 -21.31 25.37
CA ARG L 73 -22.04 -22.24 25.12
C ARG L 73 -21.67 -23.65 25.58
N PHE L 74 -22.62 -24.31 26.24
CA PHE L 74 -22.51 -25.72 26.59
C PHE L 74 -23.26 -26.57 25.57
N SER L 75 -22.75 -27.78 25.35
CA SER L 75 -23.44 -28.73 24.49
C SER L 75 -24.74 -29.18 25.15
N PRO L 76 -25.73 -29.59 24.34
CA PRO L 76 -26.97 -30.10 24.94
C PRO L 76 -26.73 -31.29 25.86
N THR L 77 -25.71 -32.09 25.59
CA THR L 77 -25.27 -33.12 26.52
C THR L 77 -24.34 -32.60 27.59
N GLY L 78 -23.88 -31.36 27.48
CA GLY L 78 -23.01 -30.75 28.46
C GLY L 78 -21.56 -31.17 28.40
N GLU L 79 -21.18 -32.02 27.44
CA GLU L 79 -19.81 -32.53 27.39
C GLU L 79 -18.82 -31.46 26.97
N ILE L 80 -19.14 -30.72 25.91
CA ILE L 80 -18.20 -29.80 25.27
C ILE L 80 -18.66 -28.37 25.50
N LEU L 81 -17.72 -27.49 25.82
CA LEU L 81 -17.98 -26.08 26.07
C LEU L 81 -17.50 -25.27 24.88
N ALA L 82 -18.38 -24.45 24.31
CA ALA L 82 -18.03 -23.58 23.20
C ALA L 82 -17.77 -22.17 23.70
N SER L 83 -16.66 -21.58 23.24
CA SER L 83 -16.26 -20.26 23.71
C SER L 83 -15.55 -19.51 22.58
N GLY L 84 -16.07 -18.33 22.23
CA GLY L 84 -15.44 -17.48 21.26
C GLY L 84 -15.68 -16.02 21.61
N GLY L 85 -14.82 -15.17 21.06
CA GLY L 85 -14.90 -13.75 21.40
C GLY L 85 -14.13 -12.82 20.49
N ASP L 86 -13.45 -11.83 21.10
CA ASP L 86 -12.75 -10.81 20.33
C ASP L 86 -11.66 -11.44 19.46
N ASP L 87 -10.91 -12.39 19.99
CA ASP L 87 -9.92 -13.11 19.19
C ASP L 87 -10.56 -14.00 18.13
N ALA L 88 -11.88 -14.20 18.21
CA ALA L 88 -12.66 -14.91 17.20
C ALA L 88 -12.21 -16.36 17.01
N VAL L 89 -11.85 -17.03 18.10
CA VAL L 89 -11.49 -18.44 18.06
C VAL L 89 -12.54 -19.22 18.86
N ILE L 90 -13.19 -20.17 18.21
CA ILE L 90 -14.21 -20.99 18.83
C ILE L 90 -13.53 -22.20 19.45
N LEU L 91 -13.48 -22.24 20.77
CA LEU L 91 -12.81 -23.30 21.52
C LEU L 91 -13.84 -24.33 21.96
N LEU L 92 -13.53 -25.61 21.73
CA LEU L 92 -14.38 -26.72 22.18
C LEU L 92 -13.71 -27.32 23.42
N TRP L 93 -13.98 -26.70 24.57
CA TRP L 93 -13.39 -27.16 25.82
C TRP L 93 -14.01 -28.49 26.25
N LYS L 94 -13.18 -29.32 26.88
CA LYS L 94 -13.60 -30.61 27.41
C LYS L 94 -13.01 -30.79 28.80
N VAL L 95 -13.78 -31.44 29.68
CA VAL L 95 -13.30 -31.72 31.03
C VAL L 95 -12.15 -32.71 30.95
N ASN L 96 -10.97 -32.28 31.39
CA ASN L 96 -9.78 -33.13 31.34
C ASN L 96 -9.66 -33.99 32.60
N ASN L 115 -8.45 -22.85 40.58
CA ASN L 115 -9.12 -23.83 39.74
C ASN L 115 -9.38 -25.13 40.48
N LYS L 116 -10.66 -25.45 40.69
CA LYS L 116 -11.05 -26.72 41.27
C LYS L 116 -11.05 -27.85 40.24
N GLU L 117 -11.39 -27.54 38.99
CA GLU L 117 -11.38 -28.51 37.89
C GLU L 117 -10.62 -27.91 36.71
N ASN L 118 -10.46 -28.70 35.66
CA ASN L 118 -9.67 -28.32 34.50
C ASN L 118 -10.46 -28.59 33.21
N TRP L 119 -10.19 -27.78 32.19
CA TRP L 119 -10.80 -27.93 30.88
C TRP L 119 -9.73 -27.84 29.80
N THR L 120 -9.95 -28.55 28.70
CA THR L 120 -9.02 -28.57 27.58
C THR L 120 -9.79 -28.45 26.28
N VAL L 121 -9.23 -27.68 25.34
CA VAL L 121 -9.86 -27.45 24.05
C VAL L 121 -9.65 -28.67 23.16
N VAL L 122 -10.74 -29.15 22.54
CA VAL L 122 -10.66 -30.32 21.67
C VAL L 122 -10.31 -29.90 20.25
N LYS L 123 -11.18 -29.09 19.64
CA LYS L 123 -11.00 -28.66 18.26
C LYS L 123 -11.01 -27.14 18.18
N THR L 124 -10.23 -26.61 17.25
CA THR L 124 -10.12 -25.17 17.02
C THR L 124 -10.93 -24.82 15.78
N LEU L 125 -12.16 -24.33 16.00
CA LEU L 125 -13.07 -24.01 14.91
C LEU L 125 -12.85 -22.56 14.47
N ARG L 126 -11.65 -22.31 13.98
CA ARG L 126 -11.27 -20.97 13.54
C ARG L 126 -11.85 -20.68 12.16
N GLY L 127 -11.93 -19.39 11.83
CA GLY L 127 -12.54 -18.95 10.59
C GLY L 127 -13.32 -17.66 10.75
N HIS L 128 -13.38 -17.15 11.97
CA HIS L 128 -14.03 -15.87 12.25
C HIS L 128 -12.98 -14.79 12.53
N LEU L 129 -13.42 -13.54 12.48
CA LEU L 129 -12.46 -12.44 12.40
C LEU L 129 -12.37 -11.63 13.70
N GLU L 130 -13.50 -11.29 14.30
CA GLU L 130 -13.55 -10.47 15.50
C GLU L 130 -14.68 -10.99 16.38
N ASP L 131 -15.18 -10.14 17.29
CA ASP L 131 -16.17 -10.51 18.29
C ASP L 131 -17.21 -11.48 17.75
N VAL L 132 -17.28 -12.65 18.37
CA VAL L 132 -18.27 -13.67 18.05
C VAL L 132 -19.34 -13.61 19.12
N TYR L 133 -20.56 -13.25 18.73
CA TYR L 133 -21.57 -12.84 19.70
C TYR L 133 -22.55 -13.94 20.09
N ASP L 134 -22.93 -14.81 19.16
CA ASP L 134 -23.97 -15.79 19.46
C ASP L 134 -23.59 -17.15 18.89
N ILE L 135 -23.73 -18.18 19.73
CA ILE L 135 -23.48 -19.56 19.37
C ILE L 135 -24.70 -20.38 19.79
N CYS L 136 -25.16 -21.28 18.92
CA CYS L 136 -26.26 -22.16 19.24
C CYS L 136 -25.88 -23.59 18.92
N TRP L 137 -26.07 -24.48 19.88
CA TRP L 137 -25.81 -25.91 19.68
C TRP L 137 -27.00 -26.59 19.01
N ALA L 138 -26.70 -27.45 18.04
CA ALA L 138 -27.72 -28.29 17.46
C ALA L 138 -28.12 -29.39 18.45
N THR L 139 -29.31 -29.94 18.24
CA THR L 139 -29.85 -30.93 19.18
C THR L 139 -28.94 -32.15 19.27
N ASP L 140 -28.42 -32.62 18.13
CA ASP L 140 -27.51 -33.76 18.16
C ASP L 140 -26.19 -33.40 18.82
N GLY L 141 -25.81 -32.12 18.81
CA GLY L 141 -24.56 -31.67 19.35
C GLY L 141 -23.37 -31.82 18.42
N ASN L 142 -23.59 -32.34 17.21
CA ASN L 142 -22.52 -32.50 16.23
C ASN L 142 -22.49 -31.37 15.20
N LEU L 143 -23.32 -30.34 15.37
CA LEU L 143 -23.37 -29.23 14.42
C LEU L 143 -23.39 -27.92 15.18
N MET L 144 -22.69 -26.93 14.63
CA MET L 144 -22.56 -25.62 15.25
C MET L 144 -23.07 -24.54 14.31
N ALA L 145 -23.72 -23.54 14.89
CA ALA L 145 -24.06 -22.30 14.21
C ALA L 145 -23.27 -21.17 14.85
N SER L 146 -22.50 -20.44 14.03
CA SER L 146 -21.60 -19.41 14.53
C SER L 146 -22.00 -18.06 13.96
N ALA L 147 -22.19 -17.08 14.84
CA ALA L 147 -22.57 -15.73 14.45
C ALA L 147 -21.57 -14.74 15.03
N SER L 148 -21.07 -13.84 14.19
CA SER L 148 -20.08 -12.86 14.61
C SER L 148 -20.27 -11.58 13.81
N VAL L 149 -19.51 -10.55 14.20
CA VAL L 149 -19.56 -9.25 13.56
C VAL L 149 -19.20 -9.33 12.08
N ASP L 150 -18.48 -10.38 11.69
CA ASP L 150 -17.95 -10.57 10.34
C ASP L 150 -19.03 -10.81 9.27
N ASN L 151 -20.32 -10.64 9.56
CA ASN L 151 -21.39 -10.65 8.56
C ASN L 151 -21.66 -12.04 8.00
N THR L 152 -21.21 -13.09 8.68
CA THR L 152 -21.34 -14.45 8.16
C THR L 152 -21.82 -15.40 9.24
N ALA L 153 -22.40 -16.51 8.79
CA ALA L 153 -22.76 -17.64 9.64
C ALA L 153 -22.11 -18.89 9.07
N ILE L 154 -21.35 -19.60 9.88
CA ILE L 154 -20.55 -20.74 9.44
C ILE L 154 -21.05 -22.00 10.14
N ILE L 155 -21.29 -23.05 9.35
CA ILE L 155 -21.70 -24.34 9.88
C ILE L 155 -20.46 -25.23 10.00
N TRP L 156 -20.32 -25.88 11.15
CA TRP L 156 -19.16 -26.70 11.45
C TRP L 156 -19.59 -28.12 11.84
N ASP L 157 -18.66 -29.05 11.73
CA ASP L 157 -18.84 -30.41 12.22
C ASP L 157 -18.01 -30.59 13.48
N VAL L 158 -18.67 -30.95 14.58
CA VAL L 158 -17.98 -31.08 15.86
C VAL L 158 -16.97 -32.22 15.83
N SER L 159 -17.37 -33.37 15.29
CA SER L 159 -16.45 -34.49 15.18
C SER L 159 -15.31 -34.19 14.23
N LYS L 160 -15.62 -33.55 13.09
CA LYS L 160 -14.58 -33.21 12.12
C LYS L 160 -13.77 -32.00 12.57
N GLY L 161 -14.41 -31.03 13.23
CA GLY L 161 -13.72 -29.81 13.57
C GLY L 161 -13.41 -28.92 12.39
N GLN L 162 -14.17 -29.03 11.31
CA GLN L 162 -13.90 -28.31 10.08
C GLN L 162 -15.17 -27.64 9.57
N LYS L 163 -14.98 -26.56 8.81
CA LYS L 163 -16.11 -25.84 8.24
C LYS L 163 -16.72 -26.64 7.08
N ILE L 164 -18.05 -26.64 7.01
CA ILE L 164 -18.75 -27.34 5.93
C ILE L 164 -19.72 -26.45 5.16
N SER L 165 -20.23 -25.36 5.74
CA SER L 165 -21.17 -24.50 5.04
C SER L 165 -20.96 -23.06 5.48
N ILE L 166 -21.37 -22.13 4.62
CA ILE L 166 -21.16 -20.70 4.83
C ILE L 166 -22.45 -19.95 4.55
N PHE L 167 -22.81 -19.04 5.46
CA PHE L 167 -23.97 -18.16 5.31
C PHE L 167 -23.50 -16.72 5.59
N ASN L 168 -23.01 -16.04 4.56
CA ASN L 168 -22.49 -14.69 4.71
C ASN L 168 -23.40 -13.63 4.09
N GLU L 169 -24.69 -13.91 3.94
CA GLU L 169 -25.61 -12.95 3.34
C GLU L 169 -25.90 -11.77 4.25
N HIS L 170 -25.48 -11.84 5.51
CA HIS L 170 -25.73 -10.75 6.45
C HIS L 170 -24.96 -9.50 6.05
N LYS L 171 -25.60 -8.34 6.20
CA LYS L 171 -25.01 -7.07 5.83
C LYS L 171 -24.66 -6.19 7.02
N SER L 172 -24.81 -6.68 8.24
CA SER L 172 -24.48 -5.90 9.42
C SER L 172 -24.04 -6.87 10.53
N TYR L 173 -23.93 -6.34 11.75
CA TYR L 173 -23.44 -7.13 12.87
C TYR L 173 -24.38 -8.28 13.16
N VAL L 174 -23.90 -9.51 12.99
CA VAL L 174 -24.71 -10.69 13.26
C VAL L 174 -24.68 -10.92 14.77
N GLN L 175 -25.73 -10.48 15.46
CA GLN L 175 -25.75 -10.48 16.91
C GLN L 175 -26.72 -11.51 17.49
N GLY L 176 -27.29 -12.38 16.65
CA GLY L 176 -28.22 -13.37 17.15
C GLY L 176 -28.45 -14.53 16.19
N VAL L 177 -28.37 -15.75 16.70
CA VAL L 177 -28.58 -16.96 15.90
C VAL L 177 -29.06 -18.07 16.81
N THR L 178 -29.93 -18.93 16.29
CA THR L 178 -30.35 -20.13 17.00
C THR L 178 -30.58 -21.26 16.01
N TRP L 179 -30.41 -22.48 16.49
CA TRP L 179 -30.57 -23.68 15.69
C TRP L 179 -31.96 -24.26 15.91
N ASP L 180 -32.62 -24.64 14.83
CA ASP L 180 -33.95 -25.22 14.93
C ASP L 180 -33.89 -26.56 15.67
N PRO L 181 -34.64 -26.73 16.76
CA PRO L 181 -34.64 -28.03 17.44
C PRO L 181 -35.08 -29.18 16.55
N LEU L 182 -35.99 -28.93 15.62
CA LEU L 182 -36.38 -29.93 14.63
C LEU L 182 -35.30 -30.16 13.57
N GLY L 183 -34.28 -29.32 13.53
CA GLY L 183 -33.20 -29.48 12.56
C GLY L 183 -33.64 -29.28 11.13
N GLN L 184 -34.42 -28.23 10.87
CA GLN L 184 -34.89 -27.92 9.53
C GLN L 184 -34.46 -26.55 9.01
N TYR L 185 -34.48 -25.52 9.85
CA TYR L 185 -34.10 -24.17 9.44
C TYR L 185 -33.01 -23.64 10.35
N VAL L 186 -32.51 -22.46 10.02
CA VAL L 186 -31.55 -21.73 10.84
C VAL L 186 -32.03 -20.29 10.96
N ALA L 187 -32.26 -19.84 12.19
CA ALA L 187 -32.75 -18.50 12.45
C ALA L 187 -31.59 -17.60 12.85
N THR L 188 -31.41 -16.50 12.11
CA THR L 188 -30.31 -15.57 12.35
C THR L 188 -30.87 -14.17 12.50
N LEU L 189 -30.34 -13.43 13.47
CA LEU L 189 -30.66 -12.01 13.65
C LEU L 189 -29.39 -11.20 13.51
N SER L 190 -29.40 -10.25 12.59
CA SER L 190 -28.28 -9.34 12.38
C SER L 190 -28.68 -7.93 12.81
N CYS L 191 -27.68 -7.05 12.86
CA CYS L 191 -27.91 -5.67 13.32
C CYS L 191 -28.63 -4.83 12.28
N ASP L 192 -28.82 -5.34 11.06
CA ASP L 192 -29.48 -4.60 9.98
C ASP L 192 -31.00 -4.68 10.05
N ARG L 193 -31.56 -5.05 11.20
CA ARG L 193 -33.01 -5.12 11.39
C ARG L 193 -33.66 -6.08 10.39
N VAL L 194 -32.95 -7.14 10.02
CA VAL L 194 -33.42 -8.10 9.04
C VAL L 194 -33.19 -9.51 9.58
N LEU L 195 -34.23 -10.33 9.54
CA LEU L 195 -34.12 -11.73 9.94
C LEU L 195 -33.93 -12.60 8.70
N ARG L 196 -33.03 -13.56 8.80
CA ARG L 196 -32.72 -14.46 7.70
C ARG L 196 -32.88 -15.90 8.16
N VAL L 197 -33.68 -16.67 7.43
CA VAL L 197 -33.94 -18.07 7.74
C VAL L 197 -33.25 -18.92 6.69
N TYR L 198 -32.43 -19.86 7.14
CA TYR L 198 -31.64 -20.71 6.26
C TYR L 198 -32.11 -22.15 6.39
N SER L 199 -32.61 -22.71 5.29
CA SER L 199 -33.01 -24.12 5.27
C SER L 199 -31.78 -24.99 5.44
N ILE L 200 -31.88 -25.99 6.33
CA ILE L 200 -30.72 -26.80 6.68
C ILE L 200 -30.34 -27.78 5.58
N GLN L 201 -31.28 -28.15 4.70
CA GLN L 201 -30.97 -29.11 3.65
C GLN L 201 -30.55 -28.42 2.35
N LYS L 202 -31.17 -27.29 2.03
CA LYS L 202 -30.80 -26.57 0.82
C LYS L 202 -29.49 -25.80 1.00
N LYS L 203 -29.16 -25.42 2.24
CA LYS L 203 -28.00 -24.56 2.53
C LYS L 203 -28.13 -23.21 1.83
N ARG L 204 -29.36 -22.72 1.70
CA ARG L 204 -29.64 -21.40 1.15
C ARG L 204 -30.68 -20.71 2.04
N VAL L 205 -30.98 -19.46 1.69
CA VAL L 205 -31.93 -18.65 2.47
C VAL L 205 -33.33 -19.19 2.23
N ALA L 206 -34.06 -19.46 3.32
CA ALA L 206 -35.43 -19.94 3.20
C ALA L 206 -36.44 -18.79 3.20
N PHE L 207 -36.26 -17.81 4.09
CA PHE L 207 -37.18 -16.69 4.20
C PHE L 207 -36.41 -15.42 4.48
N ASN L 208 -37.03 -14.28 4.16
CA ASN L 208 -36.45 -12.97 4.41
C ASN L 208 -37.58 -12.03 4.82
N VAL L 209 -37.51 -11.52 6.06
CA VAL L 209 -38.50 -10.60 6.59
C VAL L 209 -37.77 -9.38 7.14
N SER L 210 -38.16 -8.20 6.69
CA SER L 210 -37.55 -6.96 7.17
C SER L 210 -38.63 -5.94 7.52
N LYS L 211 -39.79 -6.06 6.90
CA LYS L 211 -40.90 -5.13 7.09
C LYS L 211 -42.12 -5.87 7.62
N MET L 212 -42.94 -5.18 8.40
CA MET L 212 -44.13 -5.75 8.99
C MET L 212 -45.09 -6.29 7.93
N ARG L 226 -38.98 0.66 11.36
CA ARG L 226 -38.95 -0.69 10.83
C ARG L 226 -39.45 -1.70 11.87
N MET L 227 -39.37 -2.99 11.54
CA MET L 227 -39.82 -4.01 12.47
C MET L 227 -38.90 -4.16 13.66
N PHE L 228 -37.59 -4.11 13.43
CA PHE L 228 -36.60 -4.28 14.49
C PHE L 228 -35.92 -2.94 14.77
N HIS L 229 -35.13 -2.93 15.84
CA HIS L 229 -34.45 -1.71 16.27
C HIS L 229 -33.17 -1.50 15.50
N ASP L 230 -32.86 -0.23 15.25
CA ASP L 230 -31.68 0.17 14.49
C ASP L 230 -30.43 0.11 15.38
N ASP L 231 -29.34 0.69 14.90
CA ASP L 231 -28.07 0.67 15.62
C ASP L 231 -28.13 1.39 16.95
N SER L 232 -29.15 2.20 17.20
CA SER L 232 -29.24 2.95 18.44
C SER L 232 -29.40 2.05 19.66
N MET L 233 -29.87 0.81 19.49
CA MET L 233 -29.99 -0.12 20.60
C MET L 233 -28.59 -0.50 21.11
N LYS L 234 -28.39 -0.34 22.41
CA LYS L 234 -27.06 -0.33 22.99
C LYS L 234 -26.50 -1.71 23.32
N SER L 235 -27.29 -2.77 23.16
CA SER L 235 -26.82 -4.12 23.46
C SER L 235 -26.07 -4.68 22.26
N PHE L 236 -24.92 -5.30 22.53
CA PHE L 236 -24.13 -5.93 21.48
C PHE L 236 -24.75 -7.22 20.97
N PHE L 237 -25.82 -7.71 21.59
CA PHE L 237 -26.43 -8.98 21.25
C PHE L 237 -27.85 -8.80 20.73
N ARG L 238 -28.24 -9.70 19.84
CA ARG L 238 -29.61 -9.82 19.35
C ARG L 238 -30.05 -11.28 19.41
N ARG L 239 -29.74 -11.92 20.53
CA ARG L 239 -29.88 -13.36 20.68
C ARG L 239 -31.36 -13.75 20.72
N LEU L 240 -31.85 -14.32 19.63
CA LEU L 240 -33.16 -14.96 19.62
C LEU L 240 -33.00 -16.47 19.67
N SER L 241 -34.02 -17.13 20.21
CA SER L 241 -33.99 -18.58 20.38
C SER L 241 -35.32 -19.17 19.97
N PHE L 242 -35.27 -20.35 19.35
CA PHE L 242 -36.49 -21.09 19.05
C PHE L 242 -37.12 -21.62 20.34
N THR L 243 -38.40 -21.93 20.24
CA THR L 243 -39.05 -22.70 21.29
C THR L 243 -38.39 -24.08 21.36
N PRO L 244 -38.25 -24.65 22.56
CA PRO L 244 -37.59 -25.98 22.66
C PRO L 244 -38.17 -27.03 21.74
N ASP L 245 -39.46 -26.95 21.41
CA ASP L 245 -40.03 -27.84 20.39
C ASP L 245 -39.81 -27.31 18.98
N GLY L 246 -39.41 -26.05 18.82
CA GLY L 246 -39.16 -25.47 17.52
C GLY L 246 -40.38 -24.90 16.82
N SER L 247 -41.57 -25.06 17.41
CA SER L 247 -42.80 -24.62 16.74
C SER L 247 -42.84 -23.11 16.60
N LEU L 248 -42.42 -22.38 17.64
CA LEU L 248 -42.47 -20.92 17.64
C LEU L 248 -41.07 -20.35 17.76
N LEU L 249 -40.88 -19.16 17.19
CA LEU L 249 -39.63 -18.42 17.28
C LEU L 249 -39.89 -17.07 17.92
N LEU L 250 -39.11 -16.75 18.96
CA LEU L 250 -39.25 -15.50 19.68
C LEU L 250 -38.06 -14.61 19.37
N THR L 251 -38.32 -13.43 18.81
CA THR L 251 -37.26 -12.51 18.43
C THR L 251 -37.33 -11.23 19.24
N PRO L 252 -36.26 -10.86 19.96
CA PRO L 252 -36.27 -9.60 20.72
C PRO L 252 -35.84 -8.42 19.87
N ALA L 253 -35.75 -7.23 20.48
CA ALA L 253 -35.28 -6.02 19.83
C ALA L 253 -36.13 -5.66 18.62
N GLY L 254 -37.43 -5.51 18.85
CA GLY L 254 -38.36 -5.16 17.80
C GLY L 254 -38.92 -3.76 17.92
N CYS L 255 -39.69 -3.34 16.92
CA CYS L 255 -40.35 -2.04 16.94
C CYS L 255 -41.79 -2.20 16.45
N VAL L 256 -42.64 -1.29 16.90
CA VAL L 256 -44.05 -1.29 16.51
C VAL L 256 -44.34 -0.11 15.59
N MET L 263 -42.66 0.86 18.92
CA MET L 263 -42.02 0.91 20.23
C MET L 263 -41.41 -0.47 20.48
N ASN L 264 -40.45 -0.55 21.40
CA ASN L 264 -39.73 -1.79 21.64
C ASN L 264 -40.68 -2.93 22.01
N THR L 265 -40.48 -4.08 21.38
CA THR L 265 -41.38 -5.22 21.55
C THR L 265 -40.65 -6.49 21.15
N THR L 266 -41.31 -7.63 21.36
CA THR L 266 -40.78 -8.94 21.03
C THR L 266 -41.81 -9.68 20.19
N TYR L 267 -41.49 -9.90 18.91
CA TYR L 267 -42.40 -10.55 17.99
C TYR L 267 -42.31 -12.07 18.10
N VAL L 268 -43.39 -12.74 17.71
CA VAL L 268 -43.51 -14.19 17.78
C VAL L 268 -43.83 -14.71 16.39
N PHE L 269 -43.05 -15.68 15.93
CA PHE L 269 -43.27 -16.33 14.64
C PHE L 269 -43.57 -17.80 14.84
N SER L 270 -44.09 -18.43 13.78
CA SER L 270 -44.46 -19.84 13.79
C SER L 270 -43.86 -20.54 12.58
N ARG L 271 -43.73 -21.87 12.69
CA ARG L 271 -43.24 -22.66 11.57
C ARG L 271 -44.20 -22.60 10.39
N LYS L 272 -45.50 -22.47 10.65
CA LYS L 272 -46.48 -22.42 9.57
C LYS L 272 -46.26 -21.21 8.68
N ASN L 273 -46.02 -20.05 9.28
CA ASN L 273 -45.72 -18.83 8.54
C ASN L 273 -44.65 -18.01 9.26
N LEU L 274 -43.50 -17.86 8.59
CA LEU L 274 -42.40 -17.08 9.12
C LEU L 274 -42.34 -15.67 8.53
N LYS L 275 -43.29 -15.30 7.67
CA LYS L 275 -43.30 -13.99 7.04
C LYS L 275 -44.28 -13.01 7.67
N ARG L 276 -44.94 -13.40 8.77
CA ARG L 276 -45.84 -12.51 9.47
C ARG L 276 -45.96 -12.94 10.93
N PRO L 277 -45.66 -12.06 11.88
CA PRO L 277 -45.74 -12.45 13.29
C PRO L 277 -47.19 -12.57 13.75
N ILE L 278 -47.45 -13.62 14.53
CA ILE L 278 -48.79 -13.82 15.07
C ILE L 278 -49.12 -12.74 16.09
N ALA L 279 -48.17 -12.43 16.97
CA ALA L 279 -48.38 -11.41 18.00
C ALA L 279 -47.03 -10.92 18.48
N HIS L 280 -47.05 -9.80 19.21
CA HIS L 280 -45.86 -9.22 19.79
C HIS L 280 -46.11 -8.92 21.26
N LEU L 281 -45.07 -9.07 22.08
CA LEU L 281 -45.16 -8.78 23.50
C LEU L 281 -44.60 -7.38 23.74
N PRO L 282 -45.43 -6.40 24.11
CA PRO L 282 -44.92 -5.03 24.28
C PRO L 282 -44.02 -4.93 25.51
N CYS L 283 -42.87 -4.27 25.32
CA CYS L 283 -41.92 -4.03 26.41
C CYS L 283 -41.53 -2.55 26.39
N PRO L 284 -42.40 -1.68 26.90
CA PRO L 284 -42.07 -0.25 26.95
C PRO L 284 -40.89 0.03 27.86
N GLY L 285 -40.15 1.07 27.53
CA GLY L 285 -38.91 1.39 28.22
C GLY L 285 -37.70 1.17 27.34
N LYS L 286 -36.92 0.13 27.65
CA LYS L 286 -35.76 -0.25 26.87
C LYS L 286 -36.07 -1.45 25.98
N ALA L 287 -35.21 -1.67 25.00
CA ALA L 287 -35.42 -2.73 24.03
C ALA L 287 -34.98 -4.08 24.60
N THR L 288 -35.76 -5.10 24.31
CA THR L 288 -35.39 -6.47 24.68
C THR L 288 -34.17 -6.92 23.87
N LEU L 289 -33.36 -7.78 24.47
CA LEU L 289 -32.11 -8.17 23.80
C LEU L 289 -31.89 -9.68 23.83
N ALA L 290 -32.54 -10.38 24.76
CA ALA L 290 -32.31 -11.81 24.93
C ALA L 290 -33.63 -12.56 25.05
N VAL L 291 -33.66 -13.77 24.49
CA VAL L 291 -34.77 -14.69 24.63
C VAL L 291 -34.20 -16.06 24.99
N ARG L 292 -34.58 -16.58 26.15
CA ARG L 292 -34.18 -17.91 26.58
C ARG L 292 -35.38 -18.65 27.13
N CYS L 293 -35.50 -19.93 26.75
CA CYS L 293 -36.62 -20.76 27.15
C CYS L 293 -36.15 -21.89 28.04
N CYS L 294 -36.89 -22.14 29.11
CA CYS L 294 -36.56 -23.23 30.02
C CYS L 294 -36.70 -24.57 29.30
N PRO L 295 -35.74 -25.48 29.45
CA PRO L 295 -35.84 -26.79 28.78
C PRO L 295 -36.77 -27.78 29.45
N VAL L 296 -37.59 -27.34 30.40
CA VAL L 296 -38.51 -28.21 31.12
C VAL L 296 -39.93 -27.87 30.67
N TYR L 297 -40.66 -28.89 30.22
CA TYR L 297 -42.04 -28.70 29.77
C TYR L 297 -42.97 -28.73 30.97
N PHE L 298 -43.84 -27.71 31.08
CA PHE L 298 -44.72 -27.56 32.22
C PHE L 298 -46.16 -27.82 31.82
N GLU L 299 -46.93 -28.39 32.75
CA GLU L 299 -48.34 -28.67 32.50
C GLU L 299 -49.13 -27.37 32.42
N LEU L 300 -50.20 -27.40 31.62
CA LEU L 300 -51.10 -26.26 31.54
C LEU L 300 -51.79 -26.04 32.88
N ARG L 301 -51.84 -24.78 33.31
CA ARG L 301 -52.43 -24.43 34.59
C ARG L 301 -53.95 -24.39 34.50
N GLU L 309 -53.32 -17.90 24.52
CA GLU L 309 -52.44 -19.01 24.16
C GLU L 309 -51.78 -18.78 22.81
N LEU L 310 -50.47 -18.54 22.82
CA LEU L 310 -49.74 -18.31 21.58
C LEU L 310 -49.76 -19.54 20.69
N MET L 311 -49.56 -20.72 21.28
CA MET L 311 -49.58 -21.97 20.56
C MET L 311 -50.43 -22.97 21.32
N SER L 312 -51.10 -23.86 20.57
CA SER L 312 -52.11 -24.75 21.12
C SER L 312 -51.57 -26.19 21.14
N LEU L 313 -50.92 -26.54 22.24
CA LEU L 313 -50.48 -27.90 22.51
C LEU L 313 -50.67 -28.16 24.00
N PRO L 314 -50.82 -29.44 24.38
CA PRO L 314 -51.16 -29.75 25.78
C PRO L 314 -50.12 -29.34 26.81
N TYR L 315 -48.96 -28.85 26.38
CA TYR L 315 -47.92 -28.42 27.29
C TYR L 315 -47.62 -26.94 27.10
N ARG L 316 -47.16 -26.32 28.18
CA ARG L 316 -46.75 -24.92 28.16
C ARG L 316 -45.27 -24.81 28.52
N LEU L 317 -44.63 -23.77 27.99
CA LEU L 317 -43.21 -23.55 28.19
C LEU L 317 -42.98 -22.14 28.72
N VAL L 318 -42.17 -22.01 29.77
CA VAL L 318 -41.86 -20.74 30.39
C VAL L 318 -40.51 -20.28 29.88
N PHE L 319 -40.44 -19.05 29.37
CA PHE L 319 -39.22 -18.50 28.81
C PHE L 319 -38.92 -17.16 29.46
N ALA L 320 -37.65 -16.75 29.36
CA ALA L 320 -37.18 -15.52 29.98
C ALA L 320 -36.69 -14.56 28.90
N VAL L 321 -37.09 -13.30 29.04
CA VAL L 321 -36.70 -12.23 28.12
C VAL L 321 -35.97 -11.17 28.92
N ALA L 322 -34.79 -10.78 28.46
CA ALA L 322 -33.96 -9.79 29.14
C ALA L 322 -33.88 -8.53 28.28
N SER L 323 -34.31 -7.41 28.85
CA SER L 323 -34.14 -6.11 28.21
C SER L 323 -32.85 -5.47 28.70
N GLU L 324 -32.67 -4.17 28.42
CA GLU L 324 -31.47 -3.49 28.87
C GLU L 324 -31.41 -3.37 30.38
N ASP L 325 -32.56 -3.09 31.02
CA ASP L 325 -32.57 -2.93 32.48
C ASP L 325 -33.76 -3.62 33.14
N SER L 326 -34.51 -4.45 32.43
CA SER L 326 -35.66 -5.13 33.01
C SER L 326 -35.77 -6.52 32.42
N VAL L 327 -36.40 -7.42 33.17
CA VAL L 327 -36.63 -8.80 32.75
C VAL L 327 -38.11 -9.11 32.93
N LEU L 328 -38.74 -9.62 31.88
CA LEU L 328 -40.13 -10.03 31.90
C LEU L 328 -40.21 -11.54 31.72
N LEU L 329 -41.00 -12.19 32.57
CA LEU L 329 -41.14 -13.64 32.56
C LEU L 329 -42.54 -14.00 32.07
N TYR L 330 -42.60 -14.68 30.93
CA TYR L 330 -43.86 -15.11 30.34
C TYR L 330 -43.98 -16.62 30.37
N ASP L 331 -45.17 -17.10 30.02
CA ASP L 331 -45.41 -18.52 29.80
C ASP L 331 -46.15 -18.69 28.48
N THR L 332 -46.35 -19.95 28.06
CA THR L 332 -46.94 -20.20 26.75
C THR L 332 -48.41 -19.79 26.70
N GLN L 333 -49.18 -20.15 27.72
CA GLN L 333 -50.62 -19.98 27.65
C GLN L 333 -51.07 -18.56 27.99
N GLN L 334 -50.41 -17.90 28.95
CA GLN L 334 -50.81 -16.58 29.40
C GLN L 334 -50.09 -15.51 28.59
N SER L 335 -50.86 -14.62 27.97
CA SER L 335 -50.27 -13.55 27.18
C SER L 335 -49.51 -12.57 28.04
N PHE L 336 -50.10 -12.16 29.17
CA PHE L 336 -49.44 -11.23 30.06
C PHE L 336 -48.32 -11.92 30.83
N PRO L 337 -47.27 -11.20 31.20
CA PRO L 337 -46.17 -11.82 31.95
C PRO L 337 -46.54 -12.08 33.40
N PHE L 338 -46.15 -13.25 33.89
CA PHE L 338 -46.41 -13.64 35.27
C PHE L 338 -45.28 -13.26 36.21
N GLY L 339 -44.20 -12.67 35.69
CA GLY L 339 -43.09 -12.24 36.53
C GLY L 339 -42.39 -11.06 35.90
N TYR L 340 -41.80 -10.21 36.74
CA TYR L 340 -41.11 -9.02 36.27
C TYR L 340 -40.16 -8.56 37.36
N VAL L 341 -38.87 -8.47 37.03
CA VAL L 341 -37.84 -8.01 37.96
C VAL L 341 -37.05 -6.89 37.28
N SER L 342 -36.83 -5.81 38.03
CA SER L 342 -36.14 -4.65 37.48
C SER L 342 -35.39 -3.94 38.60
N ASN L 343 -34.55 -2.99 38.21
CA ASN L 343 -33.76 -2.18 39.14
C ASN L 343 -32.88 -3.06 40.04
N ILE L 344 -32.24 -4.05 39.43
CA ILE L 344 -31.32 -4.92 40.14
C ILE L 344 -29.88 -4.81 39.63
N HIS L 345 -29.68 -4.26 38.43
CA HIS L 345 -28.34 -4.09 37.87
C HIS L 345 -28.15 -2.63 37.46
N TYR L 346 -26.94 -2.13 37.66
CA TYR L 346 -26.63 -0.73 37.41
C TYR L 346 -26.32 -0.43 35.95
N HIS L 347 -26.22 -1.44 35.09
CA HIS L 347 -25.90 -1.23 33.69
C HIS L 347 -26.70 -2.21 32.84
N THR L 348 -26.42 -2.22 31.54
CA THR L 348 -27.20 -3.01 30.59
C THR L 348 -26.96 -4.51 30.82
N LEU L 349 -28.05 -5.27 30.73
CA LEU L 349 -27.94 -6.72 30.81
C LEU L 349 -27.31 -7.28 29.53
N SER L 350 -26.66 -8.43 29.67
CA SER L 350 -25.96 -9.05 28.55
C SER L 350 -26.51 -10.41 28.18
N ASP L 351 -26.71 -11.30 29.16
CA ASP L 351 -27.15 -12.65 28.87
C ASP L 351 -27.94 -13.21 30.04
N ILE L 352 -28.80 -14.18 29.74
CA ILE L 352 -29.56 -14.92 30.75
C ILE L 352 -29.45 -16.40 30.42
N SER L 353 -29.79 -17.24 31.39
CA SER L 353 -29.71 -18.69 31.19
C SER L 353 -30.61 -19.40 32.20
N TRP L 354 -31.35 -20.39 31.72
CA TRP L 354 -32.12 -21.27 32.58
C TRP L 354 -31.27 -22.46 33.02
N SER L 355 -31.61 -23.01 34.19
CA SER L 355 -30.95 -24.22 34.65
C SER L 355 -31.53 -25.44 33.93
N SER L 356 -30.89 -26.59 34.17
CA SER L 356 -31.36 -27.83 33.55
C SER L 356 -32.76 -28.18 34.03
N ASP L 357 -33.03 -28.03 35.32
CA ASP L 357 -34.35 -28.29 35.87
C ASP L 357 -35.25 -27.07 35.90
N GLY L 358 -34.74 -25.90 35.52
CA GLY L 358 -35.53 -24.68 35.57
C GLY L 358 -35.55 -24.00 36.92
N ALA L 359 -34.81 -24.50 37.90
CA ALA L 359 -34.79 -23.90 39.23
C ALA L 359 -33.89 -22.68 39.33
N PHE L 360 -33.02 -22.45 38.35
CA PHE L 360 -32.12 -21.30 38.35
C PHE L 360 -32.29 -20.51 37.05
N LEU L 361 -32.31 -19.20 37.17
CA LEU L 361 -32.37 -18.29 36.03
C LEU L 361 -31.30 -17.22 36.21
N ALA L 362 -30.11 -17.49 35.70
CA ALA L 362 -29.00 -16.56 35.82
C ALA L 362 -29.23 -15.33 34.94
N ILE L 363 -28.81 -14.17 35.44
CA ILE L 363 -28.88 -12.91 34.70
C ILE L 363 -27.52 -12.24 34.78
N SER L 364 -26.98 -11.83 33.62
CA SER L 364 -25.69 -11.16 33.54
C SER L 364 -25.88 -9.75 32.98
N SER L 365 -25.12 -8.81 33.52
CA SER L 365 -25.17 -7.42 33.09
C SER L 365 -23.77 -6.97 32.66
N THR L 366 -23.69 -5.72 32.21
CA THR L 366 -22.44 -5.14 31.74
C THR L 366 -21.71 -4.35 32.81
N ASP L 367 -22.20 -4.36 34.05
CA ASP L 367 -21.56 -3.66 35.15
C ASP L 367 -20.55 -4.52 35.90
N GLY L 368 -20.28 -5.73 35.42
CA GLY L 368 -19.42 -6.66 36.12
C GLY L 368 -20.11 -7.48 37.19
N TYR L 369 -21.41 -7.30 37.38
CA TYR L 369 -22.17 -8.03 38.38
C TYR L 369 -23.23 -8.88 37.69
N CYS L 370 -23.55 -10.02 38.32
CA CYS L 370 -24.56 -10.94 37.82
C CYS L 370 -25.66 -11.11 38.87
N SER L 371 -26.72 -11.82 38.47
CA SER L 371 -27.83 -12.08 39.36
C SER L 371 -28.52 -13.37 38.95
N PHE L 372 -29.31 -13.91 39.87
CA PHE L 372 -30.01 -15.17 39.65
C PHE L 372 -31.45 -15.04 40.12
N VAL L 373 -32.31 -15.87 39.54
CA VAL L 373 -33.72 -15.97 39.95
C VAL L 373 -33.95 -17.38 40.43
N THR L 374 -34.46 -17.52 41.65
CA THR L 374 -34.66 -18.82 42.28
C THR L 374 -36.15 -19.07 42.48
N PHE L 375 -36.62 -20.22 41.96
CA PHE L 375 -37.99 -20.66 42.16
C PHE L 375 -38.00 -21.87 43.08
N GLU L 376 -39.05 -21.99 43.87
CA GLU L 376 -39.19 -23.12 44.78
C GLU L 376 -39.57 -24.36 43.97
N LYS L 377 -39.91 -25.45 44.67
CA LYS L 377 -40.19 -26.72 44.00
C LYS L 377 -41.37 -26.58 43.05
N ASP L 378 -41.09 -26.63 41.75
CA ASP L 378 -42.11 -26.56 40.69
C ASP L 378 -42.99 -25.32 40.82
N GLU L 379 -42.38 -24.19 41.20
CA GLU L 379 -43.14 -22.94 41.27
C GLU L 379 -43.64 -22.51 39.90
N LEU L 380 -42.80 -22.68 38.87
CA LEU L 380 -43.20 -22.30 37.52
C LEU L 380 -44.39 -23.12 37.05
N GLY L 381 -44.39 -24.42 37.33
CA GLY L 381 -45.48 -25.29 36.93
C GLY L 381 -45.13 -26.73 37.21
N ILE L 382 -46.03 -27.61 36.78
CA ILE L 382 -45.88 -29.06 36.99
C ILE L 382 -45.14 -29.62 35.79
N PRO L 383 -43.93 -30.16 35.95
CA PRO L 383 -43.21 -30.73 34.82
C PRO L 383 -43.92 -31.95 34.26
N LEU L 384 -43.74 -32.16 32.95
CA LEU L 384 -44.33 -33.31 32.27
C LEU L 384 -43.67 -34.60 32.72
N VAL M 680 44.63 19.61 -20.57
CA VAL M 680 43.76 19.61 -21.74
C VAL M 680 44.12 18.46 -22.67
N LEU M 681 43.36 18.31 -23.76
CA LEU M 681 43.57 17.24 -24.71
C LEU M 681 44.56 17.68 -25.79
N GLN M 682 45.30 16.70 -26.32
CA GLN M 682 46.24 16.93 -27.42
C GLN M 682 45.74 16.22 -28.65
N PRO M 683 45.22 16.95 -29.65
CA PRO M 683 44.62 16.27 -30.82
C PRO M 683 45.67 15.62 -31.69
N VAL M 684 45.46 14.35 -32.01
CA VAL M 684 46.29 13.61 -32.94
C VAL M 684 45.39 13.11 -34.06
N LYS M 685 45.61 13.62 -35.27
CA LYS M 685 44.76 13.30 -36.42
C LYS M 685 45.59 12.58 -37.47
N ILE M 686 45.04 11.49 -38.00
CA ILE M 686 45.69 10.69 -39.03
C ILE M 686 44.88 10.84 -40.32
N GLY M 687 45.56 11.21 -41.40
CA GLY M 687 44.90 11.42 -42.67
C GLY M 687 44.59 10.12 -43.39
N CYS M 688 44.10 10.25 -44.61
CA CYS M 688 43.71 9.12 -45.43
C CYS M 688 44.97 8.42 -45.94
N VAL M 689 45.27 7.25 -45.40
CA VAL M 689 46.38 6.42 -45.83
C VAL M 689 45.79 5.15 -46.43
N TRP M 690 45.98 4.96 -47.72
CA TRP M 690 45.34 3.87 -48.45
C TRP M 690 46.19 2.61 -48.41
N LEU M 704 46.97 2.88 -37.35
CA LEU M 704 46.31 2.33 -38.51
C LEU M 704 46.44 0.81 -38.54
N GLN M 705 47.68 0.32 -38.62
CA GLN M 705 47.90 -1.13 -38.61
C GLN M 705 47.57 -1.75 -37.26
N GLN M 706 47.52 -0.95 -36.20
CA GLN M 706 47.07 -1.45 -34.90
C GLN M 706 45.62 -1.90 -34.95
N PHE M 707 44.83 -1.38 -35.88
CA PHE M 707 43.42 -1.73 -36.02
C PHE M 707 43.18 -2.64 -37.22
N ALA M 708 44.21 -3.30 -37.73
CA ALA M 708 44.04 -4.20 -38.85
C ALA M 708 43.14 -5.37 -38.45
N ALA M 709 42.15 -5.64 -39.29
CA ALA M 709 41.15 -6.65 -38.97
C ALA M 709 41.74 -8.05 -39.05
N CYS M 710 41.36 -8.90 -38.10
CA CYS M 710 41.77 -10.29 -38.06
C CYS M 710 40.55 -11.17 -38.26
N PHE M 711 40.63 -12.11 -39.21
CA PHE M 711 39.52 -12.96 -39.55
C PHE M 711 39.51 -14.22 -38.70
N LEU M 712 38.41 -14.97 -38.79
CA LEU M 712 38.28 -16.25 -38.09
C LEU M 712 37.88 -17.36 -39.04
N MET N 1 39.13 14.16 -46.59
CA MET N 1 37.97 14.63 -45.84
C MET N 1 38.37 15.67 -44.80
N LYS N 2 37.38 16.36 -44.25
CA LYS N 2 37.60 17.38 -43.24
C LYS N 2 36.65 17.14 -42.06
N VAL N 3 37.13 17.47 -40.87
CA VAL N 3 36.37 17.31 -39.64
C VAL N 3 36.22 18.67 -38.98
N ILE N 4 34.97 19.05 -38.69
CA ILE N 4 34.66 20.32 -38.07
C ILE N 4 33.89 20.05 -36.78
N THR N 5 34.37 20.62 -35.67
CA THR N 5 33.79 20.39 -34.36
C THR N 5 32.95 21.59 -33.95
N CYS N 6 31.73 21.32 -33.49
CA CYS N 6 30.82 22.36 -33.02
C CYS N 6 31.18 22.72 -31.59
N GLU N 7 31.80 23.88 -31.41
CA GLU N 7 32.22 24.33 -30.08
C GLU N 7 31.20 25.22 -29.39
N ILE N 8 30.02 25.40 -29.99
CA ILE N 8 28.93 26.16 -29.39
C ILE N 8 27.89 25.18 -28.87
N ALA N 9 27.42 25.41 -27.65
CA ALA N 9 26.49 24.48 -27.01
C ALA N 9 25.15 24.47 -27.73
N TRP N 10 24.74 23.31 -28.20
CA TRP N 10 23.45 23.20 -28.90
C TRP N 10 22.28 23.27 -27.95
N HIS N 11 22.37 22.60 -26.80
CA HIS N 11 21.26 22.51 -25.85
C HIS N 11 21.67 23.09 -24.51
N ASN N 12 22.34 24.24 -24.54
CA ASN N 12 22.78 24.96 -23.34
C ASN N 12 23.67 24.08 -22.46
N LYS N 13 24.71 23.53 -23.07
CA LYS N 13 25.74 22.72 -22.42
C LYS N 13 25.20 21.40 -21.87
N GLU N 14 23.99 20.99 -22.26
CA GLU N 14 23.56 19.70 -21.76
C GLU N 14 23.97 18.59 -22.72
N PRO N 15 24.19 17.38 -22.20
CA PRO N 15 24.64 16.27 -23.07
C PRO N 15 23.65 15.99 -24.19
N VAL N 16 24.19 15.68 -25.36
CA VAL N 16 23.40 15.34 -26.54
C VAL N 16 23.32 13.83 -26.63
N TYR N 17 22.13 13.31 -26.96
CA TYR N 17 21.91 11.86 -26.99
C TYR N 17 21.73 11.29 -28.39
N SER N 18 21.21 12.05 -29.34
CA SER N 18 20.89 11.49 -30.64
C SER N 18 21.06 12.54 -31.73
N LEU N 19 21.23 12.06 -32.95
CA LEU N 19 21.30 12.89 -34.14
C LEU N 19 20.68 12.13 -35.31
N ASP N 20 19.99 12.85 -36.19
CA ASP N 20 19.38 12.22 -37.33
C ASP N 20 19.22 13.24 -38.45
N PHE N 21 19.54 12.81 -39.67
CA PHE N 21 19.38 13.64 -40.85
C PHE N 21 18.05 13.35 -41.53
N GLN N 22 17.52 14.36 -42.22
CA GLN N 22 16.27 14.20 -42.96
C GLN N 22 16.49 13.24 -44.12
N HIS N 23 15.92 12.04 -44.03
CA HIS N 23 16.03 11.07 -45.11
C HIS N 23 15.28 11.54 -46.35
N GLY N 24 14.35 12.48 -46.21
CA GLY N 24 13.65 13.02 -47.37
C GLY N 24 14.44 14.03 -48.17
N THR N 25 15.58 14.47 -47.67
CA THR N 25 16.42 15.39 -48.41
C THR N 25 16.99 14.70 -49.65
N ALA N 26 17.13 15.46 -50.74
CA ALA N 26 17.67 14.91 -51.97
C ALA N 26 18.68 15.81 -52.65
N GLY N 27 19.04 16.95 -52.05
CA GLY N 27 20.01 17.85 -52.65
C GLY N 27 21.27 18.00 -51.83
N ARG N 28 21.82 19.21 -51.79
CA ARG N 28 23.03 19.49 -51.04
C ARG N 28 22.78 19.88 -49.60
N ILE N 29 21.66 20.55 -49.31
CA ILE N 29 21.32 20.96 -47.96
C ILE N 29 20.60 19.82 -47.25
N HIS N 30 21.04 19.50 -46.05
CA HIS N 30 20.46 18.43 -45.26
C HIS N 30 19.97 18.98 -43.92
N ARG N 31 18.89 18.38 -43.41
CA ARG N 31 18.25 18.81 -42.18
C ARG N 31 18.60 17.82 -41.07
N LEU N 32 19.15 18.34 -39.98
CA LEU N 32 19.62 17.52 -38.87
C LEU N 32 18.87 17.87 -37.59
N ALA N 33 18.50 16.84 -36.84
CA ALA N 33 17.76 17.01 -35.59
C ALA N 33 18.59 16.47 -34.43
N SER N 34 18.51 17.17 -33.29
CA SER N 34 19.29 16.82 -32.11
C SER N 34 18.37 16.70 -30.90
N ALA N 35 18.78 15.86 -29.95
CA ALA N 35 18.04 15.64 -28.72
C ALA N 35 18.98 15.82 -27.53
N GLY N 36 18.49 16.45 -26.47
CA GLY N 36 19.30 16.68 -25.29
C GLY N 36 18.54 16.60 -23.98
N VAL N 37 19.25 16.89 -22.88
CA VAL N 37 18.63 16.86 -21.56
C VAL N 37 17.61 17.98 -21.38
N ASP N 38 17.70 19.04 -22.18
CA ASP N 38 16.86 20.22 -22.05
C ASP N 38 15.43 20.01 -22.53
N THR N 39 15.01 18.76 -22.74
CA THR N 39 13.64 18.41 -23.14
C THR N 39 13.25 19.04 -24.47
N ASN N 40 14.24 19.37 -25.31
CA ASN N 40 13.99 20.03 -26.58
C ASN N 40 14.61 19.23 -27.71
N VAL N 41 13.92 19.20 -28.84
CA VAL N 41 14.42 18.56 -30.06
C VAL N 41 14.68 19.67 -31.07
N ARG N 42 15.95 19.93 -31.34
CA ARG N 42 16.36 21.02 -32.23
C ARG N 42 16.70 20.44 -33.61
N ILE N 43 15.94 20.84 -34.62
CA ILE N 43 16.28 20.54 -36.01
C ILE N 43 17.12 21.67 -36.56
N TRP N 44 18.28 21.33 -37.10
CA TRP N 44 19.22 22.29 -37.66
C TRP N 44 19.28 22.14 -39.17
N LYS N 45 19.84 23.15 -39.82
CA LYS N 45 20.07 23.15 -41.26
C LYS N 45 21.57 23.03 -41.51
N VAL N 46 21.99 21.91 -42.09
CA VAL N 46 23.40 21.60 -42.30
C VAL N 46 23.69 21.64 -43.80
N GLU N 47 24.70 22.41 -44.17
CA GLU N 47 25.09 22.55 -45.57
C GLU N 47 26.56 22.92 -45.64
N LYS N 48 27.21 22.50 -46.72
CA LYS N 48 28.61 22.80 -46.92
C LYS N 48 28.79 24.29 -47.24
N GLY N 49 29.84 24.88 -46.69
CA GLY N 49 30.18 26.25 -46.99
C GLY N 49 31.00 26.36 -48.26
N PRO N 50 31.40 27.60 -48.56
CA PRO N 50 32.26 27.81 -49.75
C PRO N 50 33.58 27.06 -49.67
N ASP N 51 34.14 26.89 -48.47
CA ASP N 51 35.38 26.15 -48.31
C ASP N 51 35.17 24.66 -48.11
N GLY N 52 33.92 24.19 -48.10
CA GLY N 52 33.61 22.79 -47.91
C GLY N 52 33.35 22.39 -46.47
N LYS N 53 33.61 23.27 -45.52
CA LYS N 53 33.34 22.96 -44.12
C LYS N 53 31.85 23.04 -43.84
N ALA N 54 31.38 22.15 -42.96
CA ALA N 54 29.96 22.10 -42.63
C ALA N 54 29.53 23.36 -41.89
N ILE N 55 28.31 23.81 -42.19
CA ILE N 55 27.71 24.98 -41.56
C ILE N 55 26.38 24.56 -40.95
N VAL N 56 26.15 24.95 -39.71
CA VAL N 56 24.96 24.56 -38.95
C VAL N 56 24.07 25.78 -38.78
N GLU N 57 22.80 25.64 -39.15
CA GLU N 57 21.82 26.71 -39.06
C GLU N 57 20.60 26.22 -38.29
N PHE N 58 20.24 26.93 -37.23
CA PHE N 58 19.12 26.52 -36.39
C PHE N 58 17.80 26.79 -37.10
N LEU N 59 16.88 25.82 -37.03
CA LEU N 59 15.58 25.93 -37.68
C LEU N 59 14.42 25.96 -36.68
N SER N 60 14.30 24.95 -35.81
CA SER N 60 13.13 24.84 -34.96
C SER N 60 13.49 24.25 -33.61
N ASN N 61 12.64 24.54 -32.63
CA ASN N 61 12.76 24.00 -31.28
C ASN N 61 11.48 23.27 -30.93
N LEU N 62 11.61 22.07 -30.35
CA LEU N 62 10.50 21.15 -30.10
C LEU N 62 10.53 20.77 -28.62
N ALA N 63 9.80 21.55 -27.81
CA ALA N 63 9.82 21.42 -26.36
C ALA N 63 8.59 20.70 -25.81
N ARG N 64 7.84 19.98 -26.65
CA ARG N 64 6.66 19.29 -26.16
C ARG N 64 7.01 18.24 -25.11
N HIS N 65 8.19 17.63 -25.24
CA HIS N 65 8.63 16.61 -24.28
C HIS N 65 8.78 17.24 -22.90
N THR N 66 8.17 16.60 -21.90
CA THR N 66 8.27 17.08 -20.53
C THR N 66 9.63 16.76 -19.90
N LYS N 67 10.27 15.69 -20.36
CA LYS N 67 11.56 15.28 -19.81
C LYS N 67 12.59 15.12 -20.92
N ALA N 68 13.76 14.59 -20.58
CA ALA N 68 14.85 14.50 -21.54
C ALA N 68 14.51 13.55 -22.68
N VAL N 69 15.15 13.76 -23.83
CA VAL N 69 14.95 12.97 -25.03
C VAL N 69 16.25 12.25 -25.35
N ASN N 70 16.17 10.96 -25.65
CA ASN N 70 17.35 10.15 -25.89
C ASN N 70 17.53 9.72 -27.35
N VAL N 71 16.45 9.59 -28.10
CA VAL N 71 16.52 9.13 -29.48
C VAL N 71 15.57 9.95 -30.34
N VAL N 72 16.03 10.35 -31.52
CA VAL N 72 15.24 11.10 -32.49
C VAL N 72 15.43 10.44 -33.85
N ARG N 73 14.32 10.19 -34.55
CA ARG N 73 14.35 9.47 -35.81
C ARG N 73 13.49 10.16 -36.86
N PHE N 74 14.00 10.22 -38.09
CA PHE N 74 13.24 10.69 -39.23
C PHE N 74 12.69 9.50 -40.02
N SER N 75 11.58 9.73 -40.71
CA SER N 75 11.03 8.72 -41.60
C SER N 75 11.96 8.51 -42.80
N PRO N 76 11.93 7.32 -43.40
CA PRO N 76 12.72 7.11 -44.63
C PRO N 76 12.33 8.07 -45.73
N THR N 77 11.08 8.54 -45.75
CA THR N 77 10.64 9.59 -46.65
C THR N 77 10.87 10.98 -46.09
N GLY N 78 11.27 11.09 -44.82
CA GLY N 78 11.55 12.38 -44.20
C GLY N 78 10.33 13.14 -43.73
N GLU N 79 9.12 12.59 -43.88
CA GLU N 79 7.91 13.33 -43.56
C GLU N 79 7.71 13.47 -42.05
N ILE N 80 7.85 12.37 -41.32
CA ILE N 80 7.46 12.29 -39.92
C ILE N 80 8.71 12.11 -39.07
N LEU N 81 8.80 12.88 -37.97
CA LEU N 81 9.92 12.83 -37.05
C LEU N 81 9.50 12.08 -35.81
N ALA N 82 10.27 11.05 -35.45
CA ALA N 82 10.03 10.26 -34.25
C ALA N 82 10.93 10.76 -33.13
N SER N 83 10.35 11.00 -31.95
CA SER N 83 11.10 11.54 -30.82
C SER N 83 10.54 10.99 -29.53
N GLY N 84 11.39 10.31 -28.75
CA GLY N 84 11.00 9.81 -27.45
C GLY N 84 12.17 9.87 -26.50
N GLY N 85 11.85 9.89 -25.20
CA GLY N 85 12.88 10.04 -24.19
C GLY N 85 12.47 9.66 -22.78
N ASP N 86 12.90 10.48 -21.81
CA ASP N 86 12.70 10.15 -20.40
C ASP N 86 11.22 10.07 -20.06
N ASP N 87 10.41 11.00 -20.59
CA ASP N 87 8.97 10.94 -20.34
C ASP N 87 8.32 9.73 -21.00
N ALA N 88 9.07 8.95 -21.78
CA ALA N 88 8.61 7.69 -22.37
C ALA N 88 7.41 7.88 -23.29
N VAL N 89 7.36 8.99 -24.03
CA VAL N 89 6.31 9.25 -24.98
C VAL N 89 6.94 9.39 -26.36
N ILE N 90 6.39 8.68 -27.34
CA ILE N 90 6.87 8.71 -28.71
C ILE N 90 6.01 9.68 -29.50
N LEU N 91 6.63 10.75 -30.01
CA LEU N 91 5.95 11.80 -30.74
C LEU N 91 6.24 11.67 -32.23
N LEU N 92 5.19 11.73 -33.04
CA LEU N 92 5.31 11.73 -34.49
C LEU N 92 5.15 13.16 -34.97
N TRP N 93 6.26 13.89 -34.99
CA TRP N 93 6.24 15.28 -35.44
C TRP N 93 6.05 15.36 -36.95
N LYS N 94 5.47 16.47 -37.40
CA LYS N 94 5.21 16.71 -38.81
C LYS N 94 5.32 18.21 -39.08
N VAL N 95 5.81 18.55 -40.28
CA VAL N 95 5.89 19.95 -40.67
C VAL N 95 4.48 20.44 -40.94
N ASN N 96 4.02 21.41 -40.14
CA ASN N 96 2.67 21.94 -40.28
C ASN N 96 2.61 23.04 -41.34
N ASN N 115 12.56 29.96 -33.74
CA ASN N 115 12.04 28.91 -34.61
C ASN N 115 11.78 29.42 -36.02
N LYS N 116 12.65 29.04 -36.95
CA LYS N 116 12.43 29.36 -38.36
C LYS N 116 11.28 28.57 -38.97
N GLU N 117 11.06 27.34 -38.49
CA GLU N 117 9.97 26.50 -38.93
C GLU N 117 9.27 25.91 -37.71
N ASN N 118 8.15 25.22 -37.94
CA ASN N 118 7.33 24.67 -36.87
C ASN N 118 7.03 23.21 -37.13
N TRP N 119 6.87 22.44 -36.06
CA TRP N 119 6.53 21.02 -36.13
C TRP N 119 5.39 20.74 -35.18
N THR N 120 4.56 19.75 -35.55
CA THR N 120 3.42 19.34 -34.74
C THR N 120 3.36 17.83 -34.66
N VAL N 121 2.97 17.32 -33.50
CA VAL N 121 2.88 15.88 -33.26
C VAL N 121 1.60 15.36 -33.88
N VAL N 122 1.71 14.28 -34.65
CA VAL N 122 0.55 13.69 -35.32
C VAL N 122 -0.13 12.68 -34.41
N LYS N 123 0.60 11.62 -34.04
CA LYS N 123 0.07 10.55 -33.21
C LYS N 123 0.94 10.37 -31.98
N THR N 124 0.30 10.05 -30.86
CA THR N 124 0.97 9.83 -29.58
C THR N 124 1.07 8.32 -29.37
N LEU N 125 2.25 7.77 -29.65
CA LEU N 125 2.49 6.33 -29.57
C LEU N 125 2.98 6.00 -28.16
N ARG N 126 2.07 6.10 -27.21
CA ARG N 126 2.40 5.79 -25.83
C ARG N 126 2.22 4.29 -25.54
N GLY N 127 2.85 3.85 -24.45
CA GLY N 127 2.86 2.45 -24.10
C GLY N 127 4.19 2.05 -23.49
N HIS N 128 5.16 2.96 -23.55
CA HIS N 128 6.46 2.74 -22.95
C HIS N 128 6.53 3.41 -21.58
N LEU N 129 7.54 3.02 -20.80
CA LEU N 129 7.52 3.31 -19.37
C LEU N 129 8.57 4.34 -18.97
N GLU N 130 9.81 4.15 -19.41
CA GLU N 130 10.92 5.02 -19.04
C GLU N 130 11.79 5.22 -20.28
N ASP N 131 13.04 5.68 -20.08
CA ASP N 131 13.94 6.08 -21.16
C ASP N 131 13.83 5.17 -22.37
N VAL N 132 13.49 5.77 -23.51
CA VAL N 132 13.43 5.08 -24.79
C VAL N 132 14.73 5.38 -25.53
N TYR N 133 15.49 4.33 -25.85
CA TYR N 133 16.86 4.49 -26.29
C TYR N 133 17.04 4.39 -27.80
N ASP N 134 16.33 3.48 -28.46
CA ASP N 134 16.53 3.25 -29.88
C ASP N 134 15.20 3.13 -30.59
N ILE N 135 15.09 3.79 -31.74
CA ILE N 135 13.91 3.74 -32.60
C ILE N 135 14.40 3.46 -34.01
N CYS N 136 13.68 2.60 -34.74
CA CYS N 136 14.04 2.30 -36.13
C CYS N 136 12.80 2.43 -37.00
N TRP N 137 12.98 3.04 -38.17
CA TRP N 137 11.90 3.20 -39.13
C TRP N 137 11.92 2.06 -40.15
N ALA N 138 10.76 1.47 -40.37
CA ALA N 138 10.63 0.45 -41.41
C ALA N 138 10.70 1.09 -42.79
N THR N 139 11.05 0.30 -43.79
CA THR N 139 11.23 0.82 -45.14
C THR N 139 9.94 1.46 -45.66
N ASP N 140 8.81 0.80 -45.45
CA ASP N 140 7.53 1.39 -45.88
C ASP N 140 7.18 2.64 -45.07
N GLY N 141 7.71 2.78 -43.87
CA GLY N 141 7.39 3.91 -43.02
C GLY N 141 6.10 3.77 -42.24
N ASN N 142 5.40 2.64 -42.35
CA ASN N 142 4.14 2.45 -41.65
C ASN N 142 4.26 1.56 -40.42
N LEU N 143 5.46 1.08 -40.08
CA LEU N 143 5.64 0.19 -38.94
C LEU N 143 6.87 0.60 -38.14
N MET N 144 6.73 0.58 -36.81
CA MET N 144 7.70 1.16 -35.90
C MET N 144 8.29 0.09 -34.98
N ALA N 145 9.59 0.21 -34.72
CA ALA N 145 10.28 -0.55 -33.69
C ALA N 145 10.82 0.43 -32.66
N SER N 146 10.47 0.19 -31.40
CA SER N 146 10.86 1.07 -30.31
C SER N 146 11.58 0.26 -29.24
N ALA N 147 12.76 0.74 -28.84
CA ALA N 147 13.55 0.09 -27.81
C ALA N 147 13.67 1.01 -26.60
N SER N 148 13.33 0.49 -25.43
CA SER N 148 13.38 1.26 -24.20
C SER N 148 13.89 0.38 -23.06
N VAL N 149 14.26 1.03 -21.96
CA VAL N 149 14.77 0.35 -20.77
C VAL N 149 13.80 -0.69 -20.23
N ASP N 150 12.53 -0.60 -20.59
CA ASP N 150 11.44 -1.39 -20.03
C ASP N 150 11.45 -2.87 -20.45
N ASN N 151 12.54 -3.37 -21.05
CA ASN N 151 12.72 -4.79 -21.34
C ASN N 151 11.80 -5.27 -22.48
N THR N 152 11.32 -4.37 -23.33
CA THR N 152 10.41 -4.77 -24.38
C THR N 152 10.61 -3.92 -25.63
N ALA N 153 10.17 -4.46 -26.76
CA ALA N 153 10.11 -3.75 -28.03
C ALA N 153 8.69 -3.85 -28.57
N ILE N 154 8.11 -2.70 -28.90
CA ILE N 154 6.70 -2.61 -29.29
C ILE N 154 6.63 -2.24 -30.76
N ILE N 155 5.80 -2.97 -31.52
CA ILE N 155 5.55 -2.68 -32.92
C ILE N 155 4.29 -1.84 -33.03
N TRP N 156 4.38 -0.76 -33.81
CA TRP N 156 3.30 0.21 -33.93
C TRP N 156 2.86 0.36 -35.38
N ASP N 157 1.66 0.90 -35.57
CA ASP N 157 1.15 1.28 -36.88
C ASP N 157 1.19 2.80 -36.98
N VAL N 158 1.91 3.32 -37.97
CA VAL N 158 2.03 4.76 -38.12
C VAL N 158 0.70 5.38 -38.53
N SER N 159 0.04 4.80 -39.54
CA SER N 159 -1.24 5.32 -39.98
C SER N 159 -2.29 5.17 -38.90
N LYS N 160 -2.31 4.03 -38.22
CA LYS N 160 -3.29 3.82 -37.15
C LYS N 160 -2.91 4.56 -35.88
N GLY N 161 -1.62 4.74 -35.62
CA GLY N 161 -1.18 5.33 -34.38
C GLY N 161 -1.35 4.43 -33.18
N GLN N 162 -1.44 3.12 -33.37
CA GLN N 162 -1.70 2.17 -32.30
C GLN N 162 -0.69 1.03 -32.36
N LYS N 163 -0.38 0.48 -31.17
CA LYS N 163 0.52 -0.66 -31.09
C LYS N 163 -0.18 -1.93 -31.55
N ILE N 164 0.60 -2.84 -32.14
CA ILE N 164 0.05 -4.08 -32.65
C ILE N 164 0.80 -5.32 -32.17
N SER N 165 2.07 -5.22 -31.76
CA SER N 165 2.82 -6.40 -31.36
C SER N 165 3.73 -6.06 -30.20
N ILE N 166 4.09 -7.08 -29.42
CA ILE N 166 4.91 -6.92 -28.22
C ILE N 166 6.00 -7.99 -28.21
N PHE N 167 7.21 -7.58 -27.83
CA PHE N 167 8.37 -8.47 -27.71
C PHE N 167 8.98 -8.23 -26.33
N ASN N 168 8.67 -9.11 -25.38
CA ASN N 168 9.07 -8.93 -23.99
C ASN N 168 10.21 -9.87 -23.58
N GLU N 169 10.90 -10.48 -24.55
CA GLU N 169 11.95 -11.44 -24.22
C GLU N 169 13.20 -10.79 -23.65
N HIS N 170 13.31 -9.47 -23.71
CA HIS N 170 14.50 -8.80 -23.17
C HIS N 170 14.50 -8.85 -21.65
N LYS N 171 15.66 -9.19 -21.08
CA LYS N 171 15.83 -9.30 -19.64
C LYS N 171 16.67 -8.20 -19.04
N SER N 172 17.04 -7.18 -19.81
CA SER N 172 17.83 -6.06 -19.30
C SER N 172 17.50 -4.83 -20.13
N TYR N 173 18.30 -3.78 -19.95
CA TYR N 173 18.04 -2.50 -20.60
C TYR N 173 18.21 -2.66 -22.11
N VAL N 174 17.13 -2.42 -22.86
CA VAL N 174 17.19 -2.51 -24.31
C VAL N 174 17.76 -1.19 -24.83
N GLN N 175 18.94 -1.25 -25.44
CA GLN N 175 19.66 -0.05 -25.85
C GLN N 175 19.93 0.00 -27.35
N GLY N 176 19.41 -0.96 -28.11
CA GLY N 176 19.63 -0.97 -29.55
C GLY N 176 18.66 -1.84 -30.32
N VAL N 177 18.10 -1.30 -31.40
CA VAL N 177 17.15 -2.03 -32.24
C VAL N 177 17.27 -1.50 -33.66
N THR N 178 17.00 -2.36 -34.63
CA THR N 178 16.93 -1.94 -36.03
C THR N 178 15.93 -2.81 -36.77
N TRP N 179 15.37 -2.26 -37.84
CA TRP N 179 14.41 -2.95 -38.68
C TRP N 179 15.10 -3.51 -39.91
N ASP N 180 14.77 -4.76 -40.24
CA ASP N 180 15.35 -5.39 -41.42
C ASP N 180 14.86 -4.68 -42.68
N PRO N 181 15.74 -4.18 -43.54
CA PRO N 181 15.28 -3.54 -44.78
C PRO N 181 14.45 -4.46 -45.66
N LEU N 182 14.74 -5.76 -45.65
CA LEU N 182 13.93 -6.73 -46.38
C LEU N 182 12.58 -6.98 -45.72
N GLY N 183 12.36 -6.47 -44.51
CA GLY N 183 11.10 -6.66 -43.82
C GLY N 183 10.80 -8.10 -43.47
N GLN N 184 11.78 -8.79 -42.89
CA GLN N 184 11.60 -10.17 -42.47
C GLN N 184 11.89 -10.41 -40.99
N TYR N 185 12.92 -9.78 -40.44
CA TYR N 185 13.28 -9.98 -39.03
C TYR N 185 13.40 -8.64 -38.34
N VAL N 186 13.66 -8.69 -37.03
CA VAL N 186 13.91 -7.51 -36.22
C VAL N 186 15.11 -7.80 -35.33
N ALA N 187 16.13 -6.95 -35.38
CA ALA N 187 17.33 -7.12 -34.59
C ALA N 187 17.31 -6.19 -33.39
N THR N 188 17.57 -6.75 -32.21
CA THR N 188 17.53 -6.01 -30.95
C THR N 188 18.81 -6.27 -30.17
N LEU N 189 19.31 -5.23 -29.51
CA LEU N 189 20.44 -5.36 -28.60
C LEU N 189 20.05 -4.81 -27.24
N SER N 190 20.24 -5.61 -26.20
CA SER N 190 19.91 -5.23 -24.84
C SER N 190 21.16 -5.28 -23.97
N CYS N 191 21.03 -4.73 -22.76
CA CYS N 191 22.15 -4.65 -21.84
C CYS N 191 22.58 -6.00 -21.29
N ASP N 192 21.79 -7.06 -21.50
CA ASP N 192 22.09 -8.38 -20.96
C ASP N 192 23.10 -9.15 -21.80
N ARG N 193 23.83 -8.50 -22.70
CA ARG N 193 24.80 -9.17 -23.58
C ARG N 193 24.13 -10.27 -24.39
N VAL N 194 22.86 -10.09 -24.71
CA VAL N 194 22.07 -11.08 -25.43
C VAL N 194 21.33 -10.39 -26.56
N LEU N 195 21.44 -10.94 -27.77
CA LEU N 195 20.75 -10.41 -28.94
C LEU N 195 19.54 -11.28 -29.25
N ARG N 196 18.45 -10.63 -29.66
CA ARG N 196 17.18 -11.30 -29.91
C ARG N 196 16.67 -10.93 -31.29
N VAL N 197 16.39 -11.93 -32.12
CA VAL N 197 15.92 -11.74 -33.48
C VAL N 197 14.47 -12.19 -33.55
N TYR N 198 13.60 -11.30 -34.06
CA TYR N 198 12.17 -11.56 -34.13
C TYR N 198 11.72 -11.52 -35.59
N SER N 199 11.20 -12.64 -36.07
CA SER N 199 10.65 -12.67 -37.42
C SER N 199 9.39 -11.82 -37.47
N ILE N 200 9.31 -10.95 -38.49
CA ILE N 200 8.18 -10.04 -38.60
C ILE N 200 6.89 -10.76 -38.97
N GLN N 201 6.99 -12.01 -39.44
CA GLN N 201 5.80 -12.78 -39.80
C GLN N 201 5.25 -13.55 -38.61
N LYS N 202 6.10 -14.35 -37.96
CA LYS N 202 5.65 -15.15 -36.82
C LYS N 202 5.45 -14.31 -35.57
N LYS N 203 6.18 -13.19 -35.44
CA LYS N 203 6.18 -12.36 -34.23
C LYS N 203 6.70 -13.13 -33.01
N ARG N 204 7.67 -14.02 -33.24
CA ARG N 204 8.33 -14.75 -32.18
C ARG N 204 9.85 -14.70 -32.40
N VAL N 205 10.58 -15.23 -31.42
CA VAL N 205 12.04 -15.25 -31.49
C VAL N 205 12.48 -16.26 -32.51
N ALA N 206 13.20 -15.81 -33.54
CA ALA N 206 13.75 -16.71 -34.55
C ALA N 206 15.17 -17.16 -34.21
N PHE N 207 15.99 -16.25 -33.71
CA PHE N 207 17.37 -16.57 -33.37
C PHE N 207 17.74 -15.87 -32.07
N ASN N 208 18.72 -16.45 -31.36
CA ASN N 208 19.20 -15.89 -30.10
C ASN N 208 20.65 -16.31 -29.91
N VAL N 209 21.52 -15.33 -29.72
CA VAL N 209 22.95 -15.58 -29.57
C VAL N 209 23.42 -14.88 -28.29
N SER N 210 24.08 -15.63 -27.41
CA SER N 210 24.65 -15.08 -26.18
C SER N 210 26.07 -15.55 -25.89
N LYS N 211 26.52 -16.66 -26.48
CA LYS N 211 27.86 -17.19 -26.25
C LYS N 211 28.54 -17.44 -27.58
N MET N 212 29.83 -17.09 -27.64
CA MET N 212 30.61 -17.30 -28.86
C MET N 212 31.28 -18.68 -28.83
N ARG N 226 32.26 -12.41 -22.55
CA ARG N 226 31.07 -12.92 -23.20
C ARG N 226 30.98 -12.49 -24.66
N MET N 227 29.82 -12.73 -25.27
CA MET N 227 29.63 -12.37 -26.67
C MET N 227 29.69 -10.86 -26.87
N PHE N 228 29.08 -10.11 -25.96
CA PHE N 228 29.13 -8.65 -25.96
C PHE N 228 29.66 -8.14 -24.63
N HIS N 229 29.56 -6.82 -24.43
CA HIS N 229 30.00 -6.19 -23.20
C HIS N 229 28.87 -6.14 -22.19
N ASP N 230 29.24 -6.11 -20.91
CA ASP N 230 28.28 -6.14 -19.82
C ASP N 230 27.80 -4.73 -19.50
N ASP N 231 27.12 -4.58 -18.36
CA ASP N 231 26.59 -3.29 -17.91
C ASP N 231 27.68 -2.28 -17.62
N SER N 232 28.93 -2.70 -17.45
CA SER N 232 30.00 -1.77 -17.13
C SER N 232 30.28 -0.78 -18.25
N MET N 233 29.88 -1.09 -19.48
CA MET N 233 30.08 -0.17 -20.59
C MET N 233 29.22 1.07 -20.38
N LYS N 234 29.84 2.24 -20.58
CA LYS N 234 29.32 3.49 -20.05
C LYS N 234 28.34 4.20 -20.98
N SER N 235 28.01 3.62 -22.13
CA SER N 235 27.09 4.25 -23.07
C SER N 235 25.68 3.73 -22.82
N PHE N 236 24.71 4.64 -22.82
CA PHE N 236 23.31 4.27 -22.66
C PHE N 236 22.73 3.61 -23.91
N PHE N 237 23.46 3.58 -25.02
CA PHE N 237 22.96 3.09 -26.29
C PHE N 237 23.77 1.88 -26.75
N ARG N 238 23.07 0.92 -27.35
CA ARG N 238 23.66 -0.25 -28.01
C ARG N 238 23.15 -0.33 -29.44
N ARG N 239 23.15 0.80 -30.13
CA ARG N 239 22.50 0.95 -31.42
C ARG N 239 23.26 0.16 -32.48
N LEU N 240 22.67 -0.95 -32.93
CA LEU N 240 23.13 -1.67 -34.10
C LEU N 240 22.14 -1.48 -35.24
N SER N 241 22.65 -1.59 -36.47
CA SER N 241 21.84 -1.36 -37.65
C SER N 241 22.15 -2.43 -38.68
N PHE N 242 21.13 -2.83 -39.44
CA PHE N 242 21.33 -3.73 -40.56
C PHE N 242 22.04 -3.01 -41.70
N THR N 243 22.64 -3.79 -42.59
CA THR N 243 23.12 -3.26 -43.84
C THR N 243 21.93 -2.73 -44.64
N PRO N 244 22.09 -1.62 -45.36
CA PRO N 244 20.94 -1.06 -46.11
C PRO N 244 20.25 -2.05 -47.01
N ASP N 245 20.95 -3.05 -47.53
CA ASP N 245 20.30 -4.12 -48.28
C ASP N 245 19.74 -5.22 -47.36
N GLY N 246 20.11 -5.21 -46.09
CA GLY N 246 19.63 -6.19 -45.14
C GLY N 246 20.40 -7.49 -45.11
N SER N 247 21.40 -7.65 -45.99
CA SER N 247 22.13 -8.91 -46.07
C SER N 247 22.93 -9.18 -44.80
N LEU N 248 23.54 -8.15 -44.21
CA LEU N 248 24.40 -8.31 -43.06
C LEU N 248 23.94 -7.43 -41.91
N LEU N 249 24.29 -7.83 -40.70
CA LEU N 249 23.98 -7.07 -39.49
C LEU N 249 25.29 -6.71 -38.79
N LEU N 250 25.43 -5.44 -38.44
CA LEU N 250 26.63 -4.94 -37.77
C LEU N 250 26.29 -4.65 -36.31
N THR N 251 26.86 -5.45 -35.40
CA THR N 251 26.56 -5.34 -33.97
C THR N 251 27.78 -4.83 -33.22
N PRO N 252 27.75 -3.60 -32.70
CA PRO N 252 28.91 -3.09 -31.94
C PRO N 252 28.94 -3.61 -30.52
N ALA N 253 29.91 -3.14 -29.73
CA ALA N 253 30.05 -3.47 -28.31
C ALA N 253 30.18 -4.98 -28.10
N GLY N 254 31.14 -5.58 -28.79
CA GLY N 254 31.41 -6.99 -28.67
C GLY N 254 32.69 -7.28 -27.90
N CYS N 255 32.78 -8.51 -27.39
CA CYS N 255 33.95 -8.97 -26.66
C CYS N 255 34.44 -10.29 -27.22
N VAL N 256 35.74 -10.39 -27.42
CA VAL N 256 36.35 -11.60 -27.96
C VAL N 256 37.03 -12.40 -26.85
N MET N 263 38.72 -7.72 -25.14
CA MET N 263 38.87 -6.56 -26.01
C MET N 263 37.54 -6.21 -26.69
N ASN N 264 37.36 -4.93 -27.00
CA ASN N 264 36.12 -4.49 -27.62
C ASN N 264 36.16 -4.70 -29.13
N THR N 265 35.02 -5.08 -29.70
CA THR N 265 34.94 -5.39 -31.12
C THR N 265 33.51 -5.18 -31.59
N THR N 266 33.33 -5.33 -32.90
CA THR N 266 32.03 -5.20 -33.55
C THR N 266 31.81 -6.39 -34.46
N TYR N 267 30.96 -7.32 -34.03
CA TYR N 267 30.69 -8.55 -34.77
C TYR N 267 29.79 -8.26 -35.97
N VAL N 268 29.87 -9.14 -36.97
CA VAL N 268 29.08 -9.05 -38.19
C VAL N 268 28.38 -10.39 -38.40
N PHE N 269 27.08 -10.33 -38.67
CA PHE N 269 26.29 -11.51 -38.97
C PHE N 269 25.80 -11.47 -40.41
N SER N 270 25.17 -12.57 -40.83
CA SER N 270 24.62 -12.70 -42.17
C SER N 270 23.22 -13.33 -42.10
N ARG N 271 22.44 -13.07 -43.16
CA ARG N 271 21.11 -13.68 -43.24
C ARG N 271 21.19 -15.20 -43.38
N LYS N 272 22.26 -15.71 -43.97
CA LYS N 272 22.43 -17.16 -44.12
C LYS N 272 22.53 -17.82 -42.75
N ASN N 273 23.35 -17.28 -41.87
CA ASN N 273 23.49 -17.77 -40.51
C ASN N 273 23.65 -16.61 -39.54
N LEU N 274 22.65 -16.42 -38.68
CA LEU N 274 22.69 -15.37 -37.67
C LEU N 274 23.22 -15.85 -36.33
N LYS N 275 23.58 -17.13 -36.22
CA LYS N 275 24.07 -17.71 -34.98
C LYS N 275 25.59 -17.81 -34.93
N ARG N 276 26.30 -17.29 -35.92
CA ARG N 276 27.76 -17.33 -35.90
C ARG N 276 28.32 -16.14 -36.67
N PRO N 277 29.25 -15.39 -36.08
CA PRO N 277 29.79 -14.22 -36.79
C PRO N 277 30.79 -14.62 -37.85
N ILE N 278 30.67 -13.96 -39.01
CA ILE N 278 31.65 -14.15 -40.07
C ILE N 278 32.99 -13.52 -39.68
N ALA N 279 32.93 -12.31 -39.13
CA ALA N 279 34.12 -11.60 -38.68
C ALA N 279 33.71 -10.52 -37.69
N HIS N 280 34.70 -10.00 -36.97
CA HIS N 280 34.49 -8.91 -36.03
C HIS N 280 35.54 -7.83 -36.27
N LEU N 281 35.17 -6.58 -36.06
CA LEU N 281 36.06 -5.45 -36.29
C LEU N 281 36.76 -5.09 -34.99
N PRO N 282 38.08 -5.27 -34.88
CA PRO N 282 38.76 -4.98 -33.62
C PRO N 282 38.82 -3.49 -33.34
N CYS N 283 38.35 -3.12 -32.14
CA CYS N 283 38.42 -1.74 -31.65
C CYS N 283 38.92 -1.76 -30.21
N PRO N 284 40.21 -2.02 -29.99
CA PRO N 284 40.73 -2.06 -28.63
C PRO N 284 40.65 -0.69 -27.97
N GLY N 285 40.51 -0.71 -26.64
CA GLY N 285 40.39 0.52 -25.88
C GLY N 285 38.98 0.71 -25.35
N LYS N 286 38.25 1.67 -25.91
CA LYS N 286 36.86 1.91 -25.56
C LYS N 286 35.94 1.07 -26.43
N ALA N 287 34.74 0.82 -25.91
CA ALA N 287 33.79 -0.05 -26.60
C ALA N 287 33.01 0.71 -27.66
N THR N 288 32.81 0.07 -28.81
CA THR N 288 31.96 0.63 -29.85
C THR N 288 30.51 0.68 -29.38
N LEU N 289 29.79 1.73 -29.78
CA LEU N 289 28.44 1.92 -29.27
C LEU N 289 27.44 2.23 -30.38
N ALA N 290 27.92 2.71 -31.52
CA ALA N 290 27.03 3.13 -32.60
C ALA N 290 27.47 2.53 -33.93
N VAL N 291 26.49 2.12 -34.72
CA VAL N 291 26.73 1.64 -36.08
C VAL N 291 25.72 2.31 -36.99
N ARG N 292 26.22 3.03 -38.00
CA ARG N 292 25.37 3.68 -39.00
C ARG N 292 25.95 3.41 -40.38
N CYS N 293 25.08 3.15 -41.33
CA CYS N 293 25.48 2.86 -42.71
C CYS N 293 24.96 3.95 -43.64
N CYS N 294 25.82 4.41 -44.54
CA CYS N 294 25.41 5.42 -45.51
C CYS N 294 24.36 4.84 -46.45
N PRO N 295 23.28 5.58 -46.73
CA PRO N 295 22.24 5.08 -47.64
C PRO N 295 22.59 5.18 -49.11
N VAL N 296 23.84 5.45 -49.46
CA VAL N 296 24.28 5.57 -50.85
C VAL N 296 25.14 4.36 -51.19
N TYR N 297 24.79 3.67 -52.27
CA TYR N 297 25.53 2.50 -52.70
C TYR N 297 26.73 2.93 -53.54
N PHE N 298 27.92 2.51 -53.14
CA PHE N 298 29.16 2.86 -53.81
C PHE N 298 29.68 1.68 -54.61
N GLU N 299 30.28 1.97 -55.76
CA GLU N 299 30.84 0.92 -56.60
C GLU N 299 32.12 0.36 -55.98
N LEU N 300 32.45 -0.87 -56.35
CA LEU N 300 33.68 -1.48 -55.88
C LEU N 300 34.89 -0.75 -56.46
N ARG N 301 35.88 -0.51 -55.62
CA ARG N 301 37.08 0.22 -56.03
C ARG N 301 38.08 -0.71 -56.71
N VAL N 308 39.01 -11.06 -47.43
CA VAL N 308 39.03 -9.68 -46.96
C VAL N 308 37.66 -9.05 -47.11
N GLU N 309 37.05 -9.24 -48.28
CA GLU N 309 35.71 -8.71 -48.51
C GLU N 309 34.70 -9.34 -47.56
N LEU N 310 33.89 -8.50 -46.92
CA LEU N 310 32.94 -9.00 -45.95
C LEU N 310 31.77 -9.71 -46.63
N MET N 311 31.31 -9.19 -47.76
CA MET N 311 30.19 -9.77 -48.49
C MET N 311 30.40 -9.52 -49.97
N SER N 312 29.87 -10.41 -50.80
CA SER N 312 30.20 -10.45 -52.23
C SER N 312 28.98 -10.04 -53.05
N LEU N 313 28.90 -8.75 -53.36
CA LEU N 313 27.98 -8.22 -54.37
C LEU N 313 28.68 -7.11 -55.13
N PRO N 314 28.25 -6.81 -56.35
CA PRO N 314 28.98 -5.83 -57.17
C PRO N 314 29.04 -4.42 -56.58
N TYR N 315 28.38 -4.16 -55.45
CA TYR N 315 28.41 -2.86 -54.82
C TYR N 315 28.98 -2.96 -53.41
N ARG N 316 29.59 -1.87 -52.96
CA ARG N 316 30.12 -1.77 -51.60
C ARG N 316 29.40 -0.65 -50.86
N LEU N 317 29.31 -0.80 -49.54
CA LEU N 317 28.61 0.15 -48.68
C LEU N 317 29.54 0.63 -47.59
N VAL N 318 29.60 1.95 -47.42
CA VAL N 318 30.44 2.58 -46.41
C VAL N 318 29.59 2.87 -45.18
N PHE N 319 30.05 2.41 -44.02
CA PHE N 319 29.33 2.60 -42.77
C PHE N 319 30.25 3.20 -41.72
N ALA N 320 29.66 3.82 -40.71
CA ALA N 320 30.39 4.50 -39.66
C ALA N 320 30.13 3.82 -38.33
N VAL N 321 31.20 3.60 -37.57
CA VAL N 321 31.12 3.00 -36.24
C VAL N 321 31.72 4.01 -35.25
N ALA N 322 30.96 4.33 -34.21
CA ALA N 322 31.37 5.29 -33.20
C ALA N 322 31.58 4.58 -31.87
N SER N 323 32.78 4.70 -31.32
CA SER N 323 33.09 4.19 -30.00
C SER N 323 32.87 5.29 -28.96
N GLU N 324 33.33 5.06 -27.74
CA GLU N 324 33.18 6.07 -26.70
C GLU N 324 33.95 7.34 -27.03
N ASP N 325 35.17 7.23 -27.56
CA ASP N 325 35.97 8.41 -27.88
C ASP N 325 36.60 8.33 -29.27
N SER N 326 36.27 7.34 -30.10
CA SER N 326 36.87 7.19 -31.41
C SER N 326 35.80 6.78 -32.41
N VAL N 327 36.01 7.15 -33.67
CA VAL N 327 35.12 6.80 -34.76
C VAL N 327 35.94 6.14 -35.86
N LEU N 328 35.51 4.95 -36.28
CA LEU N 328 36.18 4.20 -37.33
C LEU N 328 35.28 4.10 -38.55
N LEU N 329 35.84 4.32 -39.73
CA LEU N 329 35.11 4.31 -40.99
C LEU N 329 35.57 3.14 -41.83
N TYR N 330 34.67 2.20 -42.08
CA TYR N 330 34.95 1.03 -42.90
C TYR N 330 34.12 1.07 -44.18
N ASP N 331 34.37 0.07 -45.04
CA ASP N 331 33.59 -0.18 -46.24
C ASP N 331 33.39 -1.69 -46.37
N THR N 332 32.56 -2.08 -47.34
CA THR N 332 32.20 -3.48 -47.49
C THR N 332 33.40 -4.33 -47.90
N GLN N 333 34.24 -3.84 -48.80
CA GLN N 333 35.26 -4.66 -49.42
C GLN N 333 36.55 -4.76 -48.61
N GLN N 334 36.90 -3.74 -47.84
CA GLN N 334 38.16 -3.70 -47.12
C GLN N 334 37.94 -4.10 -45.67
N SER N 335 38.78 -5.01 -45.18
CA SER N 335 38.72 -5.39 -43.77
C SER N 335 39.17 -4.26 -42.87
N PHE N 336 40.30 -3.62 -43.20
CA PHE N 336 40.82 -2.53 -42.41
C PHE N 336 40.05 -1.23 -42.68
N PRO N 337 39.96 -0.33 -41.69
CA PRO N 337 39.24 0.92 -41.91
C PRO N 337 40.05 1.91 -42.73
N PHE N 338 39.37 2.62 -43.62
CA PHE N 338 40.00 3.65 -44.42
C PHE N 338 39.90 5.05 -43.80
N GLY N 339 39.26 5.17 -42.65
CA GLY N 339 39.17 6.44 -41.96
C GLY N 339 39.08 6.24 -40.46
N TYR N 340 39.62 7.20 -39.72
CA TYR N 340 39.64 7.12 -38.27
C TYR N 340 39.86 8.52 -37.70
N VAL N 341 38.91 8.97 -36.88
CA VAL N 341 38.98 10.28 -36.24
C VAL N 341 38.79 10.09 -34.73
N SER N 342 39.65 10.75 -33.95
CA SER N 342 39.60 10.61 -32.50
C SER N 342 40.09 11.91 -31.86
N ASN N 343 39.91 11.99 -30.54
CA ASN N 343 40.33 13.14 -29.75
C ASN N 343 39.70 14.44 -30.26
N ILE N 344 38.40 14.38 -30.56
CA ILE N 344 37.66 15.55 -30.99
C ILE N 344 36.57 15.96 -30.01
N HIS N 345 36.22 15.11 -29.05
CA HIS N 345 35.21 15.41 -28.05
C HIS N 345 35.75 15.09 -26.66
N TYR N 346 35.37 15.90 -25.67
CA TYR N 346 35.88 15.77 -24.32
C TYR N 346 35.21 14.67 -23.52
N HIS N 347 34.10 14.11 -24.01
CA HIS N 347 33.37 13.09 -23.26
C HIS N 347 32.91 12.02 -24.24
N THR N 348 32.09 11.10 -23.74
CA THR N 348 31.67 9.94 -24.53
C THR N 348 30.78 10.36 -25.69
N LEU N 349 31.03 9.76 -26.85
CA LEU N 349 30.16 9.97 -28.01
C LEU N 349 28.82 9.29 -27.79
N SER N 350 27.78 9.87 -28.38
CA SER N 350 26.42 9.38 -28.20
C SER N 350 25.81 8.82 -29.48
N ASP N 351 25.82 9.57 -30.57
CA ASP N 351 25.19 9.14 -31.80
C ASP N 351 25.92 9.70 -33.00
N ILE N 352 25.75 9.03 -34.13
CA ILE N 352 26.28 9.48 -35.42
C ILE N 352 25.16 9.33 -36.44
N SER N 353 25.29 10.08 -37.54
CA SER N 353 24.27 10.05 -38.59
C SER N 353 24.90 10.38 -39.93
N TRP N 354 24.52 9.62 -40.95
CA TRP N 354 24.91 9.90 -42.33
C TRP N 354 23.88 10.80 -42.99
N SER N 355 24.35 11.61 -43.95
CA SER N 355 23.46 12.45 -44.73
C SER N 355 22.77 11.62 -45.81
N SER N 356 21.82 12.27 -46.49
CA SER N 356 21.11 11.58 -47.57
C SER N 356 22.05 11.21 -48.71
N ASP N 357 22.94 12.11 -49.08
CA ASP N 357 23.91 11.84 -50.14
C ASP N 357 25.22 11.28 -49.63
N GLY N 358 25.39 11.17 -48.30
CA GLY N 358 26.64 10.68 -47.74
C GLY N 358 27.72 11.73 -47.60
N ALA N 359 27.44 12.99 -47.91
CA ALA N 359 28.43 14.04 -47.81
C ALA N 359 28.61 14.57 -46.39
N PHE N 360 27.68 14.26 -45.49
CA PHE N 360 27.76 14.70 -44.10
C PHE N 360 27.69 13.49 -43.18
N LEU N 361 28.54 13.49 -42.15
CA LEU N 361 28.53 12.46 -41.12
C LEU N 361 28.55 13.17 -39.77
N ALA N 362 27.36 13.47 -39.25
CA ALA N 362 27.26 14.14 -37.96
C ALA N 362 27.67 13.21 -36.83
N ILE N 363 28.35 13.76 -35.84
CA ILE N 363 28.77 13.03 -34.65
C ILE N 363 28.34 13.81 -33.43
N SER N 364 27.71 13.14 -32.47
CA SER N 364 27.25 13.75 -31.23
C SER N 364 27.93 13.06 -30.05
N SER N 365 28.20 13.85 -29.01
CA SER N 365 28.85 13.37 -27.80
C SER N 365 28.04 13.76 -26.58
N THR N 366 28.49 13.32 -25.41
CA THR N 366 27.82 13.60 -24.15
C THR N 366 28.36 14.84 -23.44
N ASP N 367 29.26 15.58 -24.08
CA ASP N 367 29.81 16.80 -23.51
C ASP N 367 29.00 18.03 -23.89
N GLY N 368 27.89 17.87 -24.59
CA GLY N 368 27.10 18.97 -25.07
C GLY N 368 27.52 19.52 -26.41
N TYR N 369 28.57 18.97 -27.02
CA TYR N 369 29.09 19.42 -28.30
C TYR N 369 28.97 18.30 -29.33
N CYS N 370 28.78 18.70 -30.59
CA CYS N 370 28.67 17.77 -31.70
C CYS N 370 29.79 18.06 -32.70
N SER N 371 29.85 17.23 -33.75
CA SER N 371 30.87 17.37 -34.77
C SER N 371 30.36 16.75 -36.07
N PHE N 372 31.01 17.12 -37.17
CA PHE N 372 30.64 16.65 -38.50
C PHE N 372 31.88 16.20 -39.25
N VAL N 373 31.69 15.28 -40.19
CA VAL N 373 32.73 14.84 -41.10
C VAL N 373 32.25 15.14 -42.51
N THR N 374 33.05 15.91 -43.25
CA THR N 374 32.69 16.36 -44.58
C THR N 374 33.57 15.68 -45.62
N PHE N 375 32.94 15.00 -46.57
CA PHE N 375 33.62 14.39 -47.69
C PHE N 375 33.34 15.20 -48.95
N GLU N 376 34.35 15.33 -49.80
CA GLU N 376 34.19 16.10 -51.04
C GLU N 376 33.35 15.28 -52.02
N LYS N 377 33.25 15.77 -53.26
CA LYS N 377 32.40 15.13 -54.25
C LYS N 377 32.81 13.67 -54.47
N ASP N 378 31.95 12.76 -54.03
CA ASP N 378 32.16 11.32 -54.18
C ASP N 378 33.52 10.87 -53.65
N GLU N 379 33.95 11.45 -52.51
CA GLU N 379 35.22 11.05 -51.93
C GLU N 379 35.17 9.61 -51.44
N LEU N 380 34.06 9.20 -50.83
CA LEU N 380 33.91 7.82 -50.39
C LEU N 380 33.97 6.86 -51.58
N GLY N 381 33.31 7.22 -52.67
CA GLY N 381 33.31 6.39 -53.86
C GLY N 381 32.29 6.92 -54.86
N ILE N 382 32.24 6.25 -55.99
CA ILE N 382 31.34 6.63 -57.08
C ILE N 382 29.99 5.95 -56.83
N PRO N 383 28.92 6.71 -56.61
CA PRO N 383 27.60 6.09 -56.38
C PRO N 383 27.11 5.36 -57.62
N LEU N 384 26.32 4.32 -57.37
CA LEU N 384 25.72 3.55 -58.46
C LEU N 384 24.70 4.38 -59.22
#